data_4QNC
# 
_entry.id   4QNC 
# 
_audit_conform.dict_name       mmcif_pdbx.dic 
_audit_conform.dict_version    5.387 
_audit_conform.dict_location   http://mmcif.pdb.org/dictionaries/ascii/mmcif_pdbx.dic 
# 
loop_
_database_2.database_id 
_database_2.database_code 
_database_2.pdbx_database_accession 
_database_2.pdbx_DOI 
PDB   4QNC         pdb_00004qnc 10.2210/pdb4qnc/pdb 
RCSB  RCSB086271   ?            ?                   
WWPDB D_1000086271 ?            ?                   
# 
loop_
_pdbx_audit_revision_history.ordinal 
_pdbx_audit_revision_history.data_content_type 
_pdbx_audit_revision_history.major_revision 
_pdbx_audit_revision_history.minor_revision 
_pdbx_audit_revision_history.revision_date 
1 'Structure model' 1 0 2014-09-10 
2 'Structure model' 1 1 2014-09-17 
3 'Structure model' 1 2 2014-12-17 
4 'Structure model' 1 3 2018-01-24 
5 'Structure model' 1 4 2024-02-28 
# 
_pdbx_audit_revision_details.ordinal             1 
_pdbx_audit_revision_details.revision_ordinal    1 
_pdbx_audit_revision_details.data_content_type   'Structure model' 
_pdbx_audit_revision_details.provider            repository 
_pdbx_audit_revision_details.type                'Initial release' 
_pdbx_audit_revision_details.description         ? 
_pdbx_audit_revision_details.details             ? 
# 
loop_
_pdbx_audit_revision_group.ordinal 
_pdbx_audit_revision_group.revision_ordinal 
_pdbx_audit_revision_group.data_content_type 
_pdbx_audit_revision_group.group 
1 2 'Structure model' 'Database references'  
2 3 'Structure model' 'Database references'  
3 4 'Structure model' 'Structure summary'    
4 5 'Structure model' 'Data collection'      
5 5 'Structure model' 'Database references'  
6 5 'Structure model' 'Derived calculations' 
# 
loop_
_pdbx_audit_revision_category.ordinal 
_pdbx_audit_revision_category.revision_ordinal 
_pdbx_audit_revision_category.data_content_type 
_pdbx_audit_revision_category.category 
1 4 'Structure model' audit_author       
2 5 'Structure model' chem_comp_atom     
3 5 'Structure model' chem_comp_bond     
4 5 'Structure model' database_2         
5 5 'Structure model' struct_ref_seq_dif 
6 5 'Structure model' struct_site        
# 
loop_
_pdbx_audit_revision_item.ordinal 
_pdbx_audit_revision_item.revision_ordinal 
_pdbx_audit_revision_item.data_content_type 
_pdbx_audit_revision_item.item 
1 4 'Structure model' '_audit_author.name'                  
2 5 'Structure model' '_database_2.pdbx_DOI'                
3 5 'Structure model' '_database_2.pdbx_database_accession' 
4 5 'Structure model' '_struct_ref_seq_dif.details'         
5 5 'Structure model' '_struct_site.pdbx_auth_asym_id'      
6 5 'Structure model' '_struct_site.pdbx_auth_comp_id'      
7 5 'Structure model' '_struct_site.pdbx_auth_seq_id'       
# 
_pdbx_database_status.status_code                     REL 
_pdbx_database_status.entry_id                        4QNC 
_pdbx_database_status.recvd_initial_deposition_date   2014-06-17 
_pdbx_database_status.deposit_site                    RCSB 
_pdbx_database_status.process_site                    RCSB 
_pdbx_database_status.status_code_sf                  REL 
_pdbx_database_status.status_code_mr                  ? 
_pdbx_database_status.SG_entry                        ? 
_pdbx_database_status.status_code_cs                  ? 
_pdbx_database_status.methods_development_category    ? 
_pdbx_database_status.pdb_format_compatible           Y 
_pdbx_database_status.status_code_nmr_data            ? 
# 
_pdbx_database_related.db_name        PDB 
_pdbx_database_related.db_id          4QND 
_pdbx_database_related.details        . 
_pdbx_database_related.content_type   unspecified 
# 
loop_
_audit_author.name 
_audit_author.pdbx_ordinal 
_audit_author.identifier_ORCID 
'Yan, X.'    1 ? 
'Yuyong, T.' 2 ? 
'Liang, F.'  3 ? 
'Perry, K.'  4 ? 
# 
_citation.id                        primary 
_citation.title                     'Structures of bacterial homologues of SWEET transporters in two distinct conformations.' 
_citation.journal_abbrev            Nature 
_citation.journal_volume            515 
_citation.page_first                448 
_citation.page_last                 452 
_citation.year                      2014 
_citation.journal_id_ASTM           NATUAS 
_citation.country                   UK 
_citation.journal_id_ISSN           0028-0836 
_citation.journal_id_CSD            0006 
_citation.book_publisher            ? 
_citation.pdbx_database_id_PubMed   25186729 
_citation.pdbx_database_id_DOI      10.1038/nature13670 
# 
loop_
_citation_author.citation_id 
_citation_author.name 
_citation_author.ordinal 
_citation_author.identifier_ORCID 
primary 'Xu, Y.'        1 ? 
primary 'Tao, Y.'       2 ? 
primary 'Cheung, L.S.'  3 ? 
primary 'Fan, C.'       4 ? 
primary 'Chen, L.Q.'    5 ? 
primary 'Xu, S.'        6 ? 
primary 'Perry, K.'     7 ? 
primary 'Frommer, W.B.' 8 ? 
primary 'Feng, L.'      9 ? 
# 
loop_
_entity.id 
_entity.type 
_entity.src_method 
_entity.pdbx_description 
_entity.formula_weight 
_entity.pdbx_number_of_molecules 
_entity.pdbx_ec 
_entity.pdbx_mutation 
_entity.pdbx_fragment 
_entity.details 
1 polymer     man 'chemical transport protein'                     10724.752 2  ? ? ? ? 
2 non-polymer syn '(2R)-2,3-dihydroxypropyl (9Z)-octadec-9-enoate' 356.540   4  ? ? ? ? 
3 non-polymer syn PENTADECANE                                      212.415   4  ? ? ? ? 
4 water       nat water                                            18.015    14 ? ? ? ? 
# 
_entity_poly.entity_id                      1 
_entity_poly.type                           'polypeptide(L)' 
_entity_poly.nstd_linkage                   no 
_entity_poly.nstd_monomer                   no 
_entity_poly.pdbx_seq_one_letter_code       
;MENLIGYVAAFLTTVSFLPQVLRVVMTKQTRDISRNMYIMFFLGVVLWFVYGILRSDLPIILANVVTLFFVTIILYYKLT
EGNQTGSLEVLFQ
;
_entity_poly.pdbx_seq_one_letter_code_can   
;MENLIGYVAAFLTTVSFLPQVLRVVMTKQTRDISRNMYIMFFLGVVLWFVYGILRSDLPIILANVVTLFFVTIILYYKLT
EGNQTGSLEVLFQ
;
_entity_poly.pdbx_strand_id                 A,B 
_entity_poly.pdbx_target_identifier         ? 
# 
loop_
_pdbx_entity_nonpoly.entity_id 
_pdbx_entity_nonpoly.name 
_pdbx_entity_nonpoly.comp_id 
2 '(2R)-2,3-dihydroxypropyl (9Z)-octadec-9-enoate' OLC 
3 PENTADECANE                                      MYS 
4 water                                            HOH 
# 
loop_
_entity_poly_seq.entity_id 
_entity_poly_seq.num 
_entity_poly_seq.mon_id 
_entity_poly_seq.hetero 
1 1  MET n 
1 2  GLU n 
1 3  ASN n 
1 4  LEU n 
1 5  ILE n 
1 6  GLY n 
1 7  TYR n 
1 8  VAL n 
1 9  ALA n 
1 10 ALA n 
1 11 PHE n 
1 12 LEU n 
1 13 THR n 
1 14 THR n 
1 15 VAL n 
1 16 SER n 
1 17 PHE n 
1 18 LEU n 
1 19 PRO n 
1 20 GLN n 
1 21 VAL n 
1 22 LEU n 
1 23 ARG n 
1 24 VAL n 
1 25 VAL n 
1 26 MET n 
1 27 THR n 
1 28 LYS n 
1 29 GLN n 
1 30 THR n 
1 31 ARG n 
1 32 ASP n 
1 33 ILE n 
1 34 SER n 
1 35 ARG n 
1 36 ASN n 
1 37 MET n 
1 38 TYR n 
1 39 ILE n 
1 40 MET n 
1 41 PHE n 
1 42 PHE n 
1 43 LEU n 
1 44 GLY n 
1 45 VAL n 
1 46 VAL n 
1 47 LEU n 
1 48 TRP n 
1 49 PHE n 
1 50 VAL n 
1 51 TYR n 
1 52 GLY n 
1 53 ILE n 
1 54 LEU n 
1 55 ARG n 
1 56 SER n 
1 57 ASP n 
1 58 LEU n 
1 59 PRO n 
1 60 ILE n 
1 61 ILE n 
1 62 LEU n 
1 63 ALA n 
1 64 ASN n 
1 65 VAL n 
1 66 VAL n 
1 67 THR n 
1 68 LEU n 
1 69 PHE n 
1 70 PHE n 
1 71 VAL n 
1 72 THR n 
1 73 ILE n 
1 74 ILE n 
1 75 LEU n 
1 76 TYR n 
1 77 TYR n 
1 78 LYS n 
1 79 LEU n 
1 80 THR n 
1 81 GLU n 
1 82 GLY n 
1 83 ASN n 
1 84 GLN n 
1 85 THR n 
1 86 GLY n 
1 87 SER n 
1 88 LEU n 
1 89 GLU n 
1 90 VAL n 
1 91 LEU n 
1 92 PHE n 
1 93 GLN n 
# 
_entity_src_gen.entity_id                          1 
_entity_src_gen.pdbx_src_id                        1 
_entity_src_gen.pdbx_alt_source_flag               sample 
_entity_src_gen.pdbx_seq_type                      ? 
_entity_src_gen.pdbx_beg_seq_num                   ? 
_entity_src_gen.pdbx_end_seq_num                   ? 
_entity_src_gen.gene_src_common_name               ? 
_entity_src_gen.gene_src_genus                     ? 
_entity_src_gen.pdbx_gene_src_gene                 LEPBI_I1613 
_entity_src_gen.gene_src_species                   ? 
_entity_src_gen.gene_src_strain                    'Patoc 1 / ATCC 23582 / Paris' 
_entity_src_gen.gene_src_tissue                    ? 
_entity_src_gen.gene_src_tissue_fraction           ? 
_entity_src_gen.gene_src_details                   ? 
_entity_src_gen.pdbx_gene_src_fragment             ? 
_entity_src_gen.pdbx_gene_src_scientific_name      'Leptospira biflexa serovar Patoc' 
_entity_src_gen.pdbx_gene_src_ncbi_taxonomy_id     456481 
_entity_src_gen.pdbx_gene_src_variant              ? 
_entity_src_gen.pdbx_gene_src_cell_line            ? 
_entity_src_gen.pdbx_gene_src_atcc                 ? 
_entity_src_gen.pdbx_gene_src_organ                ? 
_entity_src_gen.pdbx_gene_src_organelle            ? 
_entity_src_gen.pdbx_gene_src_cell                 ? 
_entity_src_gen.pdbx_gene_src_cellular_location    ? 
_entity_src_gen.host_org_common_name               ? 
_entity_src_gen.pdbx_host_org_scientific_name      'Escherichia coli' 
_entity_src_gen.pdbx_host_org_ncbi_taxonomy_id     469008 
_entity_src_gen.host_org_genus                     ? 
_entity_src_gen.pdbx_host_org_gene                 ? 
_entity_src_gen.pdbx_host_org_organ                ? 
_entity_src_gen.host_org_species                   ? 
_entity_src_gen.pdbx_host_org_tissue               ? 
_entity_src_gen.pdbx_host_org_tissue_fraction      ? 
_entity_src_gen.pdbx_host_org_strain               'BL21(DE3)' 
_entity_src_gen.pdbx_host_org_variant              ? 
_entity_src_gen.pdbx_host_org_cell_line            ? 
_entity_src_gen.pdbx_host_org_atcc                 ? 
_entity_src_gen.pdbx_host_org_culture_collection   ? 
_entity_src_gen.pdbx_host_org_cell                 ? 
_entity_src_gen.pdbx_host_org_organelle            ? 
_entity_src_gen.pdbx_host_org_cellular_location    ? 
_entity_src_gen.pdbx_host_org_vector_type          ? 
_entity_src_gen.pdbx_host_org_vector               pJexpress411 
_entity_src_gen.host_org_details                   ? 
_entity_src_gen.expression_system_id               ? 
_entity_src_gen.plasmid_name                       ? 
_entity_src_gen.plasmid_details                    ? 
_entity_src_gen.pdbx_description                   ? 
# 
loop_
_chem_comp.id 
_chem_comp.type 
_chem_comp.mon_nstd_flag 
_chem_comp.name 
_chem_comp.pdbx_synonyms 
_chem_comp.formula 
_chem_comp.formula_weight 
ALA 'L-peptide linking' y ALANINE                                          ?                   'C3 H7 N O2'     89.093  
ARG 'L-peptide linking' y ARGININE                                         ?                   'C6 H15 N4 O2 1' 175.209 
ASN 'L-peptide linking' y ASPARAGINE                                       ?                   'C4 H8 N2 O3'    132.118 
ASP 'L-peptide linking' y 'ASPARTIC ACID'                                  ?                   'C4 H7 N O4'     133.103 
GLN 'L-peptide linking' y GLUTAMINE                                        ?                   'C5 H10 N2 O3'   146.144 
GLU 'L-peptide linking' y 'GLUTAMIC ACID'                                  ?                   'C5 H9 N O4'     147.129 
GLY 'peptide linking'   y GLYCINE                                          ?                   'C2 H5 N O2'     75.067  
HOH non-polymer         . WATER                                            ?                   'H2 O'           18.015  
ILE 'L-peptide linking' y ISOLEUCINE                                       ?                   'C6 H13 N O2'    131.173 
LEU 'L-peptide linking' y LEUCINE                                          ?                   'C6 H13 N O2'    131.173 
LYS 'L-peptide linking' y LYSINE                                           ?                   'C6 H15 N2 O2 1' 147.195 
MET 'L-peptide linking' y METHIONINE                                       ?                   'C5 H11 N O2 S'  149.211 
MYS non-polymer         . PENTADECANE                                      ?                   'C15 H32'        212.415 
OLC non-polymer         . '(2R)-2,3-dihydroxypropyl (9Z)-octadec-9-enoate' 1-Oleoyl-R-glycerol 'C21 H40 O4'     356.540 
PHE 'L-peptide linking' y PHENYLALANINE                                    ?                   'C9 H11 N O2'    165.189 
PRO 'L-peptide linking' y PROLINE                                          ?                   'C5 H9 N O2'     115.130 
SER 'L-peptide linking' y SERINE                                           ?                   'C3 H7 N O3'     105.093 
THR 'L-peptide linking' y THREONINE                                        ?                   'C4 H9 N O3'     119.119 
TRP 'L-peptide linking' y TRYPTOPHAN                                       ?                   'C11 H12 N2 O2'  204.225 
TYR 'L-peptide linking' y TYROSINE                                         ?                   'C9 H11 N O3'    181.189 
VAL 'L-peptide linking' y VALINE                                           ?                   'C5 H11 N O2'    117.146 
# 
loop_
_pdbx_poly_seq_scheme.asym_id 
_pdbx_poly_seq_scheme.entity_id 
_pdbx_poly_seq_scheme.seq_id 
_pdbx_poly_seq_scheme.mon_id 
_pdbx_poly_seq_scheme.ndb_seq_num 
_pdbx_poly_seq_scheme.pdb_seq_num 
_pdbx_poly_seq_scheme.auth_seq_num 
_pdbx_poly_seq_scheme.pdb_mon_id 
_pdbx_poly_seq_scheme.auth_mon_id 
_pdbx_poly_seq_scheme.pdb_strand_id 
_pdbx_poly_seq_scheme.pdb_ins_code 
_pdbx_poly_seq_scheme.hetero 
A 1 1  MET 1  1  1  MET MET A . n 
A 1 2  GLU 2  2  2  GLU GLU A . n 
A 1 3  ASN 3  3  3  ASN ASN A . n 
A 1 4  LEU 4  4  4  LEU LEU A . n 
A 1 5  ILE 5  5  5  ILE ILE A . n 
A 1 6  GLY 6  6  6  GLY GLY A . n 
A 1 7  TYR 7  7  7  TYR TYR A . n 
A 1 8  VAL 8  8  8  VAL VAL A . n 
A 1 9  ALA 9  9  9  ALA ALA A . n 
A 1 10 ALA 10 10 10 ALA ALA A . n 
A 1 11 PHE 11 11 11 PHE PHE A . n 
A 1 12 LEU 12 12 12 LEU LEU A . n 
A 1 13 THR 13 13 13 THR THR A . n 
A 1 14 THR 14 14 14 THR THR A . n 
A 1 15 VAL 15 15 15 VAL VAL A . n 
A 1 16 SER 16 16 16 SER SER A . n 
A 1 17 PHE 17 17 17 PHE PHE A . n 
A 1 18 LEU 18 18 18 LEU LEU A . n 
A 1 19 PRO 19 19 19 PRO PRO A . n 
A 1 20 GLN 20 20 20 GLN GLN A . n 
A 1 21 VAL 21 21 21 VAL VAL A . n 
A 1 22 LEU 22 22 22 LEU LEU A . n 
A 1 23 ARG 23 23 23 ARG ARG A . n 
A 1 24 VAL 24 24 24 VAL VAL A . n 
A 1 25 VAL 25 25 25 VAL VAL A . n 
A 1 26 MET 26 26 26 MET MET A . n 
A 1 27 THR 27 27 27 THR THR A . n 
A 1 28 LYS 28 28 28 LYS LYS A . n 
A 1 29 GLN 29 29 29 GLN GLN A . n 
A 1 30 THR 30 30 30 THR THR A . n 
A 1 31 ARG 31 31 31 ARG ARG A . n 
A 1 32 ASP 32 32 32 ASP ASP A . n 
A 1 33 ILE 33 33 33 ILE ILE A . n 
A 1 34 SER 34 34 34 SER SER A . n 
A 1 35 ARG 35 35 35 ARG ARG A . n 
A 1 36 ASN 36 36 36 ASN ASN A . n 
A 1 37 MET 37 37 37 MET MET A . n 
A 1 38 TYR 38 38 38 TYR TYR A . n 
A 1 39 ILE 39 39 39 ILE ILE A . n 
A 1 40 MET 40 40 40 MET MET A . n 
A 1 41 PHE 41 41 41 PHE PHE A . n 
A 1 42 PHE 42 42 42 PHE PHE A . n 
A 1 43 LEU 43 43 43 LEU LEU A . n 
A 1 44 GLY 44 44 44 GLY GLY A . n 
A 1 45 VAL 45 45 45 VAL VAL A . n 
A 1 46 VAL 46 46 46 VAL VAL A . n 
A 1 47 LEU 47 47 47 LEU LEU A . n 
A 1 48 TRP 48 48 48 TRP TRP A . n 
A 1 49 PHE 49 49 49 PHE PHE A . n 
A 1 50 VAL 50 50 50 VAL VAL A . n 
A 1 51 TYR 51 51 51 TYR TYR A . n 
A 1 52 GLY 52 52 52 GLY GLY A . n 
A 1 53 ILE 53 53 53 ILE ILE A . n 
A 1 54 LEU 54 54 54 LEU LEU A . n 
A 1 55 ARG 55 55 55 ARG ARG A . n 
A 1 56 SER 56 56 56 SER SER A . n 
A 1 57 ASP 57 57 57 ASP ASP A . n 
A 1 58 LEU 58 58 58 LEU LEU A . n 
A 1 59 PRO 59 59 59 PRO PRO A . n 
A 1 60 ILE 60 60 60 ILE ILE A . n 
A 1 61 ILE 61 61 61 ILE ILE A . n 
A 1 62 LEU 62 62 62 LEU LEU A . n 
A 1 63 ALA 63 63 63 ALA ALA A . n 
A 1 64 ASN 64 64 64 ASN ASN A . n 
A 1 65 VAL 65 65 65 VAL VAL A . n 
A 1 66 VAL 66 66 66 VAL VAL A . n 
A 1 67 THR 67 67 67 THR THR A . n 
A 1 68 LEU 68 68 68 LEU LEU A . n 
A 1 69 PHE 69 69 69 PHE PHE A . n 
A 1 70 PHE 70 70 70 PHE PHE A . n 
A 1 71 VAL 71 71 71 VAL VAL A . n 
A 1 72 THR 72 72 72 THR THR A . n 
A 1 73 ILE 73 73 73 ILE ILE A . n 
A 1 74 ILE 74 74 74 ILE ILE A . n 
A 1 75 LEU 75 75 75 LEU LEU A . n 
A 1 76 TYR 76 76 76 TYR TYR A . n 
A 1 77 TYR 77 77 77 TYR TYR A . n 
A 1 78 LYS 78 78 78 LYS LYS A . n 
A 1 79 LEU 79 79 79 LEU LEU A . n 
A 1 80 THR 80 80 80 THR THR A . n 
A 1 81 GLU 81 81 81 GLU GLU A . n 
A 1 82 GLY 82 82 ?  ?   ?   A . n 
A 1 83 ASN 83 83 ?  ?   ?   A . n 
A 1 84 GLN 84 84 ?  ?   ?   A . n 
A 1 85 THR 85 85 ?  ?   ?   A . n 
A 1 86 GLY 86 86 ?  ?   ?   A . n 
A 1 87 SER 87 87 ?  ?   ?   A . n 
A 1 88 LEU 88 88 ?  ?   ?   A . n 
A 1 89 GLU 89 89 ?  ?   ?   A . n 
A 1 90 VAL 90 90 ?  ?   ?   A . n 
A 1 91 LEU 91 91 ?  ?   ?   A . n 
A 1 92 PHE 92 92 ?  ?   ?   A . n 
A 1 93 GLN 93 93 ?  ?   ?   A . n 
B 1 1  MET 1  1  1  MET MET B . n 
B 1 2  GLU 2  2  2  GLU GLU B . n 
B 1 3  ASN 3  3  3  ASN ASN B . n 
B 1 4  LEU 4  4  4  LEU LEU B . n 
B 1 5  ILE 5  5  5  ILE ILE B . n 
B 1 6  GLY 6  6  6  GLY GLY B . n 
B 1 7  TYR 7  7  7  TYR TYR B . n 
B 1 8  VAL 8  8  8  VAL VAL B . n 
B 1 9  ALA 9  9  9  ALA ALA B . n 
B 1 10 ALA 10 10 10 ALA ALA B . n 
B 1 11 PHE 11 11 11 PHE PHE B . n 
B 1 12 LEU 12 12 12 LEU LEU B . n 
B 1 13 THR 13 13 13 THR THR B . n 
B 1 14 THR 14 14 14 THR THR B . n 
B 1 15 VAL 15 15 15 VAL VAL B . n 
B 1 16 SER 16 16 16 SER SER B . n 
B 1 17 PHE 17 17 17 PHE PHE B . n 
B 1 18 LEU 18 18 18 LEU LEU B . n 
B 1 19 PRO 19 19 19 PRO PRO B . n 
B 1 20 GLN 20 20 20 GLN GLN B . n 
B 1 21 VAL 21 21 21 VAL VAL B . n 
B 1 22 LEU 22 22 22 LEU LEU B . n 
B 1 23 ARG 23 23 23 ARG ARG B . n 
B 1 24 VAL 24 24 24 VAL VAL B . n 
B 1 25 VAL 25 25 25 VAL VAL B . n 
B 1 26 MET 26 26 26 MET MET B . n 
B 1 27 THR 27 27 27 THR THR B . n 
B 1 28 LYS 28 28 28 LYS LYS B . n 
B 1 29 GLN 29 29 29 GLN GLN B . n 
B 1 30 THR 30 30 30 THR THR B . n 
B 1 31 ARG 31 31 31 ARG ARG B . n 
B 1 32 ASP 32 32 32 ASP ASP B . n 
B 1 33 ILE 33 33 33 ILE ILE B . n 
B 1 34 SER 34 34 34 SER SER B . n 
B 1 35 ARG 35 35 35 ARG ARG B . n 
B 1 36 ASN 36 36 36 ASN ASN B . n 
B 1 37 MET 37 37 37 MET MET B . n 
B 1 38 TYR 38 38 38 TYR TYR B . n 
B 1 39 ILE 39 39 39 ILE ILE B . n 
B 1 40 MET 40 40 40 MET MET B . n 
B 1 41 PHE 41 41 41 PHE PHE B . n 
B 1 42 PHE 42 42 42 PHE PHE B . n 
B 1 43 LEU 43 43 43 LEU LEU B . n 
B 1 44 GLY 44 44 44 GLY GLY B . n 
B 1 45 VAL 45 45 45 VAL VAL B . n 
B 1 46 VAL 46 46 46 VAL VAL B . n 
B 1 47 LEU 47 47 47 LEU LEU B . n 
B 1 48 TRP 48 48 48 TRP TRP B . n 
B 1 49 PHE 49 49 49 PHE PHE B . n 
B 1 50 VAL 50 50 50 VAL VAL B . n 
B 1 51 TYR 51 51 51 TYR TYR B . n 
B 1 52 GLY 52 52 52 GLY GLY B . n 
B 1 53 ILE 53 53 53 ILE ILE B . n 
B 1 54 LEU 54 54 54 LEU LEU B . n 
B 1 55 ARG 55 55 55 ARG ARG B . n 
B 1 56 SER 56 56 56 SER SER B . n 
B 1 57 ASP 57 57 57 ASP ASP B . n 
B 1 58 LEU 58 58 58 LEU LEU B . n 
B 1 59 PRO 59 59 59 PRO PRO B . n 
B 1 60 ILE 60 60 60 ILE ILE B . n 
B 1 61 ILE 61 61 61 ILE ILE B . n 
B 1 62 LEU 62 62 62 LEU LEU B . n 
B 1 63 ALA 63 63 63 ALA ALA B . n 
B 1 64 ASN 64 64 64 ASN ASN B . n 
B 1 65 VAL 65 65 65 VAL VAL B . n 
B 1 66 VAL 66 66 66 VAL VAL B . n 
B 1 67 THR 67 67 67 THR THR B . n 
B 1 68 LEU 68 68 68 LEU LEU B . n 
B 1 69 PHE 69 69 69 PHE PHE B . n 
B 1 70 PHE 70 70 70 PHE PHE B . n 
B 1 71 VAL 71 71 71 VAL VAL B . n 
B 1 72 THR 72 72 72 THR THR B . n 
B 1 73 ILE 73 73 73 ILE ILE B . n 
B 1 74 ILE 74 74 74 ILE ILE B . n 
B 1 75 LEU 75 75 75 LEU LEU B . n 
B 1 76 TYR 76 76 76 TYR TYR B . n 
B 1 77 TYR 77 77 77 TYR TYR B . n 
B 1 78 LYS 78 78 78 LYS LYS B . n 
B 1 79 LEU 79 79 79 LEU LEU B . n 
B 1 80 THR 80 80 80 THR THR B . n 
B 1 81 GLU 81 81 81 GLU GLU B . n 
B 1 82 GLY 82 82 82 GLY GLY B . n 
B 1 83 ASN 83 83 ?  ?   ?   B . n 
B 1 84 GLN 84 84 ?  ?   ?   B . n 
B 1 85 THR 85 85 ?  ?   ?   B . n 
B 1 86 GLY 86 86 ?  ?   ?   B . n 
B 1 87 SER 87 87 ?  ?   ?   B . n 
B 1 88 LEU 88 88 ?  ?   ?   B . n 
B 1 89 GLU 89 89 ?  ?   ?   B . n 
B 1 90 VAL 90 90 ?  ?   ?   B . n 
B 1 91 LEU 91 91 ?  ?   ?   B . n 
B 1 92 PHE 92 92 ?  ?   ?   B . n 
B 1 93 GLN 93 93 ?  ?   ?   B . n 
# 
loop_
_pdbx_nonpoly_scheme.asym_id 
_pdbx_nonpoly_scheme.entity_id 
_pdbx_nonpoly_scheme.mon_id 
_pdbx_nonpoly_scheme.ndb_seq_num 
_pdbx_nonpoly_scheme.pdb_seq_num 
_pdbx_nonpoly_scheme.auth_seq_num 
_pdbx_nonpoly_scheme.pdb_mon_id 
_pdbx_nonpoly_scheme.auth_mon_id 
_pdbx_nonpoly_scheme.pdb_strand_id 
_pdbx_nonpoly_scheme.pdb_ins_code 
C 2 OLC 1 101 724 OLC OLC A . 
D 2 OLC 1 102 726 OLC OLC A . 
E 2 OLC 1 103 727 OLC OLC A . 
F 3 MYS 1 104 718 MYS MYS A . 
G 3 MYS 1 105 721 MYS MYS A . 
H 3 MYS 1 106 722 MYS MYS A . 
I 2 OLC 1 101 725 OLC OLC B . 
J 3 MYS 1 102 720 MYS MYS B . 
K 4 HOH 1 201 3   HOH HOH A . 
K 4 HOH 2 202 5   HOH HOH A . 
K 4 HOH 3 203 6   HOH HOH A . 
K 4 HOH 4 204 10  HOH HOH A . 
K 4 HOH 5 205 11  HOH HOH A . 
K 4 HOH 6 206 13  HOH HOH A . 
L 4 HOH 1 201 1   HOH HOH B . 
L 4 HOH 2 202 4   HOH HOH B . 
L 4 HOH 3 203 8   HOH HOH B . 
L 4 HOH 4 204 9   HOH HOH B . 
L 4 HOH 5 205 12  HOH HOH B . 
L 4 HOH 6 206 14  HOH HOH B . 
L 4 HOH 7 207 15  HOH HOH B . 
L 4 HOH 8 208 16  HOH HOH B . 
# 
loop_
_pdbx_unobs_or_zero_occ_atoms.id 
_pdbx_unobs_or_zero_occ_atoms.PDB_model_num 
_pdbx_unobs_or_zero_occ_atoms.polymer_flag 
_pdbx_unobs_or_zero_occ_atoms.occupancy_flag 
_pdbx_unobs_or_zero_occ_atoms.auth_asym_id 
_pdbx_unobs_or_zero_occ_atoms.auth_comp_id 
_pdbx_unobs_or_zero_occ_atoms.auth_seq_id 
_pdbx_unobs_or_zero_occ_atoms.PDB_ins_code 
_pdbx_unobs_or_zero_occ_atoms.auth_atom_id 
_pdbx_unobs_or_zero_occ_atoms.label_alt_id 
_pdbx_unobs_or_zero_occ_atoms.label_asym_id 
_pdbx_unobs_or_zero_occ_atoms.label_comp_id 
_pdbx_unobs_or_zero_occ_atoms.label_seq_id 
_pdbx_unobs_or_zero_occ_atoms.label_atom_id 
1  1 Y 1 A SER 56  ? OG  ? A SER 56 OG  
2  1 Y 1 B LEU 62  ? CG  ? B LEU 62 CG  
3  1 Y 1 B LEU 62  ? CD1 ? B LEU 62 CD1 
4  1 Y 1 B LEU 62  ? CD2 ? B LEU 62 CD2 
5  1 N 1 A MYS 104 ? C1  ? F MYS 1  C1  
6  1 N 1 A MYS 104 ? C2  ? F MYS 1  C2  
7  1 N 1 A MYS 104 ? C3  ? F MYS 1  C3  
8  1 N 1 A MYS 105 ? C1  ? G MYS 1  C1  
9  1 N 1 A MYS 105 ? C13 ? G MYS 1  C13 
10 1 N 1 A MYS 105 ? C14 ? G MYS 1  C14 
11 1 N 1 A MYS 105 ? C15 ? G MYS 1  C15 
12 1 N 1 A MYS 106 ? C1  ? H MYS 1  C1  
13 1 N 1 A MYS 106 ? C13 ? H MYS 1  C13 
14 1 N 1 A MYS 106 ? C14 ? H MYS 1  C14 
15 1 N 1 A MYS 106 ? C15 ? H MYS 1  C15 
16 1 N 1 B MYS 102 ? C1  ? J MYS 1  C1  
17 1 N 1 B MYS 102 ? C14 ? J MYS 1  C14 
18 1 N 1 B MYS 102 ? C15 ? J MYS 1  C15 
# 
loop_
_software.name 
_software.classification 
_software.version 
_software.citation_id 
_software.pdbx_ordinal 
HKL-2000  'data collection' .                             ? 1 
PHASER    phasing           .                             ? 2 
PHENIX    refinement        '(phenix.refine: 1.8.4_1496)' ? 3 
HKL-2000  'data reduction'  .                             ? 4 
SCALEPACK 'data scaling'    .                             ? 5 
# 
_cell.entry_id           4QNC 
_cell.length_a           36.907 
_cell.length_b           51.833 
_cell.length_c           46.963 
_cell.angle_alpha        90.00 
_cell.angle_beta         94.87 
_cell.angle_gamma        90.00 
_cell.Z_PDB              4 
_cell.pdbx_unique_axis   ? 
_cell.length_a_esd       ? 
_cell.length_b_esd       ? 
_cell.length_c_esd       ? 
_cell.angle_alpha_esd    ? 
_cell.angle_beta_esd     ? 
_cell.angle_gamma_esd    ? 
# 
_symmetry.entry_id                         4QNC 
_symmetry.space_group_name_H-M             'P 1 21 1' 
_symmetry.pdbx_full_space_group_name_H-M   ? 
_symmetry.cell_setting                     ? 
_symmetry.Int_Tables_number                4 
_symmetry.space_group_name_Hall            ? 
# 
_exptl.entry_id          4QNC 
_exptl.method            'X-RAY DIFFRACTION' 
_exptl.crystals_number   11 
# 
_exptl_crystal.id                    1 
_exptl_crystal.density_meas          ? 
_exptl_crystal.density_Matthews      2.09 
_exptl_crystal.density_percent_sol   41.05 
_exptl_crystal.description           ? 
_exptl_crystal.F_000                 ? 
_exptl_crystal.preparation           ? 
# 
_exptl_crystal_grow.crystal_id      1 
_exptl_crystal_grow.method          'lipid cubic phase' 
_exptl_crystal_grow.temp            293 
_exptl_crystal_grow.temp_details    ? 
_exptl_crystal_grow.pH              7.5 
_exptl_crystal_grow.pdbx_pH_range   ? 
_exptl_crystal_grow.pdbx_details    '100mM HEPES pH7.5, 150mM (NH4)2SO4, 10% PEG400, lipid cubic phase, temperature 293K' 
# 
loop_
_diffrn.id 
_diffrn.ambient_temp 
_diffrn.ambient_temp_details 
_diffrn.crystal_id 
1 100 ? 1 
2 ?   ? 1 
# 
loop_
_diffrn_detector.diffrn_id 
_diffrn_detector.detector 
_diffrn_detector.type 
_diffrn_detector.pdbx_collection_date 
_diffrn_detector.details 
1 CCD 'MARMOSAIC 300 mm CCD' 2013-08-16 ? 
2 ?   ?                      ?          ? 
# 
loop_
_diffrn_radiation.diffrn_id 
_diffrn_radiation.wavelength_id 
_diffrn_radiation.pdbx_monochromatic_or_laue_m_l 
_diffrn_radiation.monochromator 
_diffrn_radiation.pdbx_diffrn_protocol 
_diffrn_radiation.pdbx_scattering_type 
1 1 M 'Double crystal cryo-cooled Si(111)' 'SINGLE WAVELENGTH' x-ray 
2 1 ? ?                                    ?                   x-ray 
# 
_diffrn_radiation_wavelength.id           1 
_diffrn_radiation_wavelength.wavelength   0.9794 
_diffrn_radiation_wavelength.wt           1.0 
# 
loop_
_diffrn_source.diffrn_id 
_diffrn_source.source 
_diffrn_source.type 
_diffrn_source.pdbx_synchrotron_site 
_diffrn_source.pdbx_synchrotron_beamline 
_diffrn_source.pdbx_wavelength 
_diffrn_source.pdbx_wavelength_list 
1 SYNCHROTRON 'APS BEAMLINE 23-ID-D' APS 23-ID-D ? 0.9794 
2 SYNCHROTRON 'APS BEAMLINE 23-ID-B' APS 23-ID-B ? 0.9794 
# 
_reflns.pdbx_diffrn_id               1 
_reflns.pdbx_ordinal                 1 
_reflns.entry_id                     4QNC 
_reflns.observed_criterion_sigma_I   -3 
_reflns.observed_criterion_sigma_F   0 
_reflns.d_resolution_low             50 
_reflns.d_resolution_high            2.388 
_reflns.number_obs                   ? 
_reflns.number_all                   ? 
_reflns.percent_possible_obs         95.5 
_reflns.pdbx_Rmerge_I_obs            0.203 
_reflns.pdbx_Rsym_value              0.203 
_reflns.pdbx_netI_over_sigmaI        11.1 
_reflns.B_iso_Wilson_estimate        ? 
_reflns.pdbx_redundancy              8.0 
_reflns.R_free_details               ? 
_reflns.limit_h_max                  ? 
_reflns.limit_h_min                  ? 
_reflns.limit_k_max                  ? 
_reflns.limit_k_min                  ? 
_reflns.limit_l_max                  ? 
_reflns.limit_l_min                  ? 
_reflns.observed_criterion_F_max     ? 
_reflns.observed_criterion_F_min     ? 
_reflns.pdbx_chi_squared             ? 
_reflns.pdbx_scaling_rejects         ? 
# 
_reflns_shell.pdbx_diffrn_id         1 
_reflns_shell.pdbx_ordinal           1 
_reflns_shell.d_res_high             2.40 
_reflns_shell.d_res_low              2.44 
_reflns_shell.percent_possible_all   79.4 
_reflns_shell.Rmerge_I_obs           0.556 
_reflns_shell.pdbx_Rsym_value        0.556 
_reflns_shell.meanI_over_sigI_obs    2.0 
_reflns_shell.pdbx_redundancy        2.3 
_reflns_shell.percent_possible_obs   ? 
_reflns_shell.number_unique_all      ? 
_reflns_shell.number_measured_all    ? 
_reflns_shell.number_measured_obs    ? 
_reflns_shell.number_unique_obs      ? 
_reflns_shell.pdbx_chi_squared       ? 
# 
_refine.pdbx_refine_id                           'X-RAY DIFFRACTION' 
_refine.entry_id                                 4QNC 
_refine.pdbx_diffrn_id                           1 
_refine.pdbx_TLS_residual_ADP_flag               ? 
_refine.ls_number_reflns_obs                     6684 
_refine.ls_number_reflns_all                     6683 
_refine.pdbx_ls_sigma_I                          ? 
_refine.pdbx_ls_sigma_F                          1.36 
_refine.pdbx_data_cutoff_high_absF               ? 
_refine.pdbx_data_cutoff_low_absF                ? 
_refine.pdbx_data_cutoff_high_rms_absF           ? 
_refine.ls_d_res_low                             36.774 
_refine.ls_d_res_high                            2.388 
_refine.ls_percent_reflns_obs                    93.84 
_refine.ls_R_factor_obs                          0.2666 
_refine.ls_R_factor_all                          ? 
_refine.ls_R_factor_R_work                       0.2662 
_refine.ls_R_factor_R_free                       0.2758 
_refine.ls_R_factor_R_free_error                 ? 
_refine.ls_R_factor_R_free_error_details         ? 
_refine.ls_percent_reflns_R_free                 4.64 
_refine.ls_number_reflns_R_free                  310 
_refine.ls_number_parameters                     ? 
_refine.ls_number_restraints                     ? 
_refine.occupancy_min                            ? 
_refine.occupancy_max                            ? 
_refine.correlation_coeff_Fo_to_Fc               ? 
_refine.correlation_coeff_Fo_to_Fc_free          ? 
_refine.B_iso_mean                               ? 
_refine.aniso_B[1][1]                            ? 
_refine.aniso_B[2][2]                            ? 
_refine.aniso_B[3][3]                            ? 
_refine.aniso_B[1][2]                            ? 
_refine.aniso_B[1][3]                            ? 
_refine.aniso_B[2][3]                            ? 
_refine.solvent_model_details                    'FLAT BULK SOLVENT MODEL' 
_refine.solvent_model_param_ksol                 ? 
_refine.solvent_model_param_bsol                 ? 
_refine.pdbx_solvent_vdw_probe_radii             1.11 
_refine.pdbx_solvent_ion_probe_radii             ? 
_refine.pdbx_solvent_shrinkage_radii             0.90 
_refine.pdbx_ls_cross_valid_method               ? 
_refine.details                                  ? 
_refine.pdbx_starting_model                      ? 
_refine.pdbx_method_to_determine_struct          'MOLECULAR REPLACEMENT' 
_refine.pdbx_isotropic_thermal_model             ? 
_refine.pdbx_stereochemistry_target_values       ML 
_refine.pdbx_stereochem_target_val_spec_case     ? 
_refine.pdbx_R_Free_selection_details            ? 
_refine.pdbx_overall_ESU_R                       ? 
_refine.pdbx_overall_ESU_R_Free                  ? 
_refine.overall_SU_ML                            0.36 
_refine.pdbx_overall_phase_error                 32.42 
_refine.overall_SU_B                             ? 
_refine.overall_SU_R_Cruickshank_DPI             ? 
_refine.pdbx_overall_SU_R_free_Cruickshank_DPI   ? 
_refine.pdbx_overall_SU_R_Blow_DPI               ? 
_refine.pdbx_overall_SU_R_free_Blow_DPI          ? 
_refine.ls_redundancy_reflns_obs                 ? 
_refine.B_iso_min                                ? 
_refine.B_iso_max                                ? 
_refine.overall_SU_R_free                        ? 
_refine.ls_wR_factor_R_free                      ? 
_refine.ls_wR_factor_R_work                      ? 
_refine.overall_FOM_free_R_set                   ? 
_refine.overall_FOM_work_R_set                   ? 
# 
_refine_hist.pdbx_refine_id                   'X-RAY DIFFRACTION' 
_refine_hist.cycle_id                         LAST 
_refine_hist.pdbx_number_atoms_protein        1332 
_refine_hist.pdbx_number_atoms_nucleic_acid   0 
_refine_hist.pdbx_number_atoms_ligand         146 
_refine_hist.number_atoms_solvent             14 
_refine_hist.number_atoms_total               1492 
_refine_hist.d_res_high                       2.388 
_refine_hist.d_res_low                        36.774 
# 
loop_
_refine_ls_restr.type 
_refine_ls_restr.dev_ideal 
_refine_ls_restr.dev_ideal_target 
_refine_ls_restr.weight 
_refine_ls_restr.number 
_refine_ls_restr.pdbx_refine_id 
_refine_ls_restr.pdbx_restraint_function 
f_bond_d           0.005  ? ? 1500 'X-RAY DIFFRACTION' ? 
f_angle_d          0.975  ? ? 1992 'X-RAY DIFFRACTION' ? 
f_dihedral_angle_d 22.176 ? ? 608  'X-RAY DIFFRACTION' ? 
f_chiral_restr     0.046  ? ? 231  'X-RAY DIFFRACTION' ? 
f_plane_restr      0.005  ? ? 217  'X-RAY DIFFRACTION' ? 
# 
loop_
_refine_ls_shell.pdbx_refine_id 
_refine_ls_shell.pdbx_total_number_of_bins_used 
_refine_ls_shell.d_res_high 
_refine_ls_shell.d_res_low 
_refine_ls_shell.number_reflns_R_work 
_refine_ls_shell.R_factor_R_work 
_refine_ls_shell.percent_reflns_obs 
_refine_ls_shell.R_factor_R_free 
_refine_ls_shell.R_factor_R_free_error 
_refine_ls_shell.percent_reflns_R_free 
_refine_ls_shell.number_reflns_R_free 
_refine_ls_shell.number_reflns_all 
_refine_ls_shell.R_factor_all 
_refine_ls_shell.redundancy_reflns_obs 
_refine_ls_shell.number_reflns_obs 
'X-RAY DIFFRACTION' . 2.3880 3.0084  3034 0.2924 91.00 0.3335 . . 158 . . . . 
'X-RAY DIFFRACTION' . 3.0084 36.7782 3340 0.2577 97.00 0.2527 . . 152 . . . . 
# 
_struct.entry_id                  4QNC 
_struct.title                     'Crystal structure of a SemiSWEET in an occluded state' 
_struct.pdbx_model_details        ? 
_struct.pdbx_CASP_flag            ? 
_struct.pdbx_model_type_details   ? 
# 
_struct_keywords.entry_id        4QNC 
_struct_keywords.pdbx_keywords   'MEMBRANE PROTEIN' 
_struct_keywords.text            'Membrane protein, transporter' 
# 
loop_
_struct_asym.id 
_struct_asym.pdbx_blank_PDB_chainid_flag 
_struct_asym.pdbx_modified 
_struct_asym.entity_id 
_struct_asym.details 
A N N 1 ? 
B N N 1 ? 
C N N 2 ? 
D N N 2 ? 
E N N 2 ? 
F N N 3 ? 
G N N 3 ? 
H N N 3 ? 
I N N 2 ? 
J N N 3 ? 
K N N 4 ? 
L N N 4 ? 
# 
_struct_ref.id                         1 
_struct_ref.db_name                    UNP 
_struct_ref.db_code                    B0SR19_LEPBP 
_struct_ref.pdbx_db_accession          B0SR19 
_struct_ref.entity_id                  1 
_struct_ref.pdbx_seq_one_letter_code   
;MENLIGYVAAFLTTVSFLPQVLRVVMTKQTRDISRNMYIMFFLGVVLWFVYGILRSDLPIILANVVTLFFVTIILYYKLT
EGNQT
;
_struct_ref.pdbx_align_begin           1 
_struct_ref.pdbx_db_isoform            ? 
# 
loop_
_struct_ref_seq.align_id 
_struct_ref_seq.ref_id 
_struct_ref_seq.pdbx_PDB_id_code 
_struct_ref_seq.pdbx_strand_id 
_struct_ref_seq.seq_align_beg 
_struct_ref_seq.pdbx_seq_align_beg_ins_code 
_struct_ref_seq.seq_align_end 
_struct_ref_seq.pdbx_seq_align_end_ins_code 
_struct_ref_seq.pdbx_db_accession 
_struct_ref_seq.db_align_beg 
_struct_ref_seq.pdbx_db_align_beg_ins_code 
_struct_ref_seq.db_align_end 
_struct_ref_seq.pdbx_db_align_end_ins_code 
_struct_ref_seq.pdbx_auth_seq_align_beg 
_struct_ref_seq.pdbx_auth_seq_align_end 
1 1 4QNC A 1 ? 85 ? B0SR19 1 ? 85 ? 1 85 
2 1 4QNC B 1 ? 85 ? B0SR19 1 ? 85 ? 1 85 
# 
loop_
_struct_ref_seq_dif.align_id 
_struct_ref_seq_dif.pdbx_pdb_id_code 
_struct_ref_seq_dif.mon_id 
_struct_ref_seq_dif.pdbx_pdb_strand_id 
_struct_ref_seq_dif.seq_num 
_struct_ref_seq_dif.pdbx_pdb_ins_code 
_struct_ref_seq_dif.pdbx_seq_db_name 
_struct_ref_seq_dif.pdbx_seq_db_accession_code 
_struct_ref_seq_dif.db_mon_id 
_struct_ref_seq_dif.pdbx_seq_db_seq_num 
_struct_ref_seq_dif.details 
_struct_ref_seq_dif.pdbx_auth_seq_num 
_struct_ref_seq_dif.pdbx_ordinal 
1 4QNC GLY A 86 ? UNP B0SR19 ? ? 'expression tag' 86 1  
1 4QNC SER A 87 ? UNP B0SR19 ? ? 'expression tag' 87 2  
1 4QNC LEU A 88 ? UNP B0SR19 ? ? 'expression tag' 88 3  
1 4QNC GLU A 89 ? UNP B0SR19 ? ? 'expression tag' 89 4  
1 4QNC VAL A 90 ? UNP B0SR19 ? ? 'expression tag' 90 5  
1 4QNC LEU A 91 ? UNP B0SR19 ? ? 'expression tag' 91 6  
1 4QNC PHE A 92 ? UNP B0SR19 ? ? 'expression tag' 92 7  
1 4QNC GLN A 93 ? UNP B0SR19 ? ? 'expression tag' 93 8  
2 4QNC GLY B 86 ? UNP B0SR19 ? ? 'expression tag' 86 9  
2 4QNC SER B 87 ? UNP B0SR19 ? ? 'expression tag' 87 10 
2 4QNC LEU B 88 ? UNP B0SR19 ? ? 'expression tag' 88 11 
2 4QNC GLU B 89 ? UNP B0SR19 ? ? 'expression tag' 89 12 
2 4QNC VAL B 90 ? UNP B0SR19 ? ? 'expression tag' 90 13 
2 4QNC LEU B 91 ? UNP B0SR19 ? ? 'expression tag' 91 14 
2 4QNC PHE B 92 ? UNP B0SR19 ? ? 'expression tag' 92 15 
2 4QNC GLN B 93 ? UNP B0SR19 ? ? 'expression tag' 93 16 
# 
_pdbx_struct_assembly.id                   1 
_pdbx_struct_assembly.details              author_and_software_defined_assembly 
_pdbx_struct_assembly.method_details       PISA 
_pdbx_struct_assembly.oligomeric_details   dimeric 
_pdbx_struct_assembly.oligomeric_count     2 
# 
loop_
_pdbx_struct_assembly_prop.biol_id 
_pdbx_struct_assembly_prop.type 
_pdbx_struct_assembly_prop.value 
_pdbx_struct_assembly_prop.details 
1 'ABSA (A^2)' 5070 ? 
1 MORE         -32  ? 
1 'SSA (A^2)'  9750 ? 
# 
_pdbx_struct_assembly_gen.assembly_id       1 
_pdbx_struct_assembly_gen.oper_expression   1 
_pdbx_struct_assembly_gen.asym_id_list      A,B,C,D,E,F,G,H,I,J,K,L 
# 
_pdbx_struct_oper_list.id                   1 
_pdbx_struct_oper_list.type                 'identity operation' 
_pdbx_struct_oper_list.name                 1_555 
_pdbx_struct_oper_list.symmetry_operation   x,y,z 
_pdbx_struct_oper_list.matrix[1][1]         1.0000000000 
_pdbx_struct_oper_list.matrix[1][2]         0.0000000000 
_pdbx_struct_oper_list.matrix[1][3]         0.0000000000 
_pdbx_struct_oper_list.vector[1]            0.0000000000 
_pdbx_struct_oper_list.matrix[2][1]         0.0000000000 
_pdbx_struct_oper_list.matrix[2][2]         1.0000000000 
_pdbx_struct_oper_list.matrix[2][3]         0.0000000000 
_pdbx_struct_oper_list.vector[2]            0.0000000000 
_pdbx_struct_oper_list.matrix[3][1]         0.0000000000 
_pdbx_struct_oper_list.matrix[3][2]         0.0000000000 
_pdbx_struct_oper_list.matrix[3][3]         1.0000000000 
_pdbx_struct_oper_list.vector[3]            0.0000000000 
# 
loop_
_struct_conf.conf_type_id 
_struct_conf.id 
_struct_conf.pdbx_PDB_helix_id 
_struct_conf.beg_label_comp_id 
_struct_conf.beg_label_asym_id 
_struct_conf.beg_label_seq_id 
_struct_conf.pdbx_beg_PDB_ins_code 
_struct_conf.end_label_comp_id 
_struct_conf.end_label_asym_id 
_struct_conf.end_label_seq_id 
_struct_conf.pdbx_end_PDB_ins_code 
_struct_conf.beg_auth_comp_id 
_struct_conf.beg_auth_asym_id 
_struct_conf.beg_auth_seq_id 
_struct_conf.end_auth_comp_id 
_struct_conf.end_auth_asym_id 
_struct_conf.end_auth_seq_id 
_struct_conf.pdbx_PDB_helix_class 
_struct_conf.details 
_struct_conf.pdbx_PDB_helix_length 
HELX_P HELX_P1 1 MET A 1  ? SER A 16 ? MET A 1  SER A 16 1 ? 16 
HELX_P HELX_P2 2 SER A 16 ? LYS A 28 ? SER A 16 LYS A 28 1 ? 13 
HELX_P HELX_P3 3 SER A 34 ? SER A 56 ? SER A 34 SER A 56 1 ? 23 
HELX_P HELX_P4 4 ASP A 57 ? THR A 80 ? ASP A 57 THR A 80 1 ? 24 
HELX_P HELX_P5 5 GLU B 2  ? SER B 16 ? GLU B 2  SER B 16 1 ? 15 
HELX_P HELX_P6 6 SER B 16 ? LYS B 28 ? SER B 16 LYS B 28 1 ? 13 
HELX_P HELX_P7 7 SER B 34 ? SER B 56 ? SER B 34 SER B 56 1 ? 23 
HELX_P HELX_P8 8 ASP B 57 ? THR B 80 ? ASP B 57 THR B 80 1 ? 24 
# 
_struct_conf_type.id          HELX_P 
_struct_conf_type.criteria    ? 
_struct_conf_type.reference   ? 
# 
loop_
_struct_site.id 
_struct_site.pdbx_evidence_code 
_struct_site.pdbx_auth_asym_id 
_struct_site.pdbx_auth_comp_id 
_struct_site.pdbx_auth_seq_id 
_struct_site.pdbx_auth_ins_code 
_struct_site.pdbx_num_residues 
_struct_site.details 
AC1 Software A OLC 101 ? 5 'BINDING SITE FOR RESIDUE OLC A 101' 
AC2 Software A OLC 102 ? 6 'BINDING SITE FOR RESIDUE OLC A 102' 
AC3 Software A OLC 103 ? 5 'BINDING SITE FOR RESIDUE OLC A 103' 
AC4 Software A MYS 104 ? 1 'BINDING SITE FOR RESIDUE MYS A 104' 
AC5 Software A MYS 105 ? 2 'BINDING SITE FOR RESIDUE MYS A 105' 
AC6 Software B OLC 101 ? 4 'BINDING SITE FOR RESIDUE OLC B 101' 
AC7 Software B MYS 102 ? 3 'BINDING SITE FOR RESIDUE MYS B 102' 
# 
loop_
_struct_site_gen.id 
_struct_site_gen.site_id 
_struct_site_gen.pdbx_num_res 
_struct_site_gen.label_comp_id 
_struct_site_gen.label_asym_id 
_struct_site_gen.label_seq_id 
_struct_site_gen.pdbx_auth_ins_code 
_struct_site_gen.auth_comp_id 
_struct_site_gen.auth_asym_id 
_struct_site_gen.auth_seq_id 
_struct_site_gen.label_atom_id 
_struct_site_gen.label_alt_id 
_struct_site_gen.symmetry 
_struct_site_gen.details 
1  AC1 5 SER A 34 ? SER A 34  . ? 1_555 ? 
2  AC1 5 ARG A 35 ? ARG A 35  . ? 1_555 ? 
3  AC1 5 ASN A 36 ? ASN A 36  . ? 1_555 ? 
4  AC1 5 HOH K .  ? HOH A 206 . ? 1_555 ? 
5  AC1 5 MET B 26 ? MET B 26  . ? 1_555 ? 
6  AC2 6 LEU A 68 ? LEU A 68  . ? 1_555 ? 
7  AC2 6 PHE A 69 ? PHE A 69  . ? 1_555 ? 
8  AC2 6 THR A 72 ? THR A 72  . ? 1_555 ? 
9  AC2 6 ILE A 73 ? ILE A 73  . ? 1_555 ? 
10 AC2 6 TYR A 77 ? TYR A 77  . ? 1_555 ? 
11 AC2 6 OLC E .  ? OLC A 103 . ? 1_555 ? 
12 AC3 5 TYR A 76 ? TYR A 76  . ? 1_555 ? 
13 AC3 5 LEU A 79 ? LEU A 79  . ? 1_555 ? 
14 AC3 5 THR A 80 ? THR A 80  . ? 1_555 ? 
15 AC3 5 OLC D .  ? OLC A 102 . ? 1_555 ? 
16 AC3 5 THR B 80 ? THR B 80  . ? 1_455 ? 
17 AC4 1 PHE A 11 ? PHE A 11  . ? 1_555 ? 
18 AC5 2 VAL A 50 ? VAL A 50  . ? 1_555 ? 
19 AC5 2 MYS J .  ? MYS B 102 . ? 1_455 ? 
20 AC6 4 SER B 34 ? SER B 34  . ? 1_555 ? 
21 AC6 4 ARG B 35 ? ARG B 35  . ? 1_555 ? 
22 AC6 4 ASN B 36 ? ASN B 36  . ? 1_555 ? 
23 AC6 4 HOH L .  ? HOH B 203 . ? 1_555 ? 
24 AC7 3 MYS G .  ? MYS A 105 . ? 1_655 ? 
25 AC7 3 VAL B 46 ? VAL B 46  . ? 1_555 ? 
26 AC7 3 VAL B 50 ? VAL B 50  . ? 1_555 ? 
# 
loop_
_pdbx_unobs_or_zero_occ_residues.id 
_pdbx_unobs_or_zero_occ_residues.PDB_model_num 
_pdbx_unobs_or_zero_occ_residues.polymer_flag 
_pdbx_unobs_or_zero_occ_residues.occupancy_flag 
_pdbx_unobs_or_zero_occ_residues.auth_asym_id 
_pdbx_unobs_or_zero_occ_residues.auth_comp_id 
_pdbx_unobs_or_zero_occ_residues.auth_seq_id 
_pdbx_unobs_or_zero_occ_residues.PDB_ins_code 
_pdbx_unobs_or_zero_occ_residues.label_asym_id 
_pdbx_unobs_or_zero_occ_residues.label_comp_id 
_pdbx_unobs_or_zero_occ_residues.label_seq_id 
1  1 Y 1 A GLY 82 ? A GLY 82 
2  1 Y 1 A ASN 83 ? A ASN 83 
3  1 Y 1 A GLN 84 ? A GLN 84 
4  1 Y 1 A THR 85 ? A THR 85 
5  1 Y 1 A GLY 86 ? A GLY 86 
6  1 Y 1 A SER 87 ? A SER 87 
7  1 Y 1 A LEU 88 ? A LEU 88 
8  1 Y 1 A GLU 89 ? A GLU 89 
9  1 Y 1 A VAL 90 ? A VAL 90 
10 1 Y 1 A LEU 91 ? A LEU 91 
11 1 Y 1 A PHE 92 ? A PHE 92 
12 1 Y 1 A GLN 93 ? A GLN 93 
13 1 Y 1 B ASN 83 ? B ASN 83 
14 1 Y 1 B GLN 84 ? B GLN 84 
15 1 Y 1 B THR 85 ? B THR 85 
16 1 Y 1 B GLY 86 ? B GLY 86 
17 1 Y 1 B SER 87 ? B SER 87 
18 1 Y 1 B LEU 88 ? B LEU 88 
19 1 Y 1 B GLU 89 ? B GLU 89 
20 1 Y 1 B VAL 90 ? B VAL 90 
21 1 Y 1 B LEU 91 ? B LEU 91 
22 1 Y 1 B PHE 92 ? B PHE 92 
23 1 Y 1 B GLN 93 ? B GLN 93 
# 
loop_
_chem_comp_atom.comp_id 
_chem_comp_atom.atom_id 
_chem_comp_atom.type_symbol 
_chem_comp_atom.pdbx_aromatic_flag 
_chem_comp_atom.pdbx_stereo_config 
_chem_comp_atom.pdbx_ordinal 
ALA N    N N N 1   
ALA CA   C N S 2   
ALA C    C N N 3   
ALA O    O N N 4   
ALA CB   C N N 5   
ALA OXT  O N N 6   
ALA H    H N N 7   
ALA H2   H N N 8   
ALA HA   H N N 9   
ALA HB1  H N N 10  
ALA HB2  H N N 11  
ALA HB3  H N N 12  
ALA HXT  H N N 13  
ARG N    N N N 14  
ARG CA   C N S 15  
ARG C    C N N 16  
ARG O    O N N 17  
ARG CB   C N N 18  
ARG CG   C N N 19  
ARG CD   C N N 20  
ARG NE   N N N 21  
ARG CZ   C N N 22  
ARG NH1  N N N 23  
ARG NH2  N N N 24  
ARG OXT  O N N 25  
ARG H    H N N 26  
ARG H2   H N N 27  
ARG HA   H N N 28  
ARG HB2  H N N 29  
ARG HB3  H N N 30  
ARG HG2  H N N 31  
ARG HG3  H N N 32  
ARG HD2  H N N 33  
ARG HD3  H N N 34  
ARG HE   H N N 35  
ARG HH11 H N N 36  
ARG HH12 H N N 37  
ARG HH21 H N N 38  
ARG HH22 H N N 39  
ARG HXT  H N N 40  
ASN N    N N N 41  
ASN CA   C N S 42  
ASN C    C N N 43  
ASN O    O N N 44  
ASN CB   C N N 45  
ASN CG   C N N 46  
ASN OD1  O N N 47  
ASN ND2  N N N 48  
ASN OXT  O N N 49  
ASN H    H N N 50  
ASN H2   H N N 51  
ASN HA   H N N 52  
ASN HB2  H N N 53  
ASN HB3  H N N 54  
ASN HD21 H N N 55  
ASN HD22 H N N 56  
ASN HXT  H N N 57  
ASP N    N N N 58  
ASP CA   C N S 59  
ASP C    C N N 60  
ASP O    O N N 61  
ASP CB   C N N 62  
ASP CG   C N N 63  
ASP OD1  O N N 64  
ASP OD2  O N N 65  
ASP OXT  O N N 66  
ASP H    H N N 67  
ASP H2   H N N 68  
ASP HA   H N N 69  
ASP HB2  H N N 70  
ASP HB3  H N N 71  
ASP HD2  H N N 72  
ASP HXT  H N N 73  
GLN N    N N N 74  
GLN CA   C N S 75  
GLN C    C N N 76  
GLN O    O N N 77  
GLN CB   C N N 78  
GLN CG   C N N 79  
GLN CD   C N N 80  
GLN OE1  O N N 81  
GLN NE2  N N N 82  
GLN OXT  O N N 83  
GLN H    H N N 84  
GLN H2   H N N 85  
GLN HA   H N N 86  
GLN HB2  H N N 87  
GLN HB3  H N N 88  
GLN HG2  H N N 89  
GLN HG3  H N N 90  
GLN HE21 H N N 91  
GLN HE22 H N N 92  
GLN HXT  H N N 93  
GLU N    N N N 94  
GLU CA   C N S 95  
GLU C    C N N 96  
GLU O    O N N 97  
GLU CB   C N N 98  
GLU CG   C N N 99  
GLU CD   C N N 100 
GLU OE1  O N N 101 
GLU OE2  O N N 102 
GLU OXT  O N N 103 
GLU H    H N N 104 
GLU H2   H N N 105 
GLU HA   H N N 106 
GLU HB2  H N N 107 
GLU HB3  H N N 108 
GLU HG2  H N N 109 
GLU HG3  H N N 110 
GLU HE2  H N N 111 
GLU HXT  H N N 112 
GLY N    N N N 113 
GLY CA   C N N 114 
GLY C    C N N 115 
GLY O    O N N 116 
GLY OXT  O N N 117 
GLY H    H N N 118 
GLY H2   H N N 119 
GLY HA2  H N N 120 
GLY HA3  H N N 121 
GLY HXT  H N N 122 
HOH O    O N N 123 
HOH H1   H N N 124 
HOH H2   H N N 125 
ILE N    N N N 126 
ILE CA   C N S 127 
ILE C    C N N 128 
ILE O    O N N 129 
ILE CB   C N S 130 
ILE CG1  C N N 131 
ILE CG2  C N N 132 
ILE CD1  C N N 133 
ILE OXT  O N N 134 
ILE H    H N N 135 
ILE H2   H N N 136 
ILE HA   H N N 137 
ILE HB   H N N 138 
ILE HG12 H N N 139 
ILE HG13 H N N 140 
ILE HG21 H N N 141 
ILE HG22 H N N 142 
ILE HG23 H N N 143 
ILE HD11 H N N 144 
ILE HD12 H N N 145 
ILE HD13 H N N 146 
ILE HXT  H N N 147 
LEU N    N N N 148 
LEU CA   C N S 149 
LEU C    C N N 150 
LEU O    O N N 151 
LEU CB   C N N 152 
LEU CG   C N N 153 
LEU CD1  C N N 154 
LEU CD2  C N N 155 
LEU OXT  O N N 156 
LEU H    H N N 157 
LEU H2   H N N 158 
LEU HA   H N N 159 
LEU HB2  H N N 160 
LEU HB3  H N N 161 
LEU HG   H N N 162 
LEU HD11 H N N 163 
LEU HD12 H N N 164 
LEU HD13 H N N 165 
LEU HD21 H N N 166 
LEU HD22 H N N 167 
LEU HD23 H N N 168 
LEU HXT  H N N 169 
LYS N    N N N 170 
LYS CA   C N S 171 
LYS C    C N N 172 
LYS O    O N N 173 
LYS CB   C N N 174 
LYS CG   C N N 175 
LYS CD   C N N 176 
LYS CE   C N N 177 
LYS NZ   N N N 178 
LYS OXT  O N N 179 
LYS H    H N N 180 
LYS H2   H N N 181 
LYS HA   H N N 182 
LYS HB2  H N N 183 
LYS HB3  H N N 184 
LYS HG2  H N N 185 
LYS HG3  H N N 186 
LYS HD2  H N N 187 
LYS HD3  H N N 188 
LYS HE2  H N N 189 
LYS HE3  H N N 190 
LYS HZ1  H N N 191 
LYS HZ2  H N N 192 
LYS HZ3  H N N 193 
LYS HXT  H N N 194 
MET N    N N N 195 
MET CA   C N S 196 
MET C    C N N 197 
MET O    O N N 198 
MET CB   C N N 199 
MET CG   C N N 200 
MET SD   S N N 201 
MET CE   C N N 202 
MET OXT  O N N 203 
MET H    H N N 204 
MET H2   H N N 205 
MET HA   H N N 206 
MET HB2  H N N 207 
MET HB3  H N N 208 
MET HG2  H N N 209 
MET HG3  H N N 210 
MET HE1  H N N 211 
MET HE2  H N N 212 
MET HE3  H N N 213 
MET HXT  H N N 214 
MYS C1   C N N 215 
MYS C2   C N N 216 
MYS C3   C N N 217 
MYS C4   C N N 218 
MYS C5   C N N 219 
MYS C6   C N N 220 
MYS C7   C N N 221 
MYS C8   C N N 222 
MYS C9   C N N 223 
MYS C10  C N N 224 
MYS C11  C N N 225 
MYS C12  C N N 226 
MYS C13  C N N 227 
MYS C14  C N N 228 
MYS C15  C N N 229 
MYS H11  H N N 230 
MYS H12  H N N 231 
MYS H13  H N N 232 
MYS H21  H N N 233 
MYS H22  H N N 234 
MYS H31  H N N 235 
MYS H32  H N N 236 
MYS H41  H N N 237 
MYS H42  H N N 238 
MYS H51  H N N 239 
MYS H52  H N N 240 
MYS H61  H N N 241 
MYS H62  H N N 242 
MYS H71  H N N 243 
MYS H72  H N N 244 
MYS H81  H N N 245 
MYS H82  H N N 246 
MYS H91  H N N 247 
MYS H92  H N N 248 
MYS H101 H N N 249 
MYS H102 H N N 250 
MYS H111 H N N 251 
MYS H112 H N N 252 
MYS H121 H N N 253 
MYS H122 H N N 254 
MYS H131 H N N 255 
MYS H132 H N N 256 
MYS H141 H N N 257 
MYS H142 H N N 258 
MYS H151 H N N 259 
MYS H152 H N N 260 
MYS H153 H N N 261 
OLC C18  C N N 262 
OLC C10  C N N 263 
OLC C9   C N N 264 
OLC C17  C N N 265 
OLC C11  C N N 266 
OLC C8   C N N 267 
OLC C24  C N N 268 
OLC C16  C N N 269 
OLC C12  C N N 270 
OLC C7   C N N 271 
OLC C15  C N N 272 
OLC C13  C N N 273 
OLC C6   C N N 274 
OLC C14  C N N 275 
OLC C5   C N N 276 
OLC C4   C N N 277 
OLC C3   C N N 278 
OLC C2   C N N 279 
OLC C21  C N N 280 
OLC C1   C N N 281 
OLC C22  C N R 282 
OLC O19  O N N 283 
OLC O25  O N N 284 
OLC O23  O N N 285 
OLC O20  O N N 286 
OLC H18  H N N 287 
OLC H18A H N N 288 
OLC H18B H N N 289 
OLC H10  H N N 290 
OLC H9   H N N 291 
OLC H17  H N N 292 
OLC H17A H N N 293 
OLC H11  H N N 294 
OLC H11A H N N 295 
OLC H8   H N N 296 
OLC H8A  H N N 297 
OLC H24  H N N 298 
OLC H24A H N N 299 
OLC H16  H N N 300 
OLC H16A H N N 301 
OLC H12  H N N 302 
OLC H12A H N N 303 
OLC H7   H N N 304 
OLC H7A  H N N 305 
OLC H15  H N N 306 
OLC H15A H N N 307 
OLC H13  H N N 308 
OLC H13A H N N 309 
OLC H6   H N N 310 
OLC H6A  H N N 311 
OLC H14  H N N 312 
OLC H14A H N N 313 
OLC H5   H N N 314 
OLC H5A  H N N 315 
OLC H4   H N N 316 
OLC H4A  H N N 317 
OLC H3   H N N 318 
OLC H3A  H N N 319 
OLC H2   H N N 320 
OLC H2A  H N N 321 
OLC H21  H N N 322 
OLC H21A H N N 323 
OLC H22  H N N 324 
OLC HO25 H N N 325 
OLC HO23 H N N 326 
PHE N    N N N 327 
PHE CA   C N S 328 
PHE C    C N N 329 
PHE O    O N N 330 
PHE CB   C N N 331 
PHE CG   C Y N 332 
PHE CD1  C Y N 333 
PHE CD2  C Y N 334 
PHE CE1  C Y N 335 
PHE CE2  C Y N 336 
PHE CZ   C Y N 337 
PHE OXT  O N N 338 
PHE H    H N N 339 
PHE H2   H N N 340 
PHE HA   H N N 341 
PHE HB2  H N N 342 
PHE HB3  H N N 343 
PHE HD1  H N N 344 
PHE HD2  H N N 345 
PHE HE1  H N N 346 
PHE HE2  H N N 347 
PHE HZ   H N N 348 
PHE HXT  H N N 349 
PRO N    N N N 350 
PRO CA   C N S 351 
PRO C    C N N 352 
PRO O    O N N 353 
PRO CB   C N N 354 
PRO CG   C N N 355 
PRO CD   C N N 356 
PRO OXT  O N N 357 
PRO H    H N N 358 
PRO HA   H N N 359 
PRO HB2  H N N 360 
PRO HB3  H N N 361 
PRO HG2  H N N 362 
PRO HG3  H N N 363 
PRO HD2  H N N 364 
PRO HD3  H N N 365 
PRO HXT  H N N 366 
SER N    N N N 367 
SER CA   C N S 368 
SER C    C N N 369 
SER O    O N N 370 
SER CB   C N N 371 
SER OG   O N N 372 
SER OXT  O N N 373 
SER H    H N N 374 
SER H2   H N N 375 
SER HA   H N N 376 
SER HB2  H N N 377 
SER HB3  H N N 378 
SER HG   H N N 379 
SER HXT  H N N 380 
THR N    N N N 381 
THR CA   C N S 382 
THR C    C N N 383 
THR O    O N N 384 
THR CB   C N R 385 
THR OG1  O N N 386 
THR CG2  C N N 387 
THR OXT  O N N 388 
THR H    H N N 389 
THR H2   H N N 390 
THR HA   H N N 391 
THR HB   H N N 392 
THR HG1  H N N 393 
THR HG21 H N N 394 
THR HG22 H N N 395 
THR HG23 H N N 396 
THR HXT  H N N 397 
TRP N    N N N 398 
TRP CA   C N S 399 
TRP C    C N N 400 
TRP O    O N N 401 
TRP CB   C N N 402 
TRP CG   C Y N 403 
TRP CD1  C Y N 404 
TRP CD2  C Y N 405 
TRP NE1  N Y N 406 
TRP CE2  C Y N 407 
TRP CE3  C Y N 408 
TRP CZ2  C Y N 409 
TRP CZ3  C Y N 410 
TRP CH2  C Y N 411 
TRP OXT  O N N 412 
TRP H    H N N 413 
TRP H2   H N N 414 
TRP HA   H N N 415 
TRP HB2  H N N 416 
TRP HB3  H N N 417 
TRP HD1  H N N 418 
TRP HE1  H N N 419 
TRP HE3  H N N 420 
TRP HZ2  H N N 421 
TRP HZ3  H N N 422 
TRP HH2  H N N 423 
TRP HXT  H N N 424 
TYR N    N N N 425 
TYR CA   C N S 426 
TYR C    C N N 427 
TYR O    O N N 428 
TYR CB   C N N 429 
TYR CG   C Y N 430 
TYR CD1  C Y N 431 
TYR CD2  C Y N 432 
TYR CE1  C Y N 433 
TYR CE2  C Y N 434 
TYR CZ   C Y N 435 
TYR OH   O N N 436 
TYR OXT  O N N 437 
TYR H    H N N 438 
TYR H2   H N N 439 
TYR HA   H N N 440 
TYR HB2  H N N 441 
TYR HB3  H N N 442 
TYR HD1  H N N 443 
TYR HD2  H N N 444 
TYR HE1  H N N 445 
TYR HE2  H N N 446 
TYR HH   H N N 447 
TYR HXT  H N N 448 
VAL N    N N N 449 
VAL CA   C N S 450 
VAL C    C N N 451 
VAL O    O N N 452 
VAL CB   C N N 453 
VAL CG1  C N N 454 
VAL CG2  C N N 455 
VAL OXT  O N N 456 
VAL H    H N N 457 
VAL H2   H N N 458 
VAL HA   H N N 459 
VAL HB   H N N 460 
VAL HG11 H N N 461 
VAL HG12 H N N 462 
VAL HG13 H N N 463 
VAL HG21 H N N 464 
VAL HG22 H N N 465 
VAL HG23 H N N 466 
VAL HXT  H N N 467 
# 
loop_
_chem_comp_bond.comp_id 
_chem_comp_bond.atom_id_1 
_chem_comp_bond.atom_id_2 
_chem_comp_bond.value_order 
_chem_comp_bond.pdbx_aromatic_flag 
_chem_comp_bond.pdbx_stereo_config 
_chem_comp_bond.pdbx_ordinal 
ALA N   CA   sing N N 1   
ALA N   H    sing N N 2   
ALA N   H2   sing N N 3   
ALA CA  C    sing N N 4   
ALA CA  CB   sing N N 5   
ALA CA  HA   sing N N 6   
ALA C   O    doub N N 7   
ALA C   OXT  sing N N 8   
ALA CB  HB1  sing N N 9   
ALA CB  HB2  sing N N 10  
ALA CB  HB3  sing N N 11  
ALA OXT HXT  sing N N 12  
ARG N   CA   sing N N 13  
ARG N   H    sing N N 14  
ARG N   H2   sing N N 15  
ARG CA  C    sing N N 16  
ARG CA  CB   sing N N 17  
ARG CA  HA   sing N N 18  
ARG C   O    doub N N 19  
ARG C   OXT  sing N N 20  
ARG CB  CG   sing N N 21  
ARG CB  HB2  sing N N 22  
ARG CB  HB3  sing N N 23  
ARG CG  CD   sing N N 24  
ARG CG  HG2  sing N N 25  
ARG CG  HG3  sing N N 26  
ARG CD  NE   sing N N 27  
ARG CD  HD2  sing N N 28  
ARG CD  HD3  sing N N 29  
ARG NE  CZ   sing N N 30  
ARG NE  HE   sing N N 31  
ARG CZ  NH1  sing N N 32  
ARG CZ  NH2  doub N N 33  
ARG NH1 HH11 sing N N 34  
ARG NH1 HH12 sing N N 35  
ARG NH2 HH21 sing N N 36  
ARG NH2 HH22 sing N N 37  
ARG OXT HXT  sing N N 38  
ASN N   CA   sing N N 39  
ASN N   H    sing N N 40  
ASN N   H2   sing N N 41  
ASN CA  C    sing N N 42  
ASN CA  CB   sing N N 43  
ASN CA  HA   sing N N 44  
ASN C   O    doub N N 45  
ASN C   OXT  sing N N 46  
ASN CB  CG   sing N N 47  
ASN CB  HB2  sing N N 48  
ASN CB  HB3  sing N N 49  
ASN CG  OD1  doub N N 50  
ASN CG  ND2  sing N N 51  
ASN ND2 HD21 sing N N 52  
ASN ND2 HD22 sing N N 53  
ASN OXT HXT  sing N N 54  
ASP N   CA   sing N N 55  
ASP N   H    sing N N 56  
ASP N   H2   sing N N 57  
ASP CA  C    sing N N 58  
ASP CA  CB   sing N N 59  
ASP CA  HA   sing N N 60  
ASP C   O    doub N N 61  
ASP C   OXT  sing N N 62  
ASP CB  CG   sing N N 63  
ASP CB  HB2  sing N N 64  
ASP CB  HB3  sing N N 65  
ASP CG  OD1  doub N N 66  
ASP CG  OD2  sing N N 67  
ASP OD2 HD2  sing N N 68  
ASP OXT HXT  sing N N 69  
GLN N   CA   sing N N 70  
GLN N   H    sing N N 71  
GLN N   H2   sing N N 72  
GLN CA  C    sing N N 73  
GLN CA  CB   sing N N 74  
GLN CA  HA   sing N N 75  
GLN C   O    doub N N 76  
GLN C   OXT  sing N N 77  
GLN CB  CG   sing N N 78  
GLN CB  HB2  sing N N 79  
GLN CB  HB3  sing N N 80  
GLN CG  CD   sing N N 81  
GLN CG  HG2  sing N N 82  
GLN CG  HG3  sing N N 83  
GLN CD  OE1  doub N N 84  
GLN CD  NE2  sing N N 85  
GLN NE2 HE21 sing N N 86  
GLN NE2 HE22 sing N N 87  
GLN OXT HXT  sing N N 88  
GLU N   CA   sing N N 89  
GLU N   H    sing N N 90  
GLU N   H2   sing N N 91  
GLU CA  C    sing N N 92  
GLU CA  CB   sing N N 93  
GLU CA  HA   sing N N 94  
GLU C   O    doub N N 95  
GLU C   OXT  sing N N 96  
GLU CB  CG   sing N N 97  
GLU CB  HB2  sing N N 98  
GLU CB  HB3  sing N N 99  
GLU CG  CD   sing N N 100 
GLU CG  HG2  sing N N 101 
GLU CG  HG3  sing N N 102 
GLU CD  OE1  doub N N 103 
GLU CD  OE2  sing N N 104 
GLU OE2 HE2  sing N N 105 
GLU OXT HXT  sing N N 106 
GLY N   CA   sing N N 107 
GLY N   H    sing N N 108 
GLY N   H2   sing N N 109 
GLY CA  C    sing N N 110 
GLY CA  HA2  sing N N 111 
GLY CA  HA3  sing N N 112 
GLY C   O    doub N N 113 
GLY C   OXT  sing N N 114 
GLY OXT HXT  sing N N 115 
HOH O   H1   sing N N 116 
HOH O   H2   sing N N 117 
ILE N   CA   sing N N 118 
ILE N   H    sing N N 119 
ILE N   H2   sing N N 120 
ILE CA  C    sing N N 121 
ILE CA  CB   sing N N 122 
ILE CA  HA   sing N N 123 
ILE C   O    doub N N 124 
ILE C   OXT  sing N N 125 
ILE CB  CG1  sing N N 126 
ILE CB  CG2  sing N N 127 
ILE CB  HB   sing N N 128 
ILE CG1 CD1  sing N N 129 
ILE CG1 HG12 sing N N 130 
ILE CG1 HG13 sing N N 131 
ILE CG2 HG21 sing N N 132 
ILE CG2 HG22 sing N N 133 
ILE CG2 HG23 sing N N 134 
ILE CD1 HD11 sing N N 135 
ILE CD1 HD12 sing N N 136 
ILE CD1 HD13 sing N N 137 
ILE OXT HXT  sing N N 138 
LEU N   CA   sing N N 139 
LEU N   H    sing N N 140 
LEU N   H2   sing N N 141 
LEU CA  C    sing N N 142 
LEU CA  CB   sing N N 143 
LEU CA  HA   sing N N 144 
LEU C   O    doub N N 145 
LEU C   OXT  sing N N 146 
LEU CB  CG   sing N N 147 
LEU CB  HB2  sing N N 148 
LEU CB  HB3  sing N N 149 
LEU CG  CD1  sing N N 150 
LEU CG  CD2  sing N N 151 
LEU CG  HG   sing N N 152 
LEU CD1 HD11 sing N N 153 
LEU CD1 HD12 sing N N 154 
LEU CD1 HD13 sing N N 155 
LEU CD2 HD21 sing N N 156 
LEU CD2 HD22 sing N N 157 
LEU CD2 HD23 sing N N 158 
LEU OXT HXT  sing N N 159 
LYS N   CA   sing N N 160 
LYS N   H    sing N N 161 
LYS N   H2   sing N N 162 
LYS CA  C    sing N N 163 
LYS CA  CB   sing N N 164 
LYS CA  HA   sing N N 165 
LYS C   O    doub N N 166 
LYS C   OXT  sing N N 167 
LYS CB  CG   sing N N 168 
LYS CB  HB2  sing N N 169 
LYS CB  HB3  sing N N 170 
LYS CG  CD   sing N N 171 
LYS CG  HG2  sing N N 172 
LYS CG  HG3  sing N N 173 
LYS CD  CE   sing N N 174 
LYS CD  HD2  sing N N 175 
LYS CD  HD3  sing N N 176 
LYS CE  NZ   sing N N 177 
LYS CE  HE2  sing N N 178 
LYS CE  HE3  sing N N 179 
LYS NZ  HZ1  sing N N 180 
LYS NZ  HZ2  sing N N 181 
LYS NZ  HZ3  sing N N 182 
LYS OXT HXT  sing N N 183 
MET N   CA   sing N N 184 
MET N   H    sing N N 185 
MET N   H2   sing N N 186 
MET CA  C    sing N N 187 
MET CA  CB   sing N N 188 
MET CA  HA   sing N N 189 
MET C   O    doub N N 190 
MET C   OXT  sing N N 191 
MET CB  CG   sing N N 192 
MET CB  HB2  sing N N 193 
MET CB  HB3  sing N N 194 
MET CG  SD   sing N N 195 
MET CG  HG2  sing N N 196 
MET CG  HG3  sing N N 197 
MET SD  CE   sing N N 198 
MET CE  HE1  sing N N 199 
MET CE  HE2  sing N N 200 
MET CE  HE3  sing N N 201 
MET OXT HXT  sing N N 202 
MYS C1  C2   sing N N 203 
MYS C1  H11  sing N N 204 
MYS C1  H12  sing N N 205 
MYS C1  H13  sing N N 206 
MYS C2  C3   sing N N 207 
MYS C2  H21  sing N N 208 
MYS C2  H22  sing N N 209 
MYS C3  C4   sing N N 210 
MYS C3  H31  sing N N 211 
MYS C3  H32  sing N N 212 
MYS C4  C5   sing N N 213 
MYS C4  H41  sing N N 214 
MYS C4  H42  sing N N 215 
MYS C5  C6   sing N N 216 
MYS C5  H51  sing N N 217 
MYS C5  H52  sing N N 218 
MYS C6  C7   sing N N 219 
MYS C6  H61  sing N N 220 
MYS C6  H62  sing N N 221 
MYS C7  C8   sing N N 222 
MYS C7  H71  sing N N 223 
MYS C7  H72  sing N N 224 
MYS C8  C9   sing N N 225 
MYS C8  H81  sing N N 226 
MYS C8  H82  sing N N 227 
MYS C9  C10  sing N N 228 
MYS C9  H91  sing N N 229 
MYS C9  H92  sing N N 230 
MYS C10 C11  sing N N 231 
MYS C10 H101 sing N N 232 
MYS C10 H102 sing N N 233 
MYS C11 C12  sing N N 234 
MYS C11 H111 sing N N 235 
MYS C11 H112 sing N N 236 
MYS C12 C13  sing N N 237 
MYS C12 H121 sing N N 238 
MYS C12 H122 sing N N 239 
MYS C13 C14  sing N N 240 
MYS C13 H131 sing N N 241 
MYS C13 H132 sing N N 242 
MYS C14 C15  sing N N 243 
MYS C14 H141 sing N N 244 
MYS C14 H142 sing N N 245 
MYS C15 H151 sing N N 246 
MYS C15 H152 sing N N 247 
MYS C15 H153 sing N N 248 
OLC C18 C17  sing N N 249 
OLC C10 C9   doub N N 250 
OLC C10 C11  sing N N 251 
OLC C9  C8   sing N N 252 
OLC C17 C16  sing N Z 253 
OLC C11 C12  sing N N 254 
OLC C8  C7   sing N N 255 
OLC C24 C22  sing N N 256 
OLC C24 O25  sing N N 257 
OLC C16 C15  sing N N 258 
OLC C12 C13  sing N N 259 
OLC C7  C6   sing N N 260 
OLC C15 C14  sing N N 261 
OLC C13 C14  sing N N 262 
OLC C6  C5   sing N N 263 
OLC C5  C4   sing N N 264 
OLC C4  C3   sing N N 265 
OLC C3  C2   sing N N 266 
OLC C2  C1   sing N N 267 
OLC C21 C22  sing N N 268 
OLC C21 O20  sing N N 269 
OLC C1  O19  doub N N 270 
OLC C1  O20  sing N N 271 
OLC C22 O23  sing N N 272 
OLC C18 H18  sing N N 273 
OLC C18 H18A sing N N 274 
OLC C18 H18B sing N N 275 
OLC C10 H10  sing N N 276 
OLC C9  H9   sing N N 277 
OLC C17 H17  sing N N 278 
OLC C17 H17A sing N N 279 
OLC C11 H11  sing N N 280 
OLC C11 H11A sing N N 281 
OLC C8  H8   sing N N 282 
OLC C8  H8A  sing N N 283 
OLC C24 H24  sing N N 284 
OLC C24 H24A sing N N 285 
OLC C16 H16  sing N N 286 
OLC C16 H16A sing N N 287 
OLC C12 H12  sing N N 288 
OLC C12 H12A sing N N 289 
OLC C7  H7   sing N N 290 
OLC C7  H7A  sing N N 291 
OLC C15 H15  sing N N 292 
OLC C15 H15A sing N N 293 
OLC C13 H13  sing N N 294 
OLC C13 H13A sing N N 295 
OLC C6  H6   sing N N 296 
OLC C6  H6A  sing N N 297 
OLC C14 H14  sing N N 298 
OLC C14 H14A sing N N 299 
OLC C5  H5   sing N N 300 
OLC C5  H5A  sing N N 301 
OLC C4  H4   sing N N 302 
OLC C4  H4A  sing N N 303 
OLC C3  H3   sing N N 304 
OLC C3  H3A  sing N N 305 
OLC C2  H2   sing N N 306 
OLC C2  H2A  sing N N 307 
OLC C21 H21  sing N N 308 
OLC C21 H21A sing N N 309 
OLC C22 H22  sing N N 310 
OLC O25 HO25 sing N N 311 
OLC O23 HO23 sing N N 312 
PHE N   CA   sing N N 313 
PHE N   H    sing N N 314 
PHE N   H2   sing N N 315 
PHE CA  C    sing N N 316 
PHE CA  CB   sing N N 317 
PHE CA  HA   sing N N 318 
PHE C   O    doub N N 319 
PHE C   OXT  sing N N 320 
PHE CB  CG   sing N N 321 
PHE CB  HB2  sing N N 322 
PHE CB  HB3  sing N N 323 
PHE CG  CD1  doub Y N 324 
PHE CG  CD2  sing Y N 325 
PHE CD1 CE1  sing Y N 326 
PHE CD1 HD1  sing N N 327 
PHE CD2 CE2  doub Y N 328 
PHE CD2 HD2  sing N N 329 
PHE CE1 CZ   doub Y N 330 
PHE CE1 HE1  sing N N 331 
PHE CE2 CZ   sing Y N 332 
PHE CE2 HE2  sing N N 333 
PHE CZ  HZ   sing N N 334 
PHE OXT HXT  sing N N 335 
PRO N   CA   sing N N 336 
PRO N   CD   sing N N 337 
PRO N   H    sing N N 338 
PRO CA  C    sing N N 339 
PRO CA  CB   sing N N 340 
PRO CA  HA   sing N N 341 
PRO C   O    doub N N 342 
PRO C   OXT  sing N N 343 
PRO CB  CG   sing N N 344 
PRO CB  HB2  sing N N 345 
PRO CB  HB3  sing N N 346 
PRO CG  CD   sing N N 347 
PRO CG  HG2  sing N N 348 
PRO CG  HG3  sing N N 349 
PRO CD  HD2  sing N N 350 
PRO CD  HD3  sing N N 351 
PRO OXT HXT  sing N N 352 
SER N   CA   sing N N 353 
SER N   H    sing N N 354 
SER N   H2   sing N N 355 
SER CA  C    sing N N 356 
SER CA  CB   sing N N 357 
SER CA  HA   sing N N 358 
SER C   O    doub N N 359 
SER C   OXT  sing N N 360 
SER CB  OG   sing N N 361 
SER CB  HB2  sing N N 362 
SER CB  HB3  sing N N 363 
SER OG  HG   sing N N 364 
SER OXT HXT  sing N N 365 
THR N   CA   sing N N 366 
THR N   H    sing N N 367 
THR N   H2   sing N N 368 
THR CA  C    sing N N 369 
THR CA  CB   sing N N 370 
THR CA  HA   sing N N 371 
THR C   O    doub N N 372 
THR C   OXT  sing N N 373 
THR CB  OG1  sing N N 374 
THR CB  CG2  sing N N 375 
THR CB  HB   sing N N 376 
THR OG1 HG1  sing N N 377 
THR CG2 HG21 sing N N 378 
THR CG2 HG22 sing N N 379 
THR CG2 HG23 sing N N 380 
THR OXT HXT  sing N N 381 
TRP N   CA   sing N N 382 
TRP N   H    sing N N 383 
TRP N   H2   sing N N 384 
TRP CA  C    sing N N 385 
TRP CA  CB   sing N N 386 
TRP CA  HA   sing N N 387 
TRP C   O    doub N N 388 
TRP C   OXT  sing N N 389 
TRP CB  CG   sing N N 390 
TRP CB  HB2  sing N N 391 
TRP CB  HB3  sing N N 392 
TRP CG  CD1  doub Y N 393 
TRP CG  CD2  sing Y N 394 
TRP CD1 NE1  sing Y N 395 
TRP CD1 HD1  sing N N 396 
TRP CD2 CE2  doub Y N 397 
TRP CD2 CE3  sing Y N 398 
TRP NE1 CE2  sing Y N 399 
TRP NE1 HE1  sing N N 400 
TRP CE2 CZ2  sing Y N 401 
TRP CE3 CZ3  doub Y N 402 
TRP CE3 HE3  sing N N 403 
TRP CZ2 CH2  doub Y N 404 
TRP CZ2 HZ2  sing N N 405 
TRP CZ3 CH2  sing Y N 406 
TRP CZ3 HZ3  sing N N 407 
TRP CH2 HH2  sing N N 408 
TRP OXT HXT  sing N N 409 
TYR N   CA   sing N N 410 
TYR N   H    sing N N 411 
TYR N   H2   sing N N 412 
TYR CA  C    sing N N 413 
TYR CA  CB   sing N N 414 
TYR CA  HA   sing N N 415 
TYR C   O    doub N N 416 
TYR C   OXT  sing N N 417 
TYR CB  CG   sing N N 418 
TYR CB  HB2  sing N N 419 
TYR CB  HB3  sing N N 420 
TYR CG  CD1  doub Y N 421 
TYR CG  CD2  sing Y N 422 
TYR CD1 CE1  sing Y N 423 
TYR CD1 HD1  sing N N 424 
TYR CD2 CE2  doub Y N 425 
TYR CD2 HD2  sing N N 426 
TYR CE1 CZ   doub Y N 427 
TYR CE1 HE1  sing N N 428 
TYR CE2 CZ   sing Y N 429 
TYR CE2 HE2  sing N N 430 
TYR CZ  OH   sing N N 431 
TYR OH  HH   sing N N 432 
TYR OXT HXT  sing N N 433 
VAL N   CA   sing N N 434 
VAL N   H    sing N N 435 
VAL N   H2   sing N N 436 
VAL CA  C    sing N N 437 
VAL CA  CB   sing N N 438 
VAL CA  HA   sing N N 439 
VAL C   O    doub N N 440 
VAL C   OXT  sing N N 441 
VAL CB  CG1  sing N N 442 
VAL CB  CG2  sing N N 443 
VAL CB  HB   sing N N 444 
VAL CG1 HG11 sing N N 445 
VAL CG1 HG12 sing N N 446 
VAL CG1 HG13 sing N N 447 
VAL CG2 HG21 sing N N 448 
VAL CG2 HG22 sing N N 449 
VAL CG2 HG23 sing N N 450 
VAL OXT HXT  sing N N 451 
# 
_atom_sites.entry_id                    4QNC 
_atom_sites.fract_transf_matrix[1][1]   0.01551710 
_atom_sites.fract_transf_matrix[1][2]   -0.01570026 
_atom_sites.fract_transf_matrix[1][3]   -0.01588055 
_atom_sites.fract_transf_matrix[2][1]   0.00236765 
_atom_sites.fract_transf_matrix[2][2]   0.01472247 
_atom_sites.fract_transf_matrix[2][3]   -0.01224186 
_atom_sites.fract_transf_matrix[3][1]   0.01832584 
_atom_sites.fract_transf_matrix[3][2]   0.00513618 
_atom_sites.fract_transf_matrix[3][3]   0.00972126 
_atom_sites.fract_transf_vector[1]      -0.245152 
_atom_sites.fract_transf_vector[2]      0.102328 
_atom_sites.fract_transf_vector[3]      -0.467241 
# 
loop_
_atom_type.symbol 
C 
N 
O 
S 
# 
loop_
_atom_site.group_PDB 
_atom_site.id 
_atom_site.type_symbol 
_atom_site.label_atom_id 
_atom_site.label_alt_id 
_atom_site.label_comp_id 
_atom_site.label_asym_id 
_atom_site.label_entity_id 
_atom_site.label_seq_id 
_atom_site.pdbx_PDB_ins_code 
_atom_site.Cartn_x 
_atom_site.Cartn_y 
_atom_site.Cartn_z 
_atom_site.occupancy 
_atom_site.B_iso_or_equiv 
_atom_site.pdbx_formal_charge 
_atom_site.auth_seq_id 
_atom_site.auth_comp_id 
_atom_site.auth_asym_id 
_atom_site.auth_atom_id 
_atom_site.pdbx_PDB_model_num 
ATOM   1    N N   . MET A 1 1  ? -13.004 -18.111 -8.029  1.00 41.52 ? 1   MET A N   1 
ATOM   2    C CA  . MET A 1 1  ? -11.606 -17.818 -8.317  1.00 45.41 ? 1   MET A CA  1 
ATOM   3    C C   . MET A 1 1  ? -11.308 -16.333 -8.234  1.00 49.57 ? 1   MET A C   1 
ATOM   4    O O   . MET A 1 1  ? -10.264 -15.932 -7.707  1.00 46.59 ? 1   MET A O   1 
ATOM   5    C CB  . MET A 1 1  ? -11.232 -18.354 -9.690  1.00 33.76 ? 1   MET A CB  1 
ATOM   6    C CG  . MET A 1 1  ? -9.792  -18.084 -10.067 1.00 48.14 ? 1   MET A CG  1 
ATOM   7    S SD  . MET A 1 1  ? -8.657  -19.238 -9.295  1.00 62.54 ? 1   MET A SD  1 
ATOM   8    C CE  . MET A 1 1  ? -7.075  -18.543 -9.743  1.00 41.37 ? 1   MET A CE  1 
ATOM   9    N N   . GLU A 1 2  ? -12.268 -15.527 -8.681  1.00 47.32 ? 2   GLU A N   1 
ATOM   10   C CA  . GLU A 1 2  ? -12.239 -14.087 -8.477  1.00 44.60 ? 2   GLU A CA  1 
ATOM   11   C C   . GLU A 1 2  ? -12.087 -13.781 -7.009  1.00 53.90 ? 2   GLU A C   1 
ATOM   12   O O   . GLU A 1 2  ? -11.282 -12.934 -6.632  1.00 50.56 ? 2   GLU A O   1 
ATOM   13   C CB  . GLU A 1 2  ? -13.514 -13.440 -9.027  1.00 38.22 ? 2   GLU A CB  1 
ATOM   14   C CG  . GLU A 1 2  ? -14.035 -12.339 -8.134  1.00 52.49 ? 2   GLU A CG  1 
ATOM   15   C CD  . GLU A 1 2  ? -15.500 -12.094 -8.309  1.00 60.54 ? 2   GLU A CD  1 
ATOM   16   O OE1 . GLU A 1 2  ? -16.057 -12.465 -9.370  1.00 64.84 ? 2   GLU A OE1 1 
ATOM   17   O OE2 . GLU A 1 2  ? -16.143 -11.640 -7.334  1.00 57.63 ? 2   GLU A OE2 1 
ATOM   18   N N   . ASN A 1 3  ? -12.860 -14.485 -6.190  1.00 53.77 ? 3   ASN A N   1 
ATOM   19   C CA  . ASN A 1 3  ? -12.866 -14.260 -4.756  1.00 48.28 ? 3   ASN A CA  1 
ATOM   20   C C   . ASN A 1 3  ? -11.598 -14.818 -4.124  1.00 48.56 ? 3   ASN A C   1 
ATOM   21   O O   . ASN A 1 3  ? -11.089 -14.254 -3.157  1.00 49.68 ? 3   ASN A O   1 
ATOM   22   C CB  . ASN A 1 3  ? -14.103 -14.882 -4.109  1.00 49.13 ? 3   ASN A CB  1 
ATOM   23   C CG  . ASN A 1 3  ? -15.326 -13.980 -4.186  1.00 54.19 ? 3   ASN A CG  1 
ATOM   24   O OD1 . ASN A 1 3  ? -15.216 -12.752 -4.205  1.00 52.42 ? 3   ASN A OD1 1 
ATOM   25   N ND2 . ASN A 1 3  ? -16.503 -14.592 -4.218  1.00 66.73 ? 3   ASN A ND2 1 
ATOM   26   N N   . LEU A 1 4  ? -11.100 -15.930 -4.664  1.00 39.74 ? 4   LEU A N   1 
ATOM   27   C CA  . LEU A 1 4  ? -9.866  -16.531 -4.170  1.00 32.92 ? 4   LEU A CA  1 
ATOM   28   C C   . LEU A 1 4  ? -8.731  -15.540 -4.350  1.00 41.08 ? 4   LEU A C   1 
ATOM   29   O O   . LEU A 1 4  ? -7.893  -15.361 -3.467  1.00 40.75 ? 4   LEU A O   1 
ATOM   30   C CB  . LEU A 1 4  ? -9.543  -17.832 -4.909  1.00 37.97 ? 4   LEU A CB  1 
ATOM   31   C CG  . LEU A 1 4  ? -8.113  -18.338 -4.681  1.00 42.09 ? 4   LEU A CG  1 
ATOM   32   C CD1 . LEU A 1 4  ? -7.992  -18.951 -3.294  1.00 44.14 ? 4   LEU A CD1 1 
ATOM   33   C CD2 . LEU A 1 4  ? -7.653  -19.319 -5.752  1.00 43.15 ? 4   LEU A CD2 1 
ATOM   34   N N   . ILE A 1 5  ? -8.732  -14.888 -5.507  1.00 43.79 ? 5   ILE A N   1 
ATOM   35   C CA  . ILE A 1 5  ? -7.704  -13.920 -5.865  1.00 39.19 ? 5   ILE A CA  1 
ATOM   36   C C   . ILE A 1 5  ? -7.937  -12.621 -5.113  1.00 38.75 ? 5   ILE A C   1 
ATOM   37   O O   . ILE A 1 5  ? -6.992  -11.936 -4.730  1.00 37.85 ? 5   ILE A O   1 
ATOM   38   C CB  . ILE A 1 5  ? -7.687  -13.658 -7.388  1.00 40.18 ? 5   ILE A CB  1 
ATOM   39   C CG1 . ILE A 1 5  ? -7.143  -14.882 -8.126  1.00 39.24 ? 5   ILE A CG1 1 
ATOM   40   C CG2 . ILE A 1 5  ? -6.832  -12.456 -7.728  1.00 41.40 ? 5   ILE A CG2 1 
ATOM   41   C CD1 . ILE A 1 5  ? -7.158  -14.742 -9.631  1.00 46.58 ? 5   ILE A CD1 1 
ATOM   42   N N   . GLY A 1 6  ? -9.204  -12.307 -4.870  1.00 39.21 ? 6   GLY A N   1 
ATOM   43   C CA  . GLY A 1 6  ? -9.543  -11.130 -4.096  1.00 41.43 ? 6   GLY A CA  1 
ATOM   44   C C   . GLY A 1 6  ? -8.984  -11.191 -2.688  1.00 42.38 ? 6   GLY A C   1 
ATOM   45   O O   . GLY A 1 6  ? -8.362  -10.237 -2.222  1.00 39.27 ? 6   GLY A O   1 
ATOM   46   N N   . TYR A 1 7  ? -9.197  -12.315 -2.011  1.00 39.88 ? 7   TYR A N   1 
ATOM   47   C CA  . TYR A 1 7  ? -8.820  -12.436 -0.606  1.00 39.29 ? 7   TYR A CA  1 
ATOM   48   C C   . TYR A 1 7  ? -7.342  -12.741 -0.356  1.00 42.22 ? 7   TYR A C   1 
ATOM   49   O O   . TYR A 1 7  ? -6.842  -12.491 0.739   1.00 42.36 ? 7   TYR A O   1 
ATOM   50   C CB  . TYR A 1 7  ? -9.688  -13.497 0.067   1.00 44.13 ? 7   TYR A CB  1 
ATOM   51   C CG  . TYR A 1 7  ? -11.081 -12.993 0.356   1.00 47.92 ? 7   TYR A CG  1 
ATOM   52   C CD1 . TYR A 1 7  ? -12.183 -13.510 -0.307  1.00 47.49 ? 7   TYR A CD1 1 
ATOM   53   C CD2 . TYR A 1 7  ? -11.289 -11.975 1.276   1.00 50.42 ? 7   TYR A CD2 1 
ATOM   54   C CE1 . TYR A 1 7  ? -13.456 -13.037 -0.048  1.00 44.29 ? 7   TYR A CE1 1 
ATOM   55   C CE2 . TYR A 1 7  ? -12.554 -11.496 1.539   1.00 46.24 ? 7   TYR A CE2 1 
ATOM   56   C CZ  . TYR A 1 7  ? -13.635 -12.031 0.874   1.00 42.17 ? 7   TYR A CZ  1 
ATOM   57   O OH  . TYR A 1 7  ? -14.900 -11.560 1.130   1.00 52.16 ? 7   TYR A OH  1 
ATOM   58   N N   . VAL A 1 8  ? -6.639  -13.276 -1.352  1.00 41.05 ? 8   VAL A N   1 
ATOM   59   C CA  . VAL A 1 8  ? -5.205  -13.521 -1.201  1.00 43.87 ? 8   VAL A CA  1 
ATOM   60   C C   . VAL A 1 8  ? -4.464  -12.225 -1.491  1.00 36.28 ? 8   VAL A C   1 
ATOM   61   O O   . VAL A 1 8  ? -3.539  -11.844 -0.775  1.00 39.23 ? 8   VAL A O   1 
ATOM   62   C CB  . VAL A 1 8  ? -4.698  -14.631 -2.130  1.00 44.23 ? 8   VAL A CB  1 
ATOM   63   C CG1 . VAL A 1 8  ? -3.173  -14.686 -2.119  1.00 35.59 ? 8   VAL A CG1 1 
ATOM   64   C CG2 . VAL A 1 8  ? -5.283  -15.968 -1.718  1.00 41.47 ? 8   VAL A CG2 1 
ATOM   65   N N   . ALA A 1 9  ? -4.903  -11.542 -2.541  1.00 35.61 ? 9   ALA A N   1 
ATOM   66   C CA  . ALA A 1 9  ? -4.373  -10.234 -2.871  1.00 40.31 ? 9   ALA A CA  1 
ATOM   67   C C   . ALA A 1 9  ? -4.636  -9.326  -1.683  1.00 37.38 ? 9   ALA A C   1 
ATOM   68   O O   . ALA A 1 9  ? -3.809  -8.473  -1.345  1.00 31.11 ? 9   ALA A O   1 
ATOM   69   C CB  . ALA A 1 9  ? -5.019  -9.672  -4.118  1.00 39.82 ? 9   ALA A CB  1 
ATOM   70   N N   . ALA A 1 10 ? -5.805  -9.479  -1.066  1.00 39.31 ? 10  ALA A N   1 
ATOM   71   C CA  . ALA A 1 10 ? -6.107  -8.691  0.116   1.00 37.89 ? 10  ALA A CA  1 
ATOM   72   C C   . ALA A 1 10 ? -5.131  -8.990  1.244   1.00 38.92 ? 10  ALA A C   1 
ATOM   73   O O   . ALA A 1 10 ? -4.529  -8.064  1.783   1.00 36.77 ? 10  ALA A O   1 
ATOM   74   C CB  . ALA A 1 10 ? -7.531  -8.971  0.581   1.00 36.99 ? 10  ALA A CB  1 
ATOM   75   N N   . PHE A 1 11 ? -4.921  -10.281 1.511   1.00 37.21 ? 11  PHE A N   1 
ATOM   76   C CA  . PHE A 1 11 ? -4.052  -10.719 2.584   1.00 36.54 ? 11  PHE A CA  1 
ATOM   77   C C   . PHE A 1 11 ? -2.645  -10.189 2.369   1.00 35.88 ? 11  PHE A C   1 
ATOM   78   O O   . PHE A 1 11 ? -1.998  -9.729  3.309   1.00 37.22 ? 11  PHE A O   1 
ATOM   79   C CB  . PHE A 1 11 ? -4.027  -12.258 2.690   1.00 38.54 ? 11  PHE A CB  1 
ATOM   80   C CG  . PHE A 1 11 ? -3.062  -12.796 3.744   1.00 41.46 ? 11  PHE A CG  1 
ATOM   81   C CD1 . PHE A 1 11 ? -3.527  -13.267 4.972   1.00 40.06 ? 11  PHE A CD1 1 
ATOM   82   C CD2 . PHE A 1 11 ? -1.695  -12.882 3.484   1.00 35.37 ? 11  PHE A CD2 1 
ATOM   83   C CE1 . PHE A 1 11 ? -2.645  -13.756 5.919   1.00 34.47 ? 11  PHE A CE1 1 
ATOM   84   C CE2 . PHE A 1 11 ? -0.813  -13.357 4.445   1.00 34.55 ? 11  PHE A CE2 1 
ATOM   85   C CZ  . PHE A 1 11 ? -1.294  -13.799 5.653   1.00 32.90 ? 11  PHE A CZ  1 
ATOM   86   N N   . LEU A 1 12 ? -2.145  -10.298 1.146   1.00 35.37 ? 12  LEU A N   1 
ATOM   87   C CA  . LEU A 1 12 ? -0.770  -9.911  0.863   1.00 41.62 ? 12  LEU A CA  1 
ATOM   88   C C   . LEU A 1 12 ? -0.487  -8.433  1.140   1.00 42.52 ? 12  LEU A C   1 
ATOM   89   O O   . LEU A 1 12 ? 0.450   -8.120  1.867   1.00 46.10 ? 12  LEU A O   1 
ATOM   90   C CB  . LEU A 1 12 ? -0.415  -10.247 -0.581  1.00 38.21 ? 12  LEU A CB  1 
ATOM   91   C CG  . LEU A 1 12 ? 0.292   -11.599 -0.761  1.00 38.10 ? 12  LEU A CG  1 
ATOM   92   C CD1 . LEU A 1 12 ? 0.190   -12.475 0.480   1.00 34.78 ? 12  LEU A CD1 1 
ATOM   93   C CD2 . LEU A 1 12 ? -0.263  -12.323 -1.972  1.00 37.91 ? 12  LEU A CD2 1 
ATOM   94   N N   . THR A 1 13 ? -1.272  -7.523  0.566   1.00 35.81 ? 13  THR A N   1 
ATOM   95   C CA  . THR A 1 13 ? -0.997  -6.106  0.774   1.00 33.61 ? 13  THR A CA  1 
ATOM   96   C C   . THR A 1 13 ? -1.340  -5.685  2.205   1.00 37.31 ? 13  THR A C   1 
ATOM   97   O O   . THR A 1 13 ? -0.695  -4.783  2.743   1.00 39.80 ? 13  THR A O   1 
ATOM   98   C CB  . THR A 1 13 ? -1.755  -5.198  -0.230  1.00 37.65 ? 13  THR A CB  1 
ATOM   99   O OG1 . THR A 1 13 ? -3.166  -5.440  -0.172  1.00 29.36 ? 13  THR A OG1 1 
ATOM   100  C CG2 . THR A 1 13 ? -1.269  -5.438  -1.650  1.00 41.69 ? 13  THR A CG2 1 
ATOM   101  N N   . THR A 1 14 ? -2.336  -6.322  2.826   1.00 39.25 ? 14  THR A N   1 
ATOM   102  C CA  . THR A 1 14 ? -2.731  -5.895  4.170   1.00 39.69 ? 14  THR A CA  1 
ATOM   103  C C   . THR A 1 14 ? -1.749  -6.358  5.235   1.00 37.53 ? 14  THR A C   1 
ATOM   104  O O   . THR A 1 14 ? -1.307  -5.557  6.062   1.00 33.53 ? 14  THR A O   1 
ATOM   105  C CB  . THR A 1 14 ? -4.162  -6.344  4.567   1.00 37.43 ? 14  THR A CB  1 
ATOM   106  O OG1 . THR A 1 14 ? -4.496  -5.796  5.850   1.00 42.43 ? 14  THR A OG1 1 
ATOM   107  C CG2 . THR A 1 14 ? -4.302  -7.843  4.673   1.00 41.42 ? 14  THR A CG2 1 
ATOM   108  N N   . VAL A 1 15 ? -1.390  -7.636  5.194   1.00 37.52 ? 15  VAL A N   1 
ATOM   109  C CA  . VAL A 1 15 ? -0.576  -8.237  6.218   1.00 33.47 ? 15  VAL A CA  1 
ATOM   110  C C   . VAL A 1 15 ? 0.878   -7.836  5.944   1.00 36.67 ? 15  VAL A C   1 
ATOM   111  O O   . VAL A 1 15 ? 1.776   -8.122  6.734   1.00 35.77 ? 15  VAL A O   1 
ATOM   112  C CB  . VAL A 1 15 ? -0.790  -9.768  6.214   1.00 38.03 ? 15  VAL A CB  1 
ATOM   113  C CG1 . VAL A 1 15 ? 0.121   -10.474 7.193   1.00 33.03 ? 15  VAL A CG1 1 
ATOM   114  C CG2 . VAL A 1 15 ? -2.232  -10.091 6.577   1.00 37.10 ? 15  VAL A CG2 1 
ATOM   115  N N   . SER A 1 16 ? 1.094   -7.112  4.846   1.00 37.80 ? 16  SER A N   1 
ATOM   116  C CA  . SER A 1 16 ? 2.429   -6.630  4.504   1.00 36.63 ? 16  SER A CA  1 
ATOM   117  C C   . SER A 1 16 ? 2.898   -5.508  5.421   1.00 37.37 ? 16  SER A C   1 
ATOM   118  O O   . SER A 1 16 ? 4.094   -5.250  5.528   1.00 33.26 ? 16  SER A O   1 
ATOM   119  C CB  . SER A 1 16 ? 2.468   -6.141  3.053   1.00 37.69 ? 16  SER A CB  1 
ATOM   120  O OG  . SER A 1 16 ? 1.754   -4.924  2.891   1.00 40.49 ? 16  SER A OG  1 
ATOM   121  N N   . PHE A 1 17 ? 1.961   -4.843  6.088   1.00 39.48 ? 17  PHE A N   1 
ATOM   122  C CA  . PHE A 1 17 ? 2.313   -3.716  6.942   1.00 37.11 ? 17  PHE A CA  1 
ATOM   123  C C   . PHE A 1 17 ? 2.774   -4.197  8.309   1.00 38.15 ? 17  PHE A C   1 
ATOM   124  O O   . PHE A 1 17 ? 3.484   -3.484  9.010   1.00 39.92 ? 17  PHE A O   1 
ATOM   125  C CB  . PHE A 1 17 ? 1.136   -2.757  7.077   1.00 40.99 ? 17  PHE A CB  1 
ATOM   126  C CG  . PHE A 1 17 ? 0.958   -1.849  5.897   1.00 38.31 ? 17  PHE A CG  1 
ATOM   127  C CD1 . PHE A 1 17 ? 1.807   -0.771  5.700   1.00 36.65 ? 17  PHE A CD1 1 
ATOM   128  C CD2 . PHE A 1 17 ? -0.047  -2.082  4.972   1.00 37.16 ? 17  PHE A CD2 1 
ATOM   129  C CE1 . PHE A 1 17 ? 1.646   0.070   4.613   1.00 37.21 ? 17  PHE A CE1 1 
ATOM   130  C CE2 . PHE A 1 17 ? -0.211  -1.247  3.881   1.00 38.65 ? 17  PHE A CE2 1 
ATOM   131  C CZ  . PHE A 1 17 ? 0.636   -0.171  3.701   1.00 38.09 ? 17  PHE A CZ  1 
ATOM   132  N N   . LEU A 1 18 ? 2.361   -5.408  8.677   1.00 41.43 ? 18  LEU A N   1 
ATOM   133  C CA  . LEU A 1 18 ? 2.772   -6.012  9.939   1.00 35.46 ? 18  LEU A CA  1 
ATOM   134  C C   . LEU A 1 18 ? 4.299   -6.157  10.071  1.00 39.29 ? 18  LEU A C   1 
ATOM   135  O O   . LEU A 1 18 ? 4.852   -5.796  11.113  1.00 41.75 ? 18  LEU A O   1 
ATOM   136  C CB  . LEU A 1 18 ? 2.085   -7.367  10.140  1.00 37.04 ? 18  LEU A CB  1 
ATOM   137  C CG  . LEU A 1 18 ? 2.557   -8.173  11.345  1.00 36.23 ? 18  LEU A CG  1 
ATOM   138  C CD1 . LEU A 1 18 ? 1.995   -7.575  12.619  1.00 40.00 ? 18  LEU A CD1 1 
ATOM   139  C CD2 . LEU A 1 18 ? 2.140   -9.623  11.203  1.00 44.46 ? 18  LEU A CD2 1 
ATOM   140  N N   . PRO A 1 19 ? 4.989   -6.691  9.037   1.00 39.15 ? 19  PRO A N   1 
ATOM   141  C CA  . PRO A 1 19 ? 6.455   -6.685  9.101   1.00 40.69 ? 19  PRO A CA  1 
ATOM   142  C C   . PRO A 1 19 ? 7.028   -5.287  9.299   1.00 37.22 ? 19  PRO A C   1 
ATOM   143  O O   . PRO A 1 19 ? 8.070   -5.133  9.938   1.00 36.87 ? 19  PRO A O   1 
ATOM   144  C CB  . PRO A 1 19 ? 6.854   -7.240  7.732   1.00 39.05 ? 19  PRO A CB  1 
ATOM   145  C CG  . PRO A 1 19 ? 5.750   -8.165  7.419   1.00 36.56 ? 19  PRO A CG  1 
ATOM   146  C CD  . PRO A 1 19 ? 4.530   -7.415  7.841   1.00 38.23 ? 19  PRO A CD  1 
ATOM   147  N N   . GLN A 1 20 ? 6.344   -4.281  8.768   1.00 38.39 ? 20  GLN A N   1 
ATOM   148  C CA  . GLN A 1 20 ? 6.796   -2.904  8.911   1.00 37.50 ? 20  GLN A CA  1 
ATOM   149  C C   . GLN A 1 20 ? 6.509   -2.390  10.321  1.00 36.82 ? 20  GLN A C   1 
ATOM   150  O O   . GLN A 1 20 ? 7.335   -1.692  10.908  1.00 40.33 ? 20  GLN A O   1 
ATOM   151  C CB  . GLN A 1 20 ? 6.150   -2.001  7.858   1.00 33.16 ? 20  GLN A CB  1 
ATOM   152  C CG  . GLN A 1 20 ? 6.679   -0.573  7.860   1.00 33.02 ? 20  GLN A CG  1 
ATOM   153  C CD  . GLN A 1 20 ? 8.143   -0.485  7.467   1.00 39.75 ? 20  GLN A CD  1 
ATOM   154  O OE1 . GLN A 1 20 ? 8.479   -0.306  6.297   1.00 43.25 ? 20  GLN A OE1 1 
ATOM   155  N NE2 . GLN A 1 20 ? 9.024   -0.596  8.453   1.00 36.67 ? 20  GLN A NE2 1 
ATOM   156  N N   . VAL A 1 21 ? 5.336   -2.724  10.857  1.00 37.60 ? 21  VAL A N   1 
ATOM   157  C CA  . VAL A 1 21 ? 4.997   -2.346  12.229  1.00 42.64 ? 21  VAL A CA  1 
ATOM   158  C C   . VAL A 1 21 ? 6.018   -2.907  13.219  1.00 46.84 ? 21  VAL A C   1 
ATOM   159  O O   . VAL A 1 21 ? 6.503   -2.184  14.091  1.00 45.26 ? 21  VAL A O   1 
ATOM   160  C CB  . VAL A 1 21 ? 3.586   -2.828  12.631  1.00 38.04 ? 21  VAL A CB  1 
ATOM   161  C CG1 . VAL A 1 21 ? 3.312   -2.504  14.086  1.00 41.25 ? 21  VAL A CG1 1 
ATOM   162  C CG2 . VAL A 1 21 ? 2.525   -2.194  11.747  1.00 34.52 ? 21  VAL A CG2 1 
ATOM   163  N N   . LEU A 1 22 ? 6.355   -4.188  13.068  1.00 40.06 ? 22  LEU A N   1 
ATOM   164  C CA  . LEU A 1 22 ? 7.320   -4.840  13.952  1.00 37.93 ? 22  LEU A CA  1 
ATOM   165  C C   . LEU A 1 22 ? 8.692   -4.202  13.842  1.00 39.05 ? 22  LEU A C   1 
ATOM   166  O O   . LEU A 1 22 ? 9.362   -3.977  14.849  1.00 43.41 ? 22  LEU A O   1 
ATOM   167  C CB  . LEU A 1 22 ? 7.422   -6.335  13.644  1.00 42.72 ? 22  LEU A CB  1 
ATOM   168  C CG  . LEU A 1 22 ? 6.388   -7.252  14.294  1.00 41.81 ? 22  LEU A CG  1 
ATOM   169  C CD1 . LEU A 1 22 ? 6.483   -8.657  13.723  1.00 47.73 ? 22  LEU A CD1 1 
ATOM   170  C CD2 . LEU A 1 22 ? 6.622   -7.275  15.796  1.00 49.40 ? 22  LEU A CD2 1 
ATOM   171  N N   . ARG A 1 23 ? 9.105   -3.911  12.614  1.00 36.41 ? 23  ARG A N   1 
ATOM   172  C CA  . ARG A 1 23 ? 10.417  -3.337  12.372  1.00 38.34 ? 23  ARG A CA  1 
ATOM   173  C C   . ARG A 1 23 ? 10.522  -1.984  13.055  1.00 37.46 ? 23  ARG A C   1 
ATOM   174  O O   . ARG A 1 23 ? 11.538  -1.668  13.670  1.00 38.00 ? 23  ARG A O   1 
ATOM   175  C CB  . ARG A 1 23 ? 10.673  -3.196  10.869  1.00 42.90 ? 23  ARG A CB  1 
ATOM   176  C CG  . ARG A 1 23 ? 11.980  -2.505  10.527  1.00 34.72 ? 23  ARG A CG  1 
ATOM   177  C CD  . ARG A 1 23 ? 12.399  -2.781  9.094   1.00 37.07 ? 23  ARG A CD  1 
ATOM   178  N NE  . ARG A 1 23 ? 13.812  -2.491  8.886   1.00 40.59 ? 23  ARG A NE  1 
ATOM   179  C CZ  . ARG A 1 23 ? 14.799  -3.300  9.249   1.00 36.10 ? 23  ARG A CZ  1 
ATOM   180  N NH1 . ARG A 1 23 ? 14.526  -4.456  9.840   1.00 40.78 ? 23  ARG A NH1 1 
ATOM   181  N NH2 . ARG A 1 23 ? 16.058  -2.957  9.020   1.00 32.31 ? 23  ARG A NH2 1 
ATOM   182  N N   . VAL A 1 24 ? 9.458   -1.196  12.937  1.00 38.56 ? 24  VAL A N   1 
ATOM   183  C CA  . VAL A 1 24 ? 9.400   0.127   13.547  1.00 38.44 ? 24  VAL A CA  1 
ATOM   184  C C   . VAL A 1 24 ? 9.635   0.090   15.051  1.00 39.28 ? 24  VAL A C   1 
ATOM   185  O O   . VAL A 1 24 ? 10.465  0.835   15.570  1.00 39.85 ? 24  VAL A O   1 
ATOM   186  C CB  . VAL A 1 24 ? 8.045   0.812   13.276  1.00 36.45 ? 24  VAL A CB  1 
ATOM   187  C CG1 . VAL A 1 24 ? 7.845   1.997   14.201  1.00 34.36 ? 24  VAL A CG1 1 
ATOM   188  C CG2 . VAL A 1 24 ? 7.954   1.244   11.820  1.00 40.94 ? 24  VAL A CG2 1 
ATOM   189  N N   . VAL A 1 25 ? 8.906   -0.781  15.745  1.00 43.45 ? 25  VAL A N   1 
ATOM   190  C CA  . VAL A 1 25 ? 8.939   -0.813  17.206  1.00 44.69 ? 25  VAL A CA  1 
ATOM   191  C C   . VAL A 1 25 ? 10.151  -1.551  17.777  1.00 44.14 ? 25  VAL A C   1 
ATOM   192  O O   . VAL A 1 25 ? 10.612  -1.229  18.872  1.00 44.29 ? 25  VAL A O   1 
ATOM   193  C CB  . VAL A 1 25 ? 7.639   -1.440  17.784  1.00 43.16 ? 25  VAL A CB  1 
ATOM   194  C CG1 . VAL A 1 25 ? 6.410   -0.899  17.067  1.00 44.19 ? 25  VAL A CG1 1 
ATOM   195  C CG2 . VAL A 1 25 ? 7.684   -2.969  17.741  1.00 47.03 ? 25  VAL A CG2 1 
ATOM   196  N N   . MET A 1 26 ? 10.672  -2.527  17.040  1.00 47.62 ? 26  MET A N   1 
ATOM   197  C CA  . MET A 1 26 ? 11.799  -3.319  17.524  1.00 51.35 ? 26  MET A CA  1 
ATOM   198  C C   . MET A 1 26 ? 13.125  -2.603  17.318  1.00 51.80 ? 26  MET A C   1 
ATOM   199  O O   . MET A 1 26 ? 14.069  -2.791  18.085  1.00 48.89 ? 26  MET A O   1 
ATOM   200  C CB  . MET A 1 26 ? 11.829  -4.686  16.844  1.00 47.65 ? 26  MET A CB  1 
ATOM   201  C CG  . MET A 1 26 ? 10.690  -5.613  17.250  1.00 48.98 ? 26  MET A CG  1 
ATOM   202  S SD  . MET A 1 26 ? 10.976  -6.394  18.853  1.00 61.53 ? 26  MET A SD  1 
ATOM   203  C CE  . MET A 1 26 ? 12.754  -6.628  18.826  1.00 74.28 ? 26  MET A CE  1 
ATOM   204  N N   . THR A 1 27 ? 13.190  -1.785  16.276  1.00 42.35 ? 27  THR A N   1 
ATOM   205  C CA  . THR A 1 27 ? 14.402  -1.049  15.972  1.00 44.04 ? 27  THR A CA  1 
ATOM   206  C C   . THR A 1 27 ? 14.308  0.368   16.530  1.00 42.45 ? 27  THR A C   1 
ATOM   207  O O   . THR A 1 27 ? 15.335  1.026   16.719  1.00 49.52 ? 27  THR A O   1 
ATOM   208  C CB  . THR A 1 27 ? 14.664  -1.002  14.450  1.00 46.95 ? 27  THR A CB  1 
ATOM   209  O OG1 . THR A 1 27 ? 13.545  -0.407  13.779  1.00 41.39 ? 27  THR A OG1 1 
ATOM   210  C CG2 . THR A 1 27 ? 14.884  -2.407  13.910  1.00 41.21 ? 27  THR A CG2 1 
ATOM   211  N N   . LYS A 1 28 ? 13.082  0.818   16.806  1.00 41.06 ? 28  LYS A N   1 
ATOM   212  C CA  . LYS A 1 28 ? 12.824  2.153   17.353  1.00 40.79 ? 28  LYS A CA  1 
ATOM   213  C C   . LYS A 1 28 ? 13.230  3.260   16.380  1.00 45.49 ? 28  LYS A C   1 
ATOM   214  O O   . LYS A 1 28 ? 13.495  4.387   16.799  1.00 46.96 ? 28  LYS A O   1 
ATOM   215  C CB  . LYS A 1 28 ? 13.551  2.354   18.690  1.00 46.59 ? 28  LYS A CB  1 
ATOM   216  C CG  . LYS A 1 28 ? 12.935  1.636   19.877  1.00 51.87 ? 28  LYS A CG  1 
ATOM   217  C CD  . LYS A 1 28 ? 14.012  1.104   20.823  1.00 55.51 ? 28  LYS A CD  1 
ATOM   218  C CE  . LYS A 1 28 ? 13.458  0.685   22.189  1.00 61.89 ? 28  LYS A CE  1 
ATOM   219  N NZ  . LYS A 1 28 ? 14.563  0.622   23.201  1.00 63.45 ? 28  LYS A NZ  1 
ATOM   220  N N   . GLN A 1 29 ? 13.245  2.945   15.088  1.00 46.78 ? 29  GLN A N   1 
ATOM   221  C CA  . GLN A 1 29 ? 13.708  3.884   14.074  1.00 43.06 ? 29  GLN A CA  1 
ATOM   222  C C   . GLN A 1 29 ? 12.620  4.083   13.004  1.00 45.06 ? 29  GLN A C   1 
ATOM   223  O O   . GLN A 1 29 ? 12.062  3.101   12.511  1.00 44.82 ? 29  GLN A O   1 
ATOM   224  C CB  . GLN A 1 29 ? 14.961  3.312   13.406  1.00 43.94 ? 29  GLN A CB  1 
ATOM   225  C CG  . GLN A 1 29 ? 16.028  2.725   14.348  1.00 48.42 ? 29  GLN A CG  1 
ATOM   226  C CD  . GLN A 1 29 ? 17.179  3.631   14.739  1.00 54.08 ? 29  GLN A CD  1 
ATOM   227  O OE1 . GLN A 1 29 ? 17.008  4.712   15.297  1.00 59.89 ? 29  GLN A OE1 1 
ATOM   228  N NE2 . GLN A 1 29 ? 18.389  3.162   14.446  1.00 56.43 ? 29  GLN A NE2 1 
ATOM   229  N N   . THR A 1 30 ? 12.322  5.326   12.629  1.00 42.59 ? 30  THR A N   1 
ATOM   230  C CA  . THR A 1 30 ? 11.382  5.576   11.530  1.00 37.61 ? 30  THR A CA  1 
ATOM   231  C C   . THR A 1 30 ? 11.956  6.531   10.480  1.00 42.67 ? 30  THR A C   1 
ATOM   232  O O   . THR A 1 30 ? 11.270  6.872   9.518   1.00 46.47 ? 30  THR A O   1 
ATOM   233  C CB  . THR A 1 30 ? 10.038  6.142   12.035  1.00 39.95 ? 30  THR A CB  1 
ATOM   234  O OG1 . THR A 1 30 ? 10.279  7.136   13.038  1.00 37.28 ? 30  THR A OG1 1 
ATOM   235  C CG2 . THR A 1 30 ? 9.176   5.031   12.621  1.00 30.97 ? 30  THR A CG2 1 
ATOM   236  N N   . ARG A 1 31 ? 13.206  6.953   10.678  1.00 40.70 ? 31  ARG A N   1 
ATOM   237  C CA  . ARG A 1 31 ? 13.855  7.973   9.844   1.00 40.08 ? 31  ARG A CA  1 
ATOM   238  C C   . ARG A 1 31 ? 13.638  7.817   8.342   1.00 39.48 ? 31  ARG A C   1 
ATOM   239  O O   . ARG A 1 31 ? 13.354  8.791   7.648   1.00 37.71 ? 31  ARG A O   1 
ATOM   240  C CB  . ARG A 1 31 ? 15.366  7.990   10.108  1.00 36.28 ? 31  ARG A CB  1 
ATOM   241  C CG  . ARG A 1 31 ? 16.136  9.003   9.258   1.00 30.85 ? 31  ARG A CG  1 
ATOM   242  C CD  . ARG A 1 31 ? 17.611  8.643   9.152   1.00 34.49 ? 31  ARG A CD  1 
ATOM   243  N NE  . ARG A 1 31 ? 17.817  7.371   8.460   1.00 39.17 ? 31  ARG A NE  1 
ATOM   244  C CZ  . ARG A 1 31 ? 18.938  6.657   8.516   1.00 36.06 ? 31  ARG A CZ  1 
ATOM   245  N NH1 . ARG A 1 31 ? 19.965  7.078   9.240   1.00 34.53 ? 31  ARG A NH1 1 
ATOM   246  N NH2 . ARG A 1 31 ? 19.031  5.513   7.853   1.00 39.01 ? 31  ARG A NH2 1 
ATOM   247  N N   . ASP A 1 32 ? 13.764  6.591   7.848   1.00 38.95 ? 32  ASP A N   1 
ATOM   248  C CA  . ASP A 1 32 ? 13.720  6.353   6.410   1.00 44.06 ? 32  ASP A CA  1 
ATOM   249  C C   . ASP A 1 32 ? 12.296  6.247   5.879   1.00 40.44 ? 32  ASP A C   1 
ATOM   250  O O   . ASP A 1 32 ? 12.074  6.244   4.667   1.00 36.95 ? 32  ASP A O   1 
ATOM   251  C CB  . ASP A 1 32 ? 14.497  5.083   6.063   1.00 42.59 ? 32  ASP A CB  1 
ATOM   252  C CG  . ASP A 1 32 ? 15.964  5.183   6.431   1.00 44.04 ? 32  ASP A CG  1 
ATOM   253  O OD1 . ASP A 1 32 ? 16.507  6.309   6.406   1.00 41.94 ? 32  ASP A OD1 1 
ATOM   254  O OD2 . ASP A 1 32 ? 16.576  4.136   6.735   1.00 43.75 ? 32  ASP A OD2 1 
ATOM   255  N N   . ILE A 1 33 ? 11.331  6.175   6.790   1.00 39.09 ? 33  ILE A N   1 
ATOM   256  C CA  . ILE A 1 33 ? 9.930   6.051   6.410   1.00 37.83 ? 33  ILE A CA  1 
ATOM   257  C C   . ILE A 1 33 ? 9.380   7.425   6.026   1.00 43.60 ? 33  ILE A C   1 
ATOM   258  O O   . ILE A 1 33 ? 9.630   8.410   6.716   1.00 43.22 ? 33  ILE A O   1 
ATOM   259  C CB  . ILE A 1 33 ? 9.087   5.455   7.559   1.00 41.31 ? 33  ILE A CB  1 
ATOM   260  C CG1 . ILE A 1 33 ? 9.620   4.079   7.975   1.00 43.10 ? 33  ILE A CG1 1 
ATOM   261  C CG2 . ILE A 1 33 ? 7.617   5.385   7.181   1.00 41.89 ? 33  ILE A CG2 1 
ATOM   262  C CD1 . ILE A 1 33 ? 9.421   2.996   6.937   1.00 41.41 ? 33  ILE A CD1 1 
ATOM   263  N N   . SER A 1 34 ? 8.642   7.490   4.922   1.00 42.13 ? 34  SER A N   1 
ATOM   264  C CA  . SER A 1 34 ? 8.044   8.745   4.474   1.00 33.36 ? 34  SER A CA  1 
ATOM   265  C C   . SER A 1 34 ? 6.715   9.024   5.173   1.00 35.66 ? 34  SER A C   1 
ATOM   266  O O   . SER A 1 34 ? 5.816   8.184   5.170   1.00 36.60 ? 34  SER A O   1 
ATOM   267  C CB  . SER A 1 34 ? 7.842   8.730   2.957   1.00 36.88 ? 34  SER A CB  1 
ATOM   268  O OG  . SER A 1 34 ? 7.435   10.006  2.493   1.00 35.92 ? 34  SER A OG  1 
ATOM   269  N N   . ARG A 1 35 ? 6.604   10.194  5.793   1.00 37.53 ? 35  ARG A N   1 
ATOM   270  C CA  . ARG A 1 35 ? 5.346   10.612  6.404   1.00 34.55 ? 35  ARG A CA  1 
ATOM   271  C C   . ARG A 1 35 ? 4.299   10.976  5.352   1.00 32.34 ? 35  ARG A C   1 
ATOM   272  O O   . ARG A 1 35 ? 3.128   10.634  5.496   1.00 32.96 ? 35  ARG A O   1 
ATOM   273  C CB  . ARG A 1 35 ? 5.576   11.798  7.338   1.00 35.11 ? 35  ARG A CB  1 
ATOM   274  C CG  . ARG A 1 35 ? 4.313   12.360  7.960   1.00 39.98 ? 35  ARG A CG  1 
ATOM   275  C CD  . ARG A 1 35 ? 4.628   13.616  8.746   1.00 40.73 ? 35  ARG A CD  1 
ATOM   276  N NE  . ARG A 1 35 ? 5.474   14.518  7.970   1.00 44.46 ? 35  ARG A NE  1 
ATOM   277  C CZ  . ARG A 1 35 ? 5.171   15.781  7.690   1.00 57.05 ? 35  ARG A CZ  1 
ATOM   278  N NH1 . ARG A 1 35 ? 4.039   16.312  8.132   1.00 61.04 ? 35  ARG A NH1 1 
ATOM   279  N NH2 . ARG A 1 35 ? 6.008   16.518  6.973   1.00 56.56 ? 35  ARG A NH2 1 
ATOM   280  N N   . ASN A 1 36 ? 4.734   11.649  4.287   1.00 32.85 ? 36  ASN A N   1 
ATOM   281  C CA  . ASN A 1 36 ? 3.833   12.061  3.208   1.00 32.53 ? 36  ASN A CA  1 
ATOM   282  C C   . ASN A 1 36 ? 3.213   10.848  2.558   1.00 32.43 ? 36  ASN A C   1 
ATOM   283  O O   . ASN A 1 36 ? 2.055   10.873  2.148   1.00 30.36 ? 36  ASN A O   1 
ATOM   284  C CB  . ASN A 1 36 ? 4.561   12.886  2.161   1.00 35.72 ? 36  ASN A CB  1 
ATOM   285  C CG  . ASN A 1 36 ? 4.904   14.265  2.653   1.00 40.01 ? 36  ASN A CG  1 
ATOM   286  O OD1 . ASN A 1 36 ? 4.274   14.782  3.578   1.00 33.53 ? 36  ASN A OD1 1 
ATOM   287  N ND2 . ASN A 1 36 ? 5.897   14.883  2.028   1.00 40.06 ? 36  ASN A ND2 1 
ATOM   288  N N   . MET A 1 37 ? 4.003   9.782   2.485   1.00 34.56 ? 37  MET A N   1 
ATOM   289  C CA  . MET A 1 37 ? 3.533   8.516   1.961   1.00 30.62 ? 37  MET A CA  1 
ATOM   290  C C   . MET A 1 37 ? 2.359   7.993   2.774   1.00 32.70 ? 37  MET A C   1 
ATOM   291  O O   . MET A 1 37 ? 1.263   7.773   2.253   1.00 37.54 ? 37  MET A O   1 
ATOM   292  C CB  . MET A 1 37 ? 4.638   7.455   2.002   1.00 30.17 ? 37  MET A CB  1 
ATOM   293  C CG  . MET A 1 37 ? 3.987   6.070   1.968   1.00 36.34 ? 37  MET A CG  1 
ATOM   294  S SD  . MET A 1 37 ? 4.542   4.816   0.810   1.00 55.80 ? 37  MET A SD  1 
ATOM   295  C CE  . MET A 1 37 ? 5.531   3.752   1.846   1.00 44.44 ? 37  MET A CE  1 
ATOM   296  N N   . TYR A 1 38 ? 2.613   7.796   4.063   1.00 29.90 ? 38  TYR A N   1 
ATOM   297  C CA  . TYR A 1 38 ? 1.639   7.204   4.958   1.00 35.32 ? 38  TYR A CA  1 
ATOM   298  C C   . TYR A 1 38 ? 0.437   8.102   5.214   1.00 34.33 ? 38  TYR A C   1 
ATOM   299  O O   . TYR A 1 38 ? -0.678  7.608   5.358   1.00 38.12 ? 38  TYR A O   1 
ATOM   300  C CB  . TYR A 1 38 ? 2.318   6.795   6.260   1.00 36.55 ? 38  TYR A CB  1 
ATOM   301  C CG  . TYR A 1 38 ? 3.001   5.454   6.119   1.00 31.02 ? 38  TYR A CG  1 
ATOM   302  C CD1 . TYR A 1 38 ? 4.242   5.339   5.509   1.00 35.02 ? 38  TYR A CD1 1 
ATOM   303  C CD2 . TYR A 1 38 ? 2.375   4.295   6.544   1.00 33.55 ? 38  TYR A CD2 1 
ATOM   304  C CE1 . TYR A 1 38 ? 4.856   4.111   5.366   1.00 31.02 ? 38  TYR A CE1 1 
ATOM   305  C CE2 . TYR A 1 38 ? 2.977   3.065   6.400   1.00 36.71 ? 38  TYR A CE2 1 
ATOM   306  C CZ  . TYR A 1 38 ? 4.217   2.977   5.811   1.00 36.76 ? 38  TYR A CZ  1 
ATOM   307  O OH  . TYR A 1 38 ? 4.817   1.749   5.673   1.00 40.68 ? 38  TYR A OH  1 
ATOM   308  N N   . ILE A 1 39 ? 0.661   9.411   5.296   1.00 33.47 ? 39  ILE A N   1 
ATOM   309  C CA  . ILE A 1 39 ? -0.451  10.357  5.347   1.00 34.42 ? 39  ILE A CA  1 
ATOM   310  C C   . ILE A 1 39 ? -1.335  10.174  4.113   1.00 37.30 ? 39  ILE A C   1 
ATOM   311  O O   . ILE A 1 39 ? -2.552  10.011  4.224   1.00 33.57 ? 39  ILE A O   1 
ATOM   312  C CB  . ILE A 1 39 ? 0.039   11.819  5.418   1.00 37.53 ? 39  ILE A CB  1 
ATOM   313  C CG1 . ILE A 1 39 ? 0.659   12.117  6.789   1.00 26.65 ? 39  ILE A CG1 1 
ATOM   314  C CG2 . ILE A 1 39 ? -1.107  12.780  5.160   1.00 32.55 ? 39  ILE A CG2 1 
ATOM   315  C CD1 . ILE A 1 39 ? 0.961   13.578  7.007   1.00 41.39 ? 39  ILE A CD1 1 
ATOM   316  N N   . MET A 1 40 ? -0.706  10.206  2.943   1.00 36.97 ? 40  MET A N   1 
ATOM   317  C CA  . MET A 1 40 ? -1.401  10.085  1.668   1.00 36.52 ? 40  MET A CA  1 
ATOM   318  C C   . MET A 1 40 ? -2.062  8.717   1.532   1.00 40.45 ? 40  MET A C   1 
ATOM   319  O O   . MET A 1 40 ? -3.176  8.599   1.019   1.00 39.06 ? 40  MET A O   1 
ATOM   320  C CB  . MET A 1 40 ? -0.410  10.299  0.521   1.00 34.30 ? 40  MET A CB  1 
ATOM   321  C CG  . MET A 1 40 ? -0.379  11.689  -0.070  1.00 39.13 ? 40  MET A CG  1 
ATOM   322  S SD  . MET A 1 40 ? 0.851   11.793  -1.392  1.00 45.20 ? 40  MET A SD  1 
ATOM   323  C CE  . MET A 1 40 ? -0.103  11.261  -2.812  1.00 34.75 ? 40  MET A CE  1 
ATOM   324  N N   . PHE A 1 41 ? -1.368  7.690   2.015   1.00 35.02 ? 41  PHE A N   1 
ATOM   325  C CA  . PHE A 1 41 ? -1.851  6.314   1.928   1.00 38.38 ? 41  PHE A CA  1 
ATOM   326  C C   . PHE A 1 41 ? -3.069  6.131   2.824   1.00 38.30 ? 41  PHE A C   1 
ATOM   327  O O   . PHE A 1 41 ? -3.994  5.395   2.489   1.00 35.45 ? 41  PHE A O   1 
ATOM   328  C CB  . PHE A 1 41 ? -0.745  5.326   2.315   1.00 37.09 ? 41  PHE A CB  1 
ATOM   329  C CG  . PHE A 1 41 ? -0.975  3.923   1.820   1.00 38.92 ? 41  PHE A CG  1 
ATOM   330  C CD1 . PHE A 1 41 ? -0.553  3.547   0.552   1.00 40.22 ? 41  PHE A CD1 1 
ATOM   331  C CD2 . PHE A 1 41 ? -1.601  2.978   2.621   1.00 30.73 ? 41  PHE A CD2 1 
ATOM   332  C CE1 . PHE A 1 41 ? -0.757  2.260   0.089   1.00 36.94 ? 41  PHE A CE1 1 
ATOM   333  C CE2 . PHE A 1 41 ? -1.807  1.690   2.162   1.00 31.67 ? 41  PHE A CE2 1 
ATOM   334  C CZ  . PHE A 1 41 ? -1.385  1.329   0.894   1.00 37.08 ? 41  PHE A CZ  1 
ATOM   335  N N   . PHE A 1 42 ? -3.057  6.820   3.962   1.00 38.81 ? 42  PHE A N   1 
ATOM   336  C CA  . PHE A 1 42 ? -4.130  6.742   4.944   1.00 34.29 ? 42  PHE A CA  1 
ATOM   337  C C   . PHE A 1 42 ? -5.458  7.234   4.393   1.00 37.72 ? 42  PHE A C   1 
ATOM   338  O O   . PHE A 1 42 ? -6.491  6.590   4.578   1.00 41.49 ? 42  PHE A O   1 
ATOM   339  C CB  . PHE A 1 42 ? -3.748  7.561   6.178   1.00 35.71 ? 42  PHE A CB  1 
ATOM   340  C CG  . PHE A 1 42 ? -4.873  7.768   7.154   1.00 41.79 ? 42  PHE A CG  1 
ATOM   341  C CD1 . PHE A 1 42 ? -5.121  6.847   8.156   1.00 36.00 ? 42  PHE A CD1 1 
ATOM   342  C CD2 . PHE A 1 42 ? -5.664  8.905   7.086   1.00 44.01 ? 42  PHE A CD2 1 
ATOM   343  C CE1 . PHE A 1 42 ? -6.148  7.052   9.063   1.00 36.17 ? 42  PHE A CE1 1 
ATOM   344  C CE2 . PHE A 1 42 ? -6.694  9.108   7.983   1.00 40.99 ? 42  PHE A CE2 1 
ATOM   345  C CZ  . PHE A 1 42 ? -6.937  8.181   8.973   1.00 34.76 ? 42  PHE A CZ  1 
ATOM   346  N N   . LEU A 1 43 ? -5.425  8.377   3.716   1.00 37.93 ? 43  LEU A N   1 
ATOM   347  C CA  . LEU A 1 43 ? -6.626  8.941   3.118   1.00 34.87 ? 43  LEU A CA  1 
ATOM   348  C C   . LEU A 1 43 ? -7.114  8.023   2.008   1.00 37.93 ? 43  LEU A C   1 
ATOM   349  O O   . LEU A 1 43 ? -8.313  7.919   1.761   1.00 37.64 ? 43  LEU A O   1 
ATOM   350  C CB  . LEU A 1 43 ? -6.360  10.348  2.576   1.00 38.16 ? 43  LEU A CB  1 
ATOM   351  C CG  . LEU A 1 43 ? -6.048  11.468  3.576   1.00 32.40 ? 43  LEU A CG  1 
ATOM   352  C CD1 . LEU A 1 43 ? -5.656  12.742  2.840   1.00 42.02 ? 43  LEU A CD1 1 
ATOM   353  C CD2 . LEU A 1 43 ? -7.231  11.729  4.490   1.00 37.51 ? 43  LEU A CD2 1 
ATOM   354  N N   . GLY A 1 44 ? -6.172  7.360   1.343   1.00 42.52 ? 44  GLY A N   1 
ATOM   355  C CA  . GLY A 1 44 ? -6.493  6.461   0.251   1.00 35.38 ? 44  GLY A CA  1 
ATOM   356  C C   . GLY A 1 44 ? -7.301  5.246   0.662   1.00 38.67 ? 44  GLY A C   1 
ATOM   357  O O   . GLY A 1 44 ? -8.329  4.951   0.051   1.00 43.22 ? 44  GLY A O   1 
ATOM   358  N N   . VAL A 1 45 ? -6.833  4.534   1.686   1.00 33.74 ? 45  VAL A N   1 
ATOM   359  C CA  . VAL A 1 45 ? -7.506  3.319   2.139   1.00 38.83 ? 45  VAL A CA  1 
ATOM   360  C C   . VAL A 1 45 ? -8.917  3.632   2.631   1.00 39.29 ? 45  VAL A C   1 
ATOM   361  O O   . VAL A 1 45 ? -9.821  2.806   2.490   1.00 38.33 ? 45  VAL A O   1 
ATOM   362  C CB  . VAL A 1 45 ? -6.706  2.579   3.250   1.00 35.38 ? 45  VAL A CB  1 
ATOM   363  C CG1 . VAL A 1 45 ? -5.232  2.488   2.885   1.00 31.97 ? 45  VAL A CG1 1 
ATOM   364  C CG2 . VAL A 1 45 ? -6.882  3.232   4.602   1.00 38.44 ? 45  VAL A CG2 1 
ATOM   365  N N   . VAL A 1 46 ? -9.103  4.823   3.201   1.00 37.01 ? 46  VAL A N   1 
ATOM   366  C CA  . VAL A 1 46 ? -10.421 5.274   3.626   1.00 40.50 ? 46  VAL A CA  1 
ATOM   367  C C   . VAL A 1 46 ? -11.316 5.437   2.416   1.00 45.65 ? 46  VAL A C   1 
ATOM   368  O O   . VAL A 1 46 ? -12.459 4.986   2.404   1.00 49.63 ? 46  VAL A O   1 
ATOM   369  C CB  . VAL A 1 46 ? -10.360 6.620   4.377   1.00 41.04 ? 46  VAL A CB  1 
ATOM   370  C CG1 . VAL A 1 46 ? -11.748 7.253   4.456   1.00 41.27 ? 46  VAL A CG1 1 
ATOM   371  C CG2 . VAL A 1 46 ? -9.760  6.441   5.757   1.00 33.32 ? 46  VAL A CG2 1 
ATOM   372  N N   . LEU A 1 47 ? -10.770 6.074   1.388   1.00 35.19 ? 47  LEU A N   1 
ATOM   373  C CA  . LEU A 1 47 ? -11.504 6.307   0.158   1.00 38.10 ? 47  LEU A CA  1 
ATOM   374  C C   . LEU A 1 47 ? -11.712 4.996   -0.602  1.00 41.18 ? 47  LEU A C   1 
ATOM   375  O O   . LEU A 1 47 ? -12.684 4.839   -1.339  1.00 41.03 ? 47  LEU A O   1 
ATOM   376  C CB  . LEU A 1 47 ? -10.775 7.341   -0.698  1.00 35.96 ? 47  LEU A CB  1 
ATOM   377  C CG  . LEU A 1 47 ? -11.149 8.788   -0.347  1.00 36.82 ? 47  LEU A CG  1 
ATOM   378  C CD1 . LEU A 1 47 ? -10.720 9.756   -1.429  1.00 35.31 ? 47  LEU A CD1 1 
ATOM   379  C CD2 . LEU A 1 47 ? -12.637 8.916   -0.080  1.00 44.42 ? 47  LEU A CD2 1 
ATOM   380  N N   . TRP A 1 48 ? -10.793 4.056   -0.421  1.00 34.79 ? 48  TRP A N   1 
ATOM   381  C CA  . TRP A 1 48 ? -10.957 2.719   -0.975  1.00 36.89 ? 48  TRP A CA  1 
ATOM   382  C C   . TRP A 1 48 ? -12.076 1.984   -0.238  1.00 40.60 ? 48  TRP A C   1 
ATOM   383  O O   . TRP A 1 48 ? -12.816 1.197   -0.827  1.00 40.08 ? 48  TRP A O   1 
ATOM   384  C CB  . TRP A 1 48 ? -9.657  1.923   -0.864  1.00 40.26 ? 48  TRP A CB  1 
ATOM   385  C CG  . TRP A 1 48 ? -8.688  2.080   -2.003  1.00 34.64 ? 48  TRP A CG  1 
ATOM   386  C CD1 . TRP A 1 48 ? -7.378  2.460   -1.914  1.00 34.07 ? 48  TRP A CD1 1 
ATOM   387  C CD2 . TRP A 1 48 ? -8.937  1.837   -3.391  1.00 34.43 ? 48  TRP A CD2 1 
ATOM   388  N NE1 . TRP A 1 48 ? -6.799  2.473   -3.159  1.00 37.71 ? 48  TRP A NE1 1 
ATOM   389  C CE2 . TRP A 1 48 ? -7.739  2.094   -4.088  1.00 36.29 ? 48  TRP A CE2 1 
ATOM   390  C CE3 . TRP A 1 48 ? -10.060 1.430   -4.120  1.00 36.14 ? 48  TRP A CE3 1 
ATOM   391  C CZ2 . TRP A 1 48 ? -7.630  1.960   -5.470  1.00 40.09 ? 48  TRP A CZ2 1 
ATOM   392  C CZ3 . TRP A 1 48 ? -9.951  1.296   -5.491  1.00 40.16 ? 48  TRP A CZ3 1 
ATOM   393  C CH2 . TRP A 1 48 ? -8.747  1.561   -6.151  1.00 40.60 ? 48  TRP A CH2 1 
ATOM   394  N N   . PHE A 1 49 ? -12.183 2.247   1.062   1.00 36.05 ? 49  PHE A N   1 
ATOM   395  C CA  . PHE A 1 49 ? -13.197 1.615   1.899   1.00 41.08 ? 49  PHE A CA  1 
ATOM   396  C C   . PHE A 1 49 ? -14.610 1.981   1.454   1.00 43.40 ? 49  PHE A C   1 
ATOM   397  O O   . PHE A 1 49 ? -15.477 1.112   1.367   1.00 43.57 ? 49  PHE A O   1 
ATOM   398  C CB  . PHE A 1 49 ? -13.002 2.005   3.363   1.00 42.33 ? 49  PHE A CB  1 
ATOM   399  C CG  . PHE A 1 49 ? -14.140 1.597   4.251   1.00 38.17 ? 49  PHE A CG  1 
ATOM   400  C CD1 . PHE A 1 49 ? -14.424 0.258   4.469   1.00 39.05 ? 49  PHE A CD1 1 
ATOM   401  C CD2 . PHE A 1 49 ? -14.947 2.552   4.848   1.00 39.15 ? 49  PHE A CD2 1 
ATOM   402  C CE1 . PHE A 1 49 ? -15.481 -0.118  5.282   1.00 45.71 ? 49  PHE A CE1 1 
ATOM   403  C CE2 . PHE A 1 49 ? -16.005 2.182   5.659   1.00 36.25 ? 49  PHE A CE2 1 
ATOM   404  C CZ  . PHE A 1 49 ? -16.273 0.847   5.876   1.00 38.70 ? 49  PHE A CZ  1 
ATOM   405  N N   . VAL A 1 50 ? -14.841 3.266   1.193   1.00 44.17 ? 50  VAL A N   1 
ATOM   406  C CA  . VAL A 1 50 ? -16.136 3.720   0.689   1.00 47.26 ? 50  VAL A CA  1 
ATOM   407  C C   . VAL A 1 50 ? -16.402 3.163   -0.697  1.00 42.19 ? 50  VAL A C   1 
ATOM   408  O O   . VAL A 1 50 ? -17.508 2.712   -0.987  1.00 46.46 ? 50  VAL A O   1 
ATOM   409  C CB  . VAL A 1 50 ? -16.243 5.262   0.610   1.00 45.61 ? 50  VAL A CB  1 
ATOM   410  C CG1 . VAL A 1 50 ? -17.050 5.811   1.753   1.00 53.01 ? 50  VAL A CG1 1 
ATOM   411  C CG2 . VAL A 1 50 ? -14.886 5.893   0.587   1.00 47.29 ? 50  VAL A CG2 1 
ATOM   412  N N   . TYR A 1 51 ? -15.391 3.228   -1.558  1.00 40.49 ? 51  TYR A N   1 
ATOM   413  C CA  . TYR A 1 51 ? -15.488 2.658   -2.894  1.00 38.23 ? 51  TYR A CA  1 
ATOM   414  C C   . TYR A 1 51 ? -15.911 1.200   -2.807  1.00 45.79 ? 51  TYR A C   1 
ATOM   415  O O   . TYR A 1 51 ? -16.764 0.746   -3.567  1.00 42.93 ? 51  TYR A O   1 
ATOM   416  C CB  . TYR A 1 51 ? -14.163 2.781   -3.645  1.00 38.74 ? 51  TYR A CB  1 
ATOM   417  C CG  . TYR A 1 51 ? -14.233 2.265   -5.065  1.00 40.45 ? 51  TYR A CG  1 
ATOM   418  C CD1 . TYR A 1 51 ? -14.900 2.984   -6.047  1.00 38.94 ? 51  TYR A CD1 1 
ATOM   419  C CD2 . TYR A 1 51 ? -13.635 1.066   -5.426  1.00 39.17 ? 51  TYR A CD2 1 
ATOM   420  C CE1 . TYR A 1 51 ? -14.973 2.526   -7.347  1.00 31.77 ? 51  TYR A CE1 1 
ATOM   421  C CE2 . TYR A 1 51 ? -13.704 0.600   -6.731  1.00 40.35 ? 51  TYR A CE2 1 
ATOM   422  C CZ  . TYR A 1 51 ? -14.372 1.334   -7.684  1.00 41.22 ? 51  TYR A CZ  1 
ATOM   423  O OH  . TYR A 1 51 ? -14.445 0.878   -8.980  1.00 38.27 ? 51  TYR A OH  1 
ATOM   424  N N   . GLY A 1 52 ? -15.305 0.474   -1.875  1.00 46.19 ? 52  GLY A N   1 
ATOM   425  C CA  . GLY A 1 52 ? -15.622 -0.925  -1.672  1.00 45.29 ? 52  GLY A CA  1 
ATOM   426  C C   . GLY A 1 52 ? -17.048 -1.179  -1.226  1.00 50.64 ? 52  GLY A C   1 
ATOM   427  O O   . GLY A 1 52 ? -17.641 -2.199  -1.573  1.00 47.43 ? 52  GLY A O   1 
ATOM   428  N N   . ILE A 1 53 ? -17.597 -0.251  -0.448  1.00 46.60 ? 53  ILE A N   1 
ATOM   429  C CA  . ILE A 1 53 ? -18.995 -0.318  -0.042  1.00 43.63 ? 53  ILE A CA  1 
ATOM   430  C C   . ILE A 1 53 ? -19.909 -0.140  -1.247  1.00 43.36 ? 53  ILE A C   1 
ATOM   431  O O   . ILE A 1 53 ? -20.815 -0.939  -1.490  1.00 46.53 ? 53  ILE A O   1 
ATOM   432  C CB  . ILE A 1 53 ? -19.339 0.771   0.992   1.00 45.21 ? 53  ILE A CB  1 
ATOM   433  C CG1 . ILE A 1 53 ? -18.510 0.613   2.270   1.00 45.91 ? 53  ILE A CG1 1 
ATOM   434  C CG2 . ILE A 1 53 ? -20.835 0.766   1.284   1.00 40.13 ? 53  ILE A CG2 1 
ATOM   435  C CD1 . ILE A 1 53 ? -18.929 -0.548  3.133   1.00 49.22 ? 53  ILE A CD1 1 
ATOM   436  N N   . LEU A 1 54 ? -19.648 0.925   -1.997  1.00 43.19 ? 54  LEU A N   1 
ATOM   437  C CA  . LEU A 1 54 ? -20.427 1.303   -3.172  1.00 49.14 ? 54  LEU A CA  1 
ATOM   438  C C   . LEU A 1 54 ? -20.337 0.261   -4.285  1.00 49.73 ? 54  LEU A C   1 
ATOM   439  O O   . LEU A 1 54 ? -21.189 0.209   -5.171  1.00 58.70 ? 54  LEU A O   1 
ATOM   440  C CB  . LEU A 1 54 ? -19.945 2.661   -3.683  1.00 41.17 ? 54  LEU A CB  1 
ATOM   441  C CG  . LEU A 1 54 ? -20.615 3.938   -3.162  1.00 46.93 ? 54  LEU A CG  1 
ATOM   442  C CD1 . LEU A 1 54 ? -20.973 3.827   -1.687  1.00 48.47 ? 54  LEU A CD1 1 
ATOM   443  C CD2 . LEU A 1 54 ? -19.708 5.137   -3.408  1.00 48.71 ? 54  LEU A CD2 1 
ATOM   444  N N   . ARG A 1 55 ? -19.301 -0.566  -4.225  1.00 45.15 ? 55  ARG A N   1 
ATOM   445  C CA  . ARG A 1 55 ? -19.095 -1.633  -5.199  1.00 45.10 ? 55  ARG A CA  1 
ATOM   446  C C   . ARG A 1 55 ? -19.686 -2.953  -4.718  1.00 50.56 ? 55  ARG A C   1 
ATOM   447  O O   . ARG A 1 55 ? -19.822 -3.893  -5.503  1.00 52.72 ? 55  ARG A O   1 
ATOM   448  C CB  . ARG A 1 55 ? -17.601 -1.831  -5.479  1.00 44.38 ? 55  ARG A CB  1 
ATOM   449  C CG  . ARG A 1 55 ? -16.984 -1.005  -6.607  1.00 50.37 ? 55  ARG A CG  1 
ATOM   450  C CD  . ARG A 1 55 ? -17.393 -1.555  -7.963  1.00 50.34 ? 55  ARG A CD  1 
ATOM   451  N NE  . ARG A 1 55 ? -17.251 -0.585  -9.041  1.00 57.11 ? 55  ARG A NE  1 
ATOM   452  C CZ  . ARG A 1 55 ? -17.677 -0.791  -10.283 1.00 64.89 ? 55  ARG A CZ  1 
ATOM   453  N NH1 . ARG A 1 55 ? -18.308 -1.916  -10.592 1.00 63.10 ? 55  ARG A NH1 1 
ATOM   454  N NH2 . ARG A 1 55 ? -17.501 0.140   -11.213 1.00 59.10 ? 55  ARG A NH2 1 
ATOM   455  N N   . SER A 1 56 ? -20.015 -3.019  -3.427  1.00 45.95 ? 56  SER A N   1 
ATOM   456  C CA  . SER A 1 56 ? -20.404 -4.270  -2.775  1.00 45.42 ? 56  SER A CA  1 
ATOM   457  C C   . SER A 1 56 ? -19.277 -5.287  -2.963  1.00 50.79 ? 56  SER A C   1 
ATOM   458  O O   . SER A 1 56 ? -19.498 -6.497  -3.013  1.00 47.35 ? 56  SER A O   1 
ATOM   459  C CB  . SER A 1 56 ? -21.731 -4.797  -3.325  1.00 51.40 ? 56  SER A CB  1 
ATOM   460  N N   . ASP A 1 57 ? -18.063 -4.757  -3.046  1.00 50.15 ? 57  ASP A N   1 
ATOM   461  C CA  . ASP A 1 57 ? -16.846 -5.532  -3.233  1.00 46.93 ? 57  ASP A CA  1 
ATOM   462  C C   . ASP A 1 57 ? -16.261 -5.867  -1.871  1.00 42.79 ? 57  ASP A C   1 
ATOM   463  O O   . ASP A 1 57 ? -15.670 -5.023  -1.206  1.00 41.07 ? 57  ASP A O   1 
ATOM   464  C CB  . ASP A 1 57 ? -15.855 -4.744  -4.083  1.00 42.25 ? 57  ASP A CB  1 
ATOM   465  C CG  . ASP A 1 57 ? -14.903 -5.627  -4.865  1.00 46.01 ? 57  ASP A CG  1 
ATOM   466  O OD1 . ASP A 1 57 ? -14.010 -6.247  -4.249  1.00 48.93 ? 57  ASP A OD1 1 
ATOM   467  O OD2 . ASP A 1 57 ? -15.044 -5.694  -6.103  1.00 46.60 ? 57  ASP A OD2 1 
ATOM   468  N N   . LEU A 1 58 ? -16.438 -7.114  -1.459  1.00 44.84 ? 58  LEU A N   1 
ATOM   469  C CA  . LEU A 1 58 ? -16.123 -7.505  -0.100  1.00 42.42 ? 58  LEU A CA  1 
ATOM   470  C C   . LEU A 1 58 ? -14.613 -7.557  0.221   1.00 41.98 ? 58  LEU A C   1 
ATOM   471  O O   . LEU A 1 58 ? -14.201 -6.977  1.232   1.00 40.62 ? 58  LEU A O   1 
ATOM   472  C CB  . LEU A 1 58 ? -16.785 -8.853  0.213   1.00 33.86 ? 58  LEU A CB  1 
ATOM   473  C CG  . LEU A 1 58 ? -18.292 -8.782  0.485   1.00 32.20 ? 58  LEU A CG  1 
ATOM   474  C CD1 . LEU A 1 58 ? -18.795 -9.958  1.315   1.00 25.70 ? 58  LEU A CD1 1 
ATOM   475  C CD2 . LEU A 1 58 ? -18.663 -7.467  1.136   1.00 40.36 ? 58  LEU A CD2 1 
ATOM   476  N N   . PRO A 1 59 ? -13.789 -8.245  -0.606  1.00 37.74 ? 59  PRO A N   1 
ATOM   477  C CA  . PRO A 1 59 ? -12.345 -8.250  -0.326  1.00 39.16 ? 59  PRO A CA  1 
ATOM   478  C C   . PRO A 1 59 ? -11.713 -6.863  -0.228  1.00 41.64 ? 59  PRO A C   1 
ATOM   479  O O   . PRO A 1 59 ? -10.807 -6.690  0.581   1.00 38.98 ? 59  PRO A O   1 
ATOM   480  C CB  . PRO A 1 59 ? -11.761 -9.025  -1.517  1.00 37.20 ? 59  PRO A CB  1 
ATOM   481  C CG  . PRO A 1 59 ? -12.817 -9.006  -2.549  1.00 41.50 ? 59  PRO A CG  1 
ATOM   482  C CD  . PRO A 1 59 ? -14.099 -9.026  -1.813  1.00 39.78 ? 59  PRO A CD  1 
ATOM   483  N N   . ILE A 1 60 ? -12.169 -5.898  -1.021  1.00 42.13 ? 60  ILE A N   1 
ATOM   484  C CA  . ILE A 1 60 ? -11.619 -4.548  -0.942  1.00 42.03 ? 60  ILE A CA  1 
ATOM   485  C C   . ILE A 1 60 ? -12.189 -3.814  0.277   1.00 40.23 ? 60  ILE A C   1 
ATOM   486  O O   . ILE A 1 60 ? -11.575 -2.877  0.781   1.00 43.93 ? 60  ILE A O   1 
ATOM   487  C CB  . ILE A 1 60 ? -11.881 -3.735  -2.232  1.00 47.76 ? 60  ILE A CB  1 
ATOM   488  C CG1 . ILE A 1 60 ? -10.997 -2.486  -2.281  1.00 50.67 ? 60  ILE A CG1 1 
ATOM   489  C CG2 . ILE A 1 60 ? -13.322 -3.346  -2.329  1.00 47.34 ? 60  ILE A CG2 1 
ATOM   490  C CD1 . ILE A 1 60 ? -10.688 -1.994  -3.675  1.00 47.87 ? 60  ILE A CD1 1 
ATOM   491  N N   . ILE A 1 61 ? -13.356 -4.238  0.754   1.00 37.79 ? 61  ILE A N   1 
ATOM   492  C CA  . ILE A 1 61 ? -13.898 -3.677  1.988   1.00 41.43 ? 61  ILE A CA  1 
ATOM   493  C C   . ILE A 1 61 ? -13.081 -4.160  3.176   1.00 38.96 ? 61  ILE A C   1 
ATOM   494  O O   . ILE A 1 61 ? -12.636 -3.365  4.004   1.00 36.93 ? 61  ILE A O   1 
ATOM   495  C CB  . ILE A 1 61 ? -15.373 -4.057  2.222   1.00 38.11 ? 61  ILE A CB  1 
ATOM   496  C CG1 . ILE A 1 61 ? -16.286 -3.310  1.257   1.00 39.39 ? 61  ILE A CG1 1 
ATOM   497  C CG2 . ILE A 1 61 ? -15.796 -3.698  3.630   1.00 37.07 ? 61  ILE A CG2 1 
ATOM   498  C CD1 . ILE A 1 61 ? -17.707 -3.832  1.235   1.00 38.23 ? 61  ILE A CD1 1 
ATOM   499  N N   . LEU A 1 62 ? -12.892 -5.473  3.253   1.00 35.83 ? 62  LEU A N   1 
ATOM   500  C CA  . LEU A 1 62 ? -12.144 -6.072  4.348   1.00 38.75 ? 62  LEU A CA  1 
ATOM   501  C C   . LEU A 1 62 ? -10.686 -5.630  4.347   1.00 40.85 ? 62  LEU A C   1 
ATOM   502  O O   . LEU A 1 62 ? -10.152 -5.253  5.386   1.00 41.30 ? 62  LEU A O   1 
ATOM   503  C CB  . LEU A 1 62 ? -12.215 -7.598  4.278   1.00 36.84 ? 62  LEU A CB  1 
ATOM   504  C CG  . LEU A 1 62 ? -11.346 -8.327  5.310   1.00 35.07 ? 62  LEU A CG  1 
ATOM   505  C CD1 . LEU A 1 62 ? -11.950 -8.213  6.701   1.00 38.40 ? 62  LEU A CD1 1 
ATOM   506  C CD2 . LEU A 1 62 ? -11.119 -9.782  4.928   1.00 43.34 ? 62  LEU A CD2 1 
ATOM   507  N N   . ALA A 1 63 ? -10.044 -5.698  3.182   1.00 39.45 ? 63  ALA A N   1 
ATOM   508  C CA  . ALA A 1 63 ? -8.630  -5.361  3.067   1.00 42.72 ? 63  ALA A CA  1 
ATOM   509  C C   . ALA A 1 63 ? -8.312  -3.980  3.625   1.00 42.01 ? 63  ALA A C   1 
ATOM   510  O O   . ALA A 1 63 ? -7.348  -3.813  4.363   1.00 43.64 ? 63  ALA A O   1 
ATOM   511  C CB  . ALA A 1 63 ? -8.184  -5.447  1.620   1.00 39.33 ? 63  ALA A CB  1 
ATOM   512  N N   . ASN A 1 64 ? -9.144  -2.999  3.291   1.00 40.61 ? 64  ASN A N   1 
ATOM   513  C CA  . ASN A 1 64 ? -8.873  -1.615  3.659   1.00 44.85 ? 64  ASN A CA  1 
ATOM   514  C C   . ASN A 1 64 ? -9.172  -1.275  5.119   1.00 39.08 ? 64  ASN A C   1 
ATOM   515  O O   . ASN A 1 64 ? -8.589  -0.340  5.666   1.00 33.64 ? 64  ASN A O   1 
ATOM   516  C CB  . ASN A 1 64 ? -9.653  -0.677  2.745   1.00 36.32 ? 64  ASN A CB  1 
ATOM   517  C CG  . ASN A 1 64 ? -9.137  -0.694  1.324   1.00 40.49 ? 64  ASN A CG  1 
ATOM   518  O OD1 . ASN A 1 64 ? -8.037  -0.216  1.045   1.00 43.45 ? 64  ASN A OD1 1 
ATOM   519  N ND2 . ASN A 1 64 ? -9.925  -1.246  0.418   1.00 39.51 ? 64  ASN A ND2 1 
ATOM   520  N N   . VAL A 1 65 ? -10.073 -2.020  5.751   1.00 38.29 ? 65  VAL A N   1 
ATOM   521  C CA  . VAL A 1 65 ? -10.368 -1.792  7.163   1.00 38.58 ? 65  VAL A CA  1 
ATOM   522  C C   . VAL A 1 65 ? -9.223  -2.310  8.031   1.00 42.49 ? 65  VAL A C   1 
ATOM   523  O O   . VAL A 1 65 ? -8.857  -1.687  9.030   1.00 43.07 ? 65  VAL A O   1 
ATOM   524  C CB  . VAL A 1 65 ? -11.698 -2.458  7.592   1.00 36.28 ? 65  VAL A CB  1 
ATOM   525  C CG1 . VAL A 1 65 ? -11.790 -2.569  9.104   1.00 37.27 ? 65  VAL A CG1 1 
ATOM   526  C CG2 . VAL A 1 65 ? -12.879 -1.675  7.060   1.00 41.49 ? 65  VAL A CG2 1 
ATOM   527  N N   . VAL A 1 66 ? -8.626  -3.423  7.617   1.00 35.84 ? 66  VAL A N   1 
ATOM   528  C CA  . VAL A 1 66 ? -7.518  -4.001  8.366   1.00 39.46 ? 66  VAL A CA  1 
ATOM   529  C C   . VAL A 1 66 ? -6.227  -3.205  8.139   1.00 40.10 ? 66  VAL A C   1 
ATOM   530  O O   . VAL A 1 66 ? -5.453  -3.008  9.081   1.00 44.05 ? 66  VAL A O   1 
ATOM   531  C CB  . VAL A 1 66 ? -7.289  -5.480  7.986   1.00 34.33 ? 66  VAL A CB  1 
ATOM   532  C CG1 . VAL A 1 66 ? -6.293  -6.129  8.933   1.00 36.04 ? 66  VAL A CG1 1 
ATOM   533  C CG2 . VAL A 1 66 ? -8.606  -6.242  8.009   1.00 35.79 ? 66  VAL A CG2 1 
ATOM   534  N N   . THR A 1 67 ? -5.995  -2.742  6.909   1.00 35.89 ? 67  THR A N   1 
ATOM   535  C CA  . THR A 1 67 ? -4.804  -1.933  6.620   1.00 37.89 ? 67  THR A CA  1 
ATOM   536  C C   . THR A 1 67 ? -4.862  -0.605  7.346   1.00 36.68 ? 67  THR A C   1 
ATOM   537  O O   . THR A 1 67 ? -3.838  -0.096  7.802   1.00 38.06 ? 67  THR A O   1 
ATOM   538  C CB  . THR A 1 67 ? -4.639  -1.584  5.123   1.00 46.00 ? 67  THR A CB  1 
ATOM   539  O OG1 . THR A 1 67 ? -5.796  -0.872  4.667   1.00 55.72 ? 67  THR A OG1 1 
ATOM   540  C CG2 . THR A 1 67 ? -4.427  -2.811  4.270   1.00 46.29 ? 67  THR A CG2 1 
ATOM   541  N N   . LEU A 1 68 ? -6.074  -0.066  7.464   1.00 39.33 ? 68  LEU A N   1 
ATOM   542  C CA  . LEU A 1 68 ? -6.290  1.217   8.118   1.00 40.96 ? 68  LEU A CA  1 
ATOM   543  C C   . LEU A 1 68 ? -5.728  1.153   9.514   1.00 41.86 ? 68  LEU A C   1 
ATOM   544  O O   . LEU A 1 68 ? -5.083  2.092   9.982   1.00 39.96 ? 68  LEU A O   1 
ATOM   545  C CB  . LEU A 1 68 ? -7.777  1.579   8.147   1.00 33.64 ? 68  LEU A CB  1 
ATOM   546  C CG  . LEU A 1 68 ? -8.096  3.002   8.627   1.00 39.94 ? 68  LEU A CG  1 
ATOM   547  C CD1 . LEU A 1 68 ? -7.235  4.052   7.951   1.00 39.81 ? 68  LEU A CD1 1 
ATOM   548  C CD2 . LEU A 1 68 ? -9.580  3.331   8.505   1.00 34.01 ? 68  LEU A CD2 1 
ATOM   549  N N   . PHE A 1 69 ? -5.959  0.025   10.167  1.00 36.47 ? 69  PHE A N   1 
ATOM   550  C CA  . PHE A 1 69 ? -5.426  -0.205  11.494  1.00 36.27 ? 69  PHE A CA  1 
ATOM   551  C C   . PHE A 1 69 ? -3.901  -0.224  11.448  1.00 37.90 ? 69  PHE A C   1 
ATOM   552  O O   . PHE A 1 69 ? -3.245  0.494   12.200  1.00 40.40 ? 69  PHE A O   1 
ATOM   553  C CB  . PHE A 1 69 ? -5.971  -1.511  12.069  1.00 46.15 ? 69  PHE A CB  1 
ATOM   554  C CG  . PHE A 1 69 ? -5.451  -1.832  13.438  1.00 43.18 ? 69  PHE A CG  1 
ATOM   555  C CD1 . PHE A 1 69 ? -5.911  -1.153  14.554  1.00 39.97 ? 69  PHE A CD1 1 
ATOM   556  C CD2 . PHE A 1 69 ? -4.500  -2.825  13.609  1.00 39.64 ? 69  PHE A CD2 1 
ATOM   557  C CE1 . PHE A 1 69 ? -5.421  -1.454  15.814  1.00 41.46 ? 69  PHE A CE1 1 
ATOM   558  C CE2 . PHE A 1 69 ? -4.012  -3.131  14.863  1.00 39.47 ? 69  PHE A CE2 1 
ATOM   559  C CZ  . PHE A 1 69 ? -4.473  -2.445  15.968  1.00 41.38 ? 69  PHE A CZ  1 
ATOM   560  N N   . PHE A 1 70 ? -3.343  -1.063  10.577  1.00 37.51 ? 70  PHE A N   1 
ATOM   561  C CA  . PHE A 1 70 ? -1.894  -1.186  10.437  1.00 37.62 ? 70  PHE A CA  1 
ATOM   562  C C   . PHE A 1 70 ? -1.223  0.144   10.089  1.00 37.21 ? 70  PHE A C   1 
ATOM   563  O O   . PHE A 1 70 ? -0.187  0.492   10.654  1.00 39.09 ? 70  PHE A O   1 
ATOM   564  C CB  . PHE A 1 70 ? -1.549  -2.216  9.362   1.00 40.97 ? 70  PHE A CB  1 
ATOM   565  C CG  . PHE A 1 70 ? -1.620  -3.642  9.834   1.00 42.91 ? 70  PHE A CG  1 
ATOM   566  C CD1 . PHE A 1 70 ? -2.542  -4.511  9.277   1.00 45.14 ? 70  PHE A CD1 1 
ATOM   567  C CD2 . PHE A 1 70 ? -0.761  -4.120  10.812  1.00 43.36 ? 70  PHE A CD2 1 
ATOM   568  C CE1 . PHE A 1 70 ? -2.621  -5.825  9.688   1.00 39.60 ? 70  PHE A CE1 1 
ATOM   569  C CE2 . PHE A 1 70 ? -0.836  -5.438  11.231  1.00 47.12 ? 70  PHE A CE2 1 
ATOM   570  C CZ  . PHE A 1 70 ? -1.767  -6.292  10.668  1.00 42.49 ? 70  PHE A CZ  1 
ATOM   571  N N   . VAL A 1 71 ? -1.829  0.887   9.165   1.00 37.32 ? 71  VAL A N   1 
ATOM   572  C CA  . VAL A 1 71 ? -1.241  2.126   8.659   1.00 35.40 ? 71  VAL A CA  1 
ATOM   573  C C   . VAL A 1 71 ? -1.284  3.217   9.728   1.00 39.15 ? 71  VAL A C   1 
ATOM   574  O O   . VAL A 1 71 ? -0.419  4.094   9.765   1.00 37.04 ? 71  VAL A O   1 
ATOM   575  C CB  . VAL A 1 71 ? -1.970  2.595   7.370   1.00 34.79 ? 71  VAL A CB  1 
ATOM   576  C CG1 . VAL A 1 71 ? -1.583  4.016   6.983   1.00 30.96 ? 71  VAL A CG1 1 
ATOM   577  C CG2 . VAL A 1 71 ? -1.696  1.625   6.220   1.00 36.79 ? 71  VAL A CG2 1 
ATOM   578  N N   . THR A 1 72 ? -2.250  3.120   10.640  1.00 35.61 ? 72  THR A N   1 
ATOM   579  C CA  . THR A 1 72 ? -2.416  4.125   11.683  1.00 35.82 ? 72  THR A CA  1 
ATOM   580  C C   . THR A 1 72 ? -1.334  3.955   12.742  1.00 38.45 ? 72  THR A C   1 
ATOM   581  O O   . THR A 1 72 ? -0.935  4.919   13.391  1.00 40.54 ? 72  THR A O   1 
ATOM   582  C CB  . THR A 1 72 ? -3.804  4.031   12.358  1.00 39.57 ? 72  THR A CB  1 
ATOM   583  O OG1 . THR A 1 72 ? -4.830  3.974   11.357  1.00 38.86 ? 72  THR A OG1 1 
ATOM   584  C CG2 . THR A 1 72 ? -4.048  5.230   13.279  1.00 37.61 ? 72  THR A CG2 1 
ATOM   585  N N   . ILE A 1 73 ? -0.847  2.727   12.897  1.00 36.83 ? 73  ILE A N   1 
ATOM   586  C CA  . ILE A 1 73 ? 0.195   2.442   13.876  1.00 36.63 ? 73  ILE A CA  1 
ATOM   587  C C   . ILE A 1 73 ? 1.551   2.937   13.382  1.00 39.72 ? 73  ILE A C   1 
ATOM   588  O O   . ILE A 1 73 ? 2.324   3.511   14.143  1.00 39.64 ? 73  ILE A O   1 
ATOM   589  C CB  . ILE A 1 73 ? 0.294   0.930   14.177  1.00 37.97 ? 73  ILE A CB  1 
ATOM   590  C CG1 . ILE A 1 73 ? -1.021  0.400   14.761  1.00 41.72 ? 73  ILE A CG1 1 
ATOM   591  C CG2 . ILE A 1 73 ? 1.441   0.645   15.126  1.00 40.07 ? 73  ILE A CG2 1 
ATOM   592  C CD1 . ILE A 1 73 ? -1.054  -1.107  14.899  1.00 35.93 ? 73  ILE A CD1 1 
ATOM   593  N N   . ILE A 1 74 ? 1.818   2.748   12.094  1.00 37.21 ? 74  ILE A N   1 
ATOM   594  C CA  . ILE A 1 74 ? 3.087   3.166   11.512  1.00 39.16 ? 74  ILE A CA  1 
ATOM   595  C C   . ILE A 1 74 ? 3.100   4.687   11.436  1.00 42.00 ? 74  ILE A C   1 
ATOM   596  O O   . ILE A 1 74 ? 4.125   5.325   11.672  1.00 45.64 ? 74  ILE A O   1 
ATOM   597  C CB  . ILE A 1 74 ? 3.308   2.565   10.104  1.00 34.43 ? 74  ILE A CB  1 
ATOM   598  C CG1 . ILE A 1 74 ? 3.353   1.035   10.162  1.00 40.57 ? 74  ILE A CG1 1 
ATOM   599  C CG2 . ILE A 1 74 ? 4.575   3.117   9.470   1.00 34.41 ? 74  ILE A CG2 1 
ATOM   600  C CD1 . ILE A 1 74 ? 2.982   0.365   8.859   1.00 34.63 ? 74  ILE A CD1 1 
ATOM   601  N N   . LEU A 1 75 ? 1.950   5.257   11.086  1.00 40.55 ? 75  LEU A N   1 
ATOM   602  C CA  . LEU A 1 75 ? 1.776   6.704   11.050  1.00 41.66 ? 75  LEU A CA  1 
ATOM   603  C C   . LEU A 1 75 ? 1.982   7.339   12.427  1.00 47.65 ? 75  LEU A C   1 
ATOM   604  O O   . LEU A 1 75 ? 2.652   8.364   12.531  1.00 56.19 ? 75  LEU A O   1 
ATOM   605  C CB  . LEU A 1 75 ? 0.393   7.069   10.511  1.00 41.19 ? 75  LEU A CB  1 
ATOM   606  C CG  . LEU A 1 75 ? 0.165   8.549   10.178  1.00 41.16 ? 75  LEU A CG  1 
ATOM   607  C CD1 . LEU A 1 75 ? 1.433   9.191   9.631   1.00 37.86 ? 75  LEU A CD1 1 
ATOM   608  C CD2 . LEU A 1 75 ? -0.984  8.720   9.195   1.00 46.74 ? 75  LEU A CD2 1 
ATOM   609  N N   . TYR A 1 76 ? 1.395   6.760   13.476  1.00 41.54 ? 76  TYR A N   1 
ATOM   610  C CA  . TYR A 1 76 ? 1.586   7.299   14.824  1.00 44.51 ? 76  TYR A CA  1 
ATOM   611  C C   . TYR A 1 76 ? 3.061   7.348   15.173  1.00 46.27 ? 76  TYR A C   1 
ATOM   612  O O   . TYR A 1 76 ? 3.572   8.383   15.595  1.00 47.93 ? 76  TYR A O   1 
ATOM   613  C CB  . TYR A 1 76 ? 0.846   6.473   15.881  1.00 47.75 ? 76  TYR A CB  1 
ATOM   614  C CG  . TYR A 1 76 ? 1.078   6.973   17.300  1.00 51.65 ? 76  TYR A CG  1 
ATOM   615  C CD1 . TYR A 1 76 ? 0.215   7.889   17.883  1.00 52.30 ? 76  TYR A CD1 1 
ATOM   616  C CD2 . TYR A 1 76 ? 2.164   6.536   18.051  1.00 49.51 ? 76  TYR A CD2 1 
ATOM   617  C CE1 . TYR A 1 76 ? 0.426   8.356   19.172  1.00 50.84 ? 76  TYR A CE1 1 
ATOM   618  C CE2 . TYR A 1 76 ? 2.384   6.999   19.335  1.00 50.60 ? 76  TYR A CE2 1 
ATOM   619  C CZ  . TYR A 1 76 ? 1.512   7.907   19.892  1.00 52.60 ? 76  TYR A CZ  1 
ATOM   620  O OH  . TYR A 1 76 ? 1.731   8.361   21.173  1.00 57.28 ? 76  TYR A OH  1 
ATOM   621  N N   . TYR A 1 77 ? 3.736   6.218   15.002  1.00 45.19 ? 77  TYR A N   1 
ATOM   622  C CA  . TYR A 1 77 ? 5.152   6.122   15.312  1.00 47.82 ? 77  TYR A CA  1 
ATOM   623  C C   . TYR A 1 77 ? 5.936   7.139   14.494  1.00 42.19 ? 77  TYR A C   1 
ATOM   624  O O   . TYR A 1 77 ? 6.832   7.802   15.011  1.00 41.58 ? 77  TYR A O   1 
ATOM   625  C CB  . TYR A 1 77 ? 5.657   4.704   15.057  1.00 42.00 ? 77  TYR A CB  1 
ATOM   626  C CG  . TYR A 1 77 ? 5.444   3.768   16.228  1.00 42.51 ? 77  TYR A CG  1 
ATOM   627  C CD1 . TYR A 1 77 ? 6.292   3.794   17.326  1.00 46.65 ? 77  TYR A CD1 1 
ATOM   628  C CD2 . TYR A 1 77 ? 4.392   2.863   16.240  1.00 44.33 ? 77  TYR A CD2 1 
ATOM   629  C CE1 . TYR A 1 77 ? 6.103   2.940   18.399  1.00 36.44 ? 77  TYR A CE1 1 
ATOM   630  C CE2 . TYR A 1 77 ? 4.194   2.007   17.309  1.00 44.65 ? 77  TYR A CE2 1 
ATOM   631  C CZ  . TYR A 1 77 ? 5.053   2.049   18.385  1.00 41.60 ? 77  TYR A CZ  1 
ATOM   632  O OH  . TYR A 1 77 ? 4.863   1.198   19.450  1.00 44.45 ? 77  TYR A OH  1 
ATOM   633  N N   . LYS A 1 78 ? 5.599   7.249   13.215  1.00 43.86 ? 78  LYS A N   1 
ATOM   634  C CA  . LYS A 1 78 ? 6.275   8.191   12.336  1.00 44.56 ? 78  LYS A CA  1 
ATOM   635  C C   . LYS A 1 78 ? 6.012   9.638   12.764  1.00 43.56 ? 78  LYS A C   1 
ATOM   636  O O   . LYS A 1 78 ? 6.901   10.485  12.694  1.00 39.15 ? 78  LYS A O   1 
ATOM   637  C CB  . LYS A 1 78 ? 5.824   7.973   10.888  1.00 43.64 ? 78  LYS A CB  1 
ATOM   638  C CG  . LYS A 1 78 ? 6.920   8.166   9.850   1.00 42.32 ? 78  LYS A CG  1 
ATOM   639  C CD  . LYS A 1 78 ? 7.312   9.628   9.696   1.00 46.22 ? 78  LYS A CD  1 
ATOM   640  C CE  . LYS A 1 78 ? 8.823   9.801   9.583   1.00 48.72 ? 78  LYS A CE  1 
ATOM   641  N NZ  . LYS A 1 78 ? 9.306   10.078  8.199   1.00 60.14 ? 78  LYS A NZ  1 
ATOM   642  N N   . LEU A 1 79 ? 4.807   9.899   13.259  1.00 42.92 ? 79  LEU A N   1 
ATOM   643  C CA  . LEU A 1 79 ? 4.418   11.253  13.634  1.00 48.26 ? 79  LEU A CA  1 
ATOM   644  C C   . LEU A 1 79 ? 5.023   11.654  14.968  1.00 50.15 ? 79  LEU A C   1 
ATOM   645  O O   . LEU A 1 79 ? 5.212   12.840  15.240  1.00 51.17 ? 79  LEU A O   1 
ATOM   646  C CB  . LEU A 1 79 ? 2.895   11.383  13.694  1.00 49.68 ? 79  LEU A CB  1 
ATOM   647  C CG  . LEU A 1 79 ? 2.162   11.483  12.354  1.00 50.33 ? 79  LEU A CG  1 
ATOM   648  C CD1 . LEU A 1 79 ? 0.655   11.426  12.548  1.00 55.22 ? 79  LEU A CD1 1 
ATOM   649  C CD2 . LEU A 1 79 ? 2.558   12.751  11.621  1.00 50.55 ? 79  LEU A CD2 1 
ATOM   650  N N   . THR A 1 80 ? 5.335   10.664  15.795  1.00 47.49 ? 80  THR A N   1 
ATOM   651  C CA  . THR A 1 80 ? 5.841   10.943  17.129  1.00 47.69 ? 80  THR A CA  1 
ATOM   652  C C   . THR A 1 80 ? 7.357   10.865  17.231  1.00 48.97 ? 80  THR A C   1 
ATOM   653  O O   . THR A 1 80 ? 7.900   10.791  18.334  1.00 50.29 ? 80  THR A O   1 
ATOM   654  C CB  . THR A 1 80 ? 5.228   9.992   18.174  1.00 46.78 ? 80  THR A CB  1 
ATOM   655  O OG1 . THR A 1 80 ? 5.553   8.634   17.845  1.00 56.75 ? 80  THR A OG1 1 
ATOM   656  C CG2 . THR A 1 80 ? 3.714   10.143  18.198  1.00 56.81 ? 80  THR A CG2 1 
ATOM   657  N N   . GLU A 1 81 ? 8.053   10.880  16.098  1.00 49.96 ? 81  GLU A N   1 
ATOM   658  C CA  . GLU A 1 81 ? 9.506   10.955  16.161  1.00 53.65 ? 81  GLU A CA  1 
ATOM   659  C C   . GLU A 1 81 ? 9.900   12.422  16.073  1.00 51.89 ? 81  GLU A C   1 
ATOM   660  O O   . GLU A 1 81 ? 11.002  12.803  16.458  1.00 54.13 ? 81  GLU A O   1 
ATOM   661  C CB  . GLU A 1 81 ? 10.194  10.164  15.049  1.00 51.63 ? 81  GLU A CB  1 
ATOM   662  C CG  . GLU A 1 81 ? 10.281  10.885  13.712  1.00 49.62 ? 81  GLU A CG  1 
ATOM   663  C CD  . GLU A 1 81 ? 11.290  10.245  12.772  1.00 54.52 ? 81  GLU A CD  1 
ATOM   664  O OE1 . GLU A 1 81 ? 10.897  9.447   11.897  1.00 59.87 ? 81  GLU A OE1 1 
ATOM   665  O OE2 . GLU A 1 81 ? 12.494  10.557  12.910  1.00 49.80 ? 81  GLU A OE2 1 
ATOM   666  N N   . MET B 1 1  ? -20.003 9.120   -9.162  1.00 54.58 ? 1   MET B N   1 
ATOM   667  C CA  . MET B 1 1  ? -19.522 9.341   -7.804  1.00 55.08 ? 1   MET B CA  1 
ATOM   668  C C   . MET B 1 1  ? -18.782 8.115   -7.296  1.00 51.77 ? 1   MET B C   1 
ATOM   669  O O   . MET B 1 1  ? -17.795 8.222   -6.573  1.00 48.93 ? 1   MET B O   1 
ATOM   670  C CB  . MET B 1 1  ? -20.683 9.671   -6.872  1.00 53.61 ? 1   MET B CB  1 
ATOM   671  C CG  . MET B 1 1  ? -20.274 9.826   -5.420  1.00 66.77 ? 1   MET B CG  1 
ATOM   672  S SD  . MET B 1 1  ? -19.636 11.474  -5.063  1.00 64.47 ? 1   MET B SD  1 
ATOM   673  C CE  . MET B 1 1  ? -19.068 11.257  -3.379  1.00 60.83 ? 1   MET B CE  1 
ATOM   674  N N   . GLU B 1 2  ? -19.273 6.948   -7.688  1.00 47.17 ? 2   GLU B N   1 
ATOM   675  C CA  . GLU B 1 2  ? -18.551 5.706   -7.504  1.00 49.21 ? 2   GLU B CA  1 
ATOM   676  C C   . GLU B 1 2  ? -17.196 5.804   -8.183  1.00 53.86 ? 2   GLU B C   1 
ATOM   677  O O   . GLU B 1 2  ? -16.182 5.407   -7.618  1.00 49.47 ? 2   GLU B O   1 
ATOM   678  C CB  . GLU B 1 2  ? -19.345 4.539   -8.079  1.00 56.93 ? 2   GLU B CB  1 
ATOM   679  C CG  . GLU B 1 2  ? -18.470 3.495   -8.742  1.00 57.79 ? 2   GLU B CG  1 
ATOM   680  C CD  . GLU B 1 2  ? -19.213 2.697   -9.794  1.00 70.12 ? 2   GLU B CD  1 
ATOM   681  O OE1 . GLU B 1 2  ? -20.460 2.730   -9.791  1.00 75.87 ? 2   GLU B OE1 1 
ATOM   682  O OE2 . GLU B 1 2  ? -18.537 2.100   -10.655 1.00 68.37 ? 2   GLU B OE2 1 
ATOM   683  N N   . ASN B 1 3  ? -17.202 6.331   -9.406  1.00 56.70 ? 3   ASN B N   1 
ATOM   684  C CA  . ASN B 1 3  ? -16.011 6.417   -10.238 1.00 43.99 ? 3   ASN B CA  1 
ATOM   685  C C   . ASN B 1 3  ? -15.067 7.496   -9.735  1.00 45.57 ? 3   ASN B C   1 
ATOM   686  O O   . ASN B 1 3  ? -13.848 7.360   -9.824  1.00 40.06 ? 3   ASN B O   1 
ATOM   687  C CB  . ASN B 1 3  ? -16.397 6.709   -11.690 1.00 39.04 ? 3   ASN B CB  1 
ATOM   688  C CG  . ASN B 1 3  ? -16.814 5.464   -12.451 1.00 47.54 ? 3   ASN B CG  1 
ATOM   689  O OD1 . ASN B 1 3  ? -16.355 4.358   -12.162 1.00 46.61 ? 3   ASN B OD1 1 
ATOM   690  N ND2 . ASN B 1 3  ? -17.702 5.637   -13.425 1.00 52.43 ? 3   ASN B ND2 1 
ATOM   691  N N   . LEU B 1 4  ? -15.642 8.581   -9.228  1.00 45.07 ? 4   LEU B N   1 
ATOM   692  C CA  . LEU B 1 4  ? -14.860 9.674   -8.675  1.00 39.16 ? 4   LEU B CA  1 
ATOM   693  C C   . LEU B 1 4  ? -14.048 9.218   -7.473  1.00 45.31 ? 4   LEU B C   1 
ATOM   694  O O   . LEU B 1 4  ? -12.878 9.557   -7.344  1.00 41.87 ? 4   LEU B O   1 
ATOM   695  C CB  . LEU B 1 4  ? -15.772 10.835  -8.273  1.00 44.23 ? 4   LEU B CB  1 
ATOM   696  C CG  . LEU B 1 4  ? -15.137 11.893  -7.367  1.00 45.40 ? 4   LEU B CG  1 
ATOM   697  C CD1 . LEU B 1 4  ? -14.192 12.789  -8.157  1.00 50.13 ? 4   LEU B CD1 1 
ATOM   698  C CD2 . LEU B 1 4  ? -16.197 12.717  -6.647  1.00 44.45 ? 4   LEU B CD2 1 
ATOM   699  N N   . ILE B 1 5  ? -14.668 8.417   -6.614  1.00 48.34 ? 5   ILE B N   1 
ATOM   700  C CA  . ILE B 1 5  ? -14.020 7.977   -5.384  1.00 43.10 ? 5   ILE B CA  1 
ATOM   701  C C   . ILE B 1 5  ? -12.980 6.902   -5.676  1.00 41.69 ? 5   ILE B C   1 
ATOM   702  O O   . ILE B 1 5  ? -11.937 6.844   -5.025  1.00 35.57 ? 5   ILE B O   1 
ATOM   703  C CB  . ILE B 1 5  ? -15.056 7.457   -4.367  1.00 37.51 ? 5   ILE B CB  1 
ATOM   704  C CG1 . ILE B 1 5  ? -15.928 8.617   -3.871  1.00 42.40 ? 5   ILE B CG1 1 
ATOM   705  C CG2 . ILE B 1 5  ? -14.384 6.774   -3.191  1.00 44.66 ? 5   ILE B CG2 1 
ATOM   706  C CD1 . ILE B 1 5  ? -17.026 8.197   -2.921  1.00 57.40 ? 5   ILE B CD1 1 
ATOM   707  N N   . GLY B 1 6  ? -13.249 6.077   -6.681  1.00 39.11 ? 6   GLY B N   1 
ATOM   708  C CA  . GLY B 1 6  ? -12.297 5.068   -7.100  1.00 40.63 ? 6   GLY B CA  1 
ATOM   709  C C   . GLY B 1 6  ? -10.990 5.657   -7.592  1.00 45.13 ? 6   GLY B C   1 
ATOM   710  O O   . GLY B 1 6  ? -9.917  5.253   -7.148  1.00 41.36 ? 6   GLY B O   1 
ATOM   711  N N   . TYR B 1 7  ? -11.082 6.636   -8.485  1.00 39.36 ? 7   TYR B N   1 
ATOM   712  C CA  . TYR B 1 7  ? -9.904  7.190   -9.139  1.00 37.37 ? 7   TYR B CA  1 
ATOM   713  C C   . TYR B 1 7  ? -9.150  8.158   -8.233  1.00 40.24 ? 7   TYR B C   1 
ATOM   714  O O   . TYR B 1 7  ? -7.970  8.431   -8.456  1.00 37.71 ? 7   TYR B O   1 
ATOM   715  C CB  . TYR B 1 7  ? -10.299 7.887   -10.441 1.00 47.35 ? 7   TYR B CB  1 
ATOM   716  C CG  . TYR B 1 7  ? -10.579 6.932   -11.583 1.00 44.00 ? 7   TYR B CG  1 
ATOM   717  C CD1 . TYR B 1 7  ? -9.562  6.168   -12.138 1.00 40.47 ? 7   TYR B CD1 1 
ATOM   718  C CD2 . TYR B 1 7  ? -11.859 6.791   -12.105 1.00 43.46 ? 7   TYR B CD2 1 
ATOM   719  C CE1 . TYR B 1 7  ? -9.810  5.297   -13.182 1.00 39.70 ? 7   TYR B CE1 1 
ATOM   720  C CE2 . TYR B 1 7  ? -12.116 5.922   -13.147 1.00 40.81 ? 7   TYR B CE2 1 
ATOM   721  C CZ  . TYR B 1 7  ? -11.088 5.178   -13.681 1.00 40.56 ? 7   TYR B CZ  1 
ATOM   722  O OH  . TYR B 1 7  ? -11.334 4.311   -14.718 1.00 45.58 ? 7   TYR B OH  1 
ATOM   723  N N   . VAL B 1 8  ? -9.827  8.677   -7.213  1.00 37.01 ? 8   VAL B N   1 
ATOM   724  C CA  . VAL B 1 8  ? -9.169  9.536   -6.236  1.00 39.06 ? 8   VAL B CA  1 
ATOM   725  C C   . VAL B 1 8  ? -8.471  8.660   -5.200  1.00 37.52 ? 8   VAL B C   1 
ATOM   726  O O   . VAL B 1 8  ? -7.350  8.951   -4.789  1.00 40.68 ? 8   VAL B O   1 
ATOM   727  C CB  . VAL B 1 8  ? -10.159 10.508  -5.553  1.00 39.77 ? 8   VAL B CB  1 
ATOM   728  C CG1 . VAL B 1 8  ? -9.501  11.213  -4.383  1.00 31.21 ? 8   VAL B CG1 1 
ATOM   729  C CG2 . VAL B 1 8  ? -10.670 11.534  -6.552  1.00 45.28 ? 8   VAL B CG2 1 
ATOM   730  N N   . ALA B 1 9  ? -9.141  7.595   -4.771  1.00 36.43 ? 9   ALA B N   1 
ATOM   731  C CA  . ALA B 1 9  ? -8.521  6.615   -3.888  1.00 37.46 ? 9   ALA B CA  1 
ATOM   732  C C   . ALA B 1 9  ? -7.339  5.958   -4.586  1.00 39.52 ? 9   ALA B C   1 
ATOM   733  O O   . ALA B 1 9  ? -6.286  5.749   -3.987  1.00 35.07 ? 9   ALA B O   1 
ATOM   734  C CB  . ALA B 1 9  ? -9.526  5.565   -3.456  1.00 37.92 ? 9   ALA B CB  1 
ATOM   735  N N   . ALA B 1 10 ? -7.528  5.648   -5.866  1.00 39.49 ? 10  ALA B N   1 
ATOM   736  C CA  . ALA B 1 10 ? -6.480  5.055   -6.685  1.00 36.21 ? 10  ALA B CA  1 
ATOM   737  C C   . ALA B 1 10 ? -5.299  5.997   -6.809  1.00 38.63 ? 10  ALA B C   1 
ATOM   738  O O   . ALA B 1 10 ? -4.157  5.580   -6.665  1.00 39.29 ? 10  ALA B O   1 
ATOM   739  C CB  . ALA B 1 10 ? -7.018  4.705   -8.058  1.00 33.54 ? 10  ALA B CB  1 
ATOM   740  N N   . PHE B 1 11 ? -5.582  7.269   -7.059  1.00 38.95 ? 11  PHE B N   1 
ATOM   741  C CA  . PHE B 1 11 ? -4.536  8.276   -7.147  1.00 36.28 ? 11  PHE B CA  1 
ATOM   742  C C   . PHE B 1 11 ? -3.790  8.358   -5.826  1.00 39.94 ? 11  PHE B C   1 
ATOM   743  O O   . PHE B 1 11 ? -2.560  8.384   -5.797  1.00 41.66 ? 11  PHE B O   1 
ATOM   744  C CB  . PHE B 1 11 ? -5.133  9.640   -7.530  1.00 39.96 ? 11  PHE B CB  1 
ATOM   745  C CG  . PHE B 1 11 ? -4.133  10.772  -7.552  1.00 36.39 ? 11  PHE B CG  1 
ATOM   746  C CD1 . PHE B 1 11 ? -3.587  11.191  -8.753  1.00 38.17 ? 11  PHE B CD1 1 
ATOM   747  C CD2 . PHE B 1 11 ? -3.728  11.406  -6.386  1.00 37.08 ? 11  PHE B CD2 1 
ATOM   748  C CE1 . PHE B 1 11 ? -2.666  12.222  -8.795  1.00 37.37 ? 11  PHE B CE1 1 
ATOM   749  C CE2 . PHE B 1 11 ? -2.806  12.443  -6.423  1.00 37.13 ? 11  PHE B CE2 1 
ATOM   750  C CZ  . PHE B 1 11 ? -2.274  12.849  -7.631  1.00 39.00 ? 11  PHE B CZ  1 
ATOM   751  N N   . LEU B 1 12 ? -4.551  8.371   -4.736  1.00 39.52 ? 12  LEU B N   1 
ATOM   752  C CA  . LEU B 1 12 ? -3.998  8.564   -3.402  1.00 40.11 ? 12  LEU B CA  1 
ATOM   753  C C   . LEU B 1 12 ? -2.974  7.507   -2.989  1.00 37.67 ? 12  LEU B C   1 
ATOM   754  O O   . LEU B 1 12 ? -1.852  7.842   -2.617  1.00 39.39 ? 12  LEU B O   1 
ATOM   755  C CB  . LEU B 1 12 ? -5.133  8.607   -2.380  1.00 32.12 ? 12  LEU B CB  1 
ATOM   756  C CG  . LEU B 1 12 ? -5.511  9.998   -1.855  1.00 33.77 ? 12  LEU B CG  1 
ATOM   757  C CD1 . LEU B 1 12 ? -4.925  11.095  -2.731  1.00 43.98 ? 12  LEU B CD1 1 
ATOM   758  C CD2 . LEU B 1 12 ? -7.021  10.152  -1.732  1.00 29.20 ? 12  LEU B CD2 1 
ATOM   759  N N   . THR B 1 13 ? -3.350  6.238   -3.059  1.00 33.31 ? 13  THR B N   1 
ATOM   760  C CA  . THR B 1 13 ? -2.444  5.170   -2.649  1.00 33.21 ? 13  THR B CA  1 
ATOM   761  C C   . THR B 1 13 ? -1.303  4.986   -3.646  1.00 36.32 ? 13  THR B C   1 
ATOM   762  O O   . THR B 1 13 ? -0.212  4.563   -3.271  1.00 38.88 ? 13  THR B O   1 
ATOM   763  C CB  . THR B 1 13 ? -3.189  3.830   -2.464  1.00 37.62 ? 13  THR B CB  1 
ATOM   764  O OG1 . THR B 1 13 ? -3.913  3.503   -3.656  1.00 27.75 ? 13  THR B OG1 1 
ATOM   765  C CG2 . THR B 1 13 ? -4.169  3.918   -1.296  1.00 36.35 ? 13  THR B CG2 1 
ATOM   766  N N   . THR B 1 14 ? -1.555  5.296   -4.913  1.00 35.72 ? 14  THR B N   1 
ATOM   767  C CA  . THR B 1 14 ? -0.542  5.102   -5.945  1.00 39.31 ? 14  THR B CA  1 
ATOM   768  C C   . THR B 1 14 ? 0.574   6.133   -5.859  1.00 35.99 ? 14  THR B C   1 
ATOM   769  O O   . THR B 1 14 ? 1.753   5.784   -5.817  1.00 33.83 ? 14  THR B O   1 
ATOM   770  C CB  . THR B 1 14 ? -1.141  5.189   -7.353  1.00 37.53 ? 14  THR B CB  1 
ATOM   771  O OG1 . THR B 1 14 ? -2.371  4.456   -7.410  1.00 40.84 ? 14  THR B OG1 1 
ATOM   772  C CG2 . THR B 1 14 ? -0.170  4.637   -8.362  1.00 39.62 ? 14  THR B CG2 1 
ATOM   773  N N   . VAL B 1 15 ? 0.190   7.405   -5.819  1.00 39.99 ? 15  VAL B N   1 
ATOM   774  C CA  . VAL B 1 15 ? 1.145   8.505   -5.849  1.00 33.73 ? 15  VAL B CA  1 
ATOM   775  C C   . VAL B 1 15 ? 1.742   8.689   -4.447  1.00 38.48 ? 15  VAL B C   1 
ATOM   776  O O   . VAL B 1 15 ? 2.672   9.468   -4.248  1.00 39.28 ? 15  VAL B O   1 
ATOM   777  C CB  . VAL B 1 15 ? 0.452   9.811   -6.359  1.00 36.62 ? 15  VAL B CB  1 
ATOM   778  C CG1 . VAL B 1 15 ? 1.365   11.028  -6.282  1.00 35.06 ? 15  VAL B CG1 1 
ATOM   779  C CG2 . VAL B 1 15 ? 0.003   9.635   -7.800  1.00 38.04 ? 15  VAL B CG2 1 
ATOM   780  N N   . SER B 1 16 ? 1.259   7.907   -3.485  1.00 36.41 ? 16  SER B N   1 
ATOM   781  C CA  . SER B 1 16 ? 1.788   7.983   -2.127  1.00 36.09 ? 16  SER B CA  1 
ATOM   782  C C   . SER B 1 16 ? 3.188   7.394   -2.046  1.00 37.35 ? 16  SER B C   1 
ATOM   783  O O   . SER B 1 16 ? 3.950   7.706   -1.135  1.00 32.83 ? 16  SER B O   1 
ATOM   784  C CB  . SER B 1 16 ? 0.871   7.254   -1.139  1.00 38.00 ? 16  SER B CB  1 
ATOM   785  O OG  . SER B 1 16 ? 0.947   5.845   -1.303  1.00 36.85 ? 16  SER B OG  1 
ATOM   786  N N   . PHE B 1 17 ? 3.537   6.562   -3.020  1.00 38.24 ? 17  PHE B N   1 
ATOM   787  C CA  . PHE B 1 17 ? 4.826   5.886   -3.002  1.00 35.91 ? 17  PHE B CA  1 
ATOM   788  C C   . PHE B 1 17 ? 5.898   6.819   -3.560  1.00 36.84 ? 17  PHE B C   1 
ATOM   789  O O   . PHE B 1 17 ? 7.081   6.632   -3.298  1.00 35.56 ? 17  PHE B O   1 
ATOM   790  C CB  . PHE B 1 17 ? 4.760   4.576   -3.779  1.00 36.89 ? 17  PHE B CB  1 
ATOM   791  C CG  . PHE B 1 17 ? 4.060   3.473   -3.032  1.00 40.65 ? 17  PHE B CG  1 
ATOM   792  C CD1 . PHE B 1 17 ? 2.776   3.092   -3.383  1.00 38.13 ? 17  PHE B CD1 1 
ATOM   793  C CD2 . PHE B 1 17 ? 4.673   2.838   -1.963  1.00 39.51 ? 17  PHE B CD2 1 
ATOM   794  C CE1 . PHE B 1 17 ? 2.120   2.088   -2.696  1.00 36.50 ? 17  PHE B CE1 1 
ATOM   795  C CE2 . PHE B 1 17 ? 4.018   1.833   -1.269  1.00 41.94 ? 17  PHE B CE2 1 
ATOM   796  C CZ  . PHE B 1 17 ? 2.742   1.459   -1.637  1.00 39.70 ? 17  PHE B CZ  1 
ATOM   797  N N   . LEU B 1 18 ? 5.474   7.818   -4.332  1.00 38.34 ? 18  LEU B N   1 
ATOM   798  C CA  . LEU B 1 18 ? 6.390   8.815   -4.886  1.00 36.63 ? 18  LEU B CA  1 
ATOM   799  C C   . LEU B 1 18 ? 7.193   9.596   -3.831  1.00 36.71 ? 18  LEU B C   1 
ATOM   800  O O   . LEU B 1 18 ? 8.410   9.742   -3.989  1.00 40.62 ? 18  LEU B O   1 
ATOM   801  C CB  . LEU B 1 18 ? 5.634   9.793   -5.788  1.00 37.54 ? 18  LEU B CB  1 
ATOM   802  C CG  . LEU B 1 18 ? 6.465   10.979  -6.270  1.00 39.51 ? 18  LEU B CG  1 
ATOM   803  C CD1 . LEU B 1 18 ? 7.423   10.529  -7.355  1.00 38.99 ? 18  LEU B CD1 1 
ATOM   804  C CD2 . LEU B 1 18 ? 5.567   12.098  -6.771  1.00 35.10 ? 18  LEU B CD2 1 
ATOM   805  N N   . PRO B 1 19 ? 6.535   10.129  -2.775  1.00 37.65 ? 19  PRO B N   1 
ATOM   806  C CA  . PRO B 1 19 ? 7.345   10.718  -1.703  1.00 36.57 ? 19  PRO B CA  1 
ATOM   807  C C   . PRO B 1 19 ? 8.343   9.716   -1.138  1.00 32.79 ? 19  PRO B C   1 
ATOM   808  O O   . PRO B 1 19 ? 9.436   10.091  -0.709  1.00 35.32 ? 19  PRO B O   1 
ATOM   809  C CB  . PRO B 1 19 ? 6.296   11.095  -0.657  1.00 32.82 ? 19  PRO B CB  1 
ATOM   810  C CG  . PRO B 1 19 ? 5.112   11.420  -1.480  1.00 31.30 ? 19  PRO B CG  1 
ATOM   811  C CD  . PRO B 1 19 ? 5.101   10.348  -2.521  1.00 35.23 ? 19  PRO B CD  1 
ATOM   812  N N   . GLN B 1 20 ? 7.962   8.443   -1.160  1.00 34.17 ? 20  GLN B N   1 
ATOM   813  C CA  . GLN B 1 20 ? 8.812   7.376   -0.650  1.00 38.49 ? 20  GLN B CA  1 
ATOM   814  C C   . GLN B 1 20 ? 9.951   7.054   -1.618  1.00 31.43 ? 20  GLN B C   1 
ATOM   815  O O   . GLN B 1 20 ? 11.084  6.825   -1.193  1.00 34.31 ? 20  GLN B O   1 
ATOM   816  C CB  . GLN B 1 20 ? 7.984   6.124   -0.367  1.00 31.58 ? 20  GLN B CB  1 
ATOM   817  C CG  . GLN B 1 20 ? 8.758   5.019   0.312   1.00 36.16 ? 20  GLN B CG  1 
ATOM   818  C CD  . GLN B 1 20 ? 9.189   5.400   1.712   1.00 41.67 ? 20  GLN B CD  1 
ATOM   819  O OE1 . GLN B 1 20 ? 8.479   5.139   2.683   1.00 38.02 ? 20  GLN B OE1 1 
ATOM   820  N NE2 . GLN B 1 20 ? 10.362  6.011   1.826   1.00 37.55 ? 20  GLN B NE2 1 
ATOM   821  N N   . VAL B 1 21 ? 9.643   7.014   -2.912  1.00 33.60 ? 21  VAL B N   1 
ATOM   822  C CA  . VAL B 1 21 ? 10.671  6.813   -3.930  1.00 35.06 ? 21  VAL B CA  1 
ATOM   823  C C   . VAL B 1 21 ? 11.714  7.920   -3.829  1.00 35.87 ? 21  VAL B C   1 
ATOM   824  O O   . VAL B 1 21 ? 12.915  7.665   -3.869  1.00 37.10 ? 21  VAL B O   1 
ATOM   825  C CB  . VAL B 1 21 ? 10.088  6.800   -5.361  1.00 29.54 ? 21  VAL B CB  1 
ATOM   826  C CG1 . VAL B 1 21 ? 11.196  6.650   -6.379  1.00 32.24 ? 21  VAL B CG1 1 
ATOM   827  C CG2 . VAL B 1 21 ? 9.076   5.679   -5.526  1.00 32.75 ? 21  VAL B CG2 1 
ATOM   828  N N   . LEU B 1 22 ? 11.232  9.152   -3.696  1.00 35.84 ? 22  LEU B N   1 
ATOM   829  C CA  . LEU B 1 22 ? 12.092  10.323  -3.626  1.00 38.01 ? 22  LEU B CA  1 
ATOM   830  C C   . LEU B 1 22 ? 12.992  10.284  -2.399  1.00 37.08 ? 22  LEU B C   1 
ATOM   831  O O   . LEU B 1 22 ? 14.181  10.600  -2.476  1.00 35.72 ? 22  LEU B O   1 
ATOM   832  C CB  . LEU B 1 22 ? 11.244  11.591  -3.602  1.00 41.49 ? 22  LEU B CB  1 
ATOM   833  C CG  . LEU B 1 22 ? 10.723  12.058  -4.964  1.00 37.10 ? 22  LEU B CG  1 
ATOM   834  C CD1 . LEU B 1 22 ? 9.749   13.220  -4.803  1.00 34.03 ? 22  LEU B CD1 1 
ATOM   835  C CD2 . LEU B 1 22 ? 11.865  12.417  -5.896  1.00 38.11 ? 22  LEU B CD2 1 
ATOM   836  N N   . ARG B 1 23 ? 12.411  9.893   -1.269  1.00 36.58 ? 23  ARG B N   1 
ATOM   837  C CA  . ARG B 1 23 ? 13.125  9.874   -0.001  1.00 32.93 ? 23  ARG B CA  1 
ATOM   838  C C   . ARG B 1 23 ? 14.285  8.894   -0.073  1.00 33.65 ? 23  ARG B C   1 
ATOM   839  O O   . ARG B 1 23 ? 15.378  9.182   0.406   1.00 35.64 ? 23  ARG B O   1 
ATOM   840  C CB  . ARG B 1 23 ? 12.178  9.513   1.145   1.00 42.08 ? 23  ARG B CB  1 
ATOM   841  C CG  . ARG B 1 23 ? 12.857  9.398   2.502   1.00 38.85 ? 23  ARG B CG  1 
ATOM   842  C CD  . ARG B 1 23 ? 11.850  9.518   3.639   1.00 34.07 ? 23  ARG B CD  1 
ATOM   843  N NE  . ARG B 1 23 ? 12.495  9.846   4.908   1.00 35.41 ? 23  ARG B NE  1 
ATOM   844  C CZ  . ARG B 1 23 ? 12.883  11.069  5.253   1.00 36.50 ? 23  ARG B CZ  1 
ATOM   845  N NH1 . ARG B 1 23 ? 13.457  11.278  6.429   1.00 27.91 ? 23  ARG B NH1 1 
ATOM   846  N NH2 . ARG B 1 23 ? 12.699  12.084  4.419   1.00 33.45 ? 23  ARG B NH2 1 
ATOM   847  N N   . VAL B 1 24 ? 14.034  7.738   -0.677  1.00 35.16 ? 24  VAL B N   1 
ATOM   848  C CA  . VAL B 1 24 ? 15.049  6.703   -0.832  1.00 35.26 ? 24  VAL B CA  1 
ATOM   849  C C   . VAL B 1 24 ? 16.300  7.210   -1.542  1.00 35.85 ? 24  VAL B C   1 
ATOM   850  O O   . VAL B 1 24 ? 17.411  7.021   -1.055  1.00 38.06 ? 24  VAL B O   1 
ATOM   851  C CB  . VAL B 1 24 ? 14.494  5.496   -1.607  1.00 35.53 ? 24  VAL B CB  1 
ATOM   852  C CG1 . VAL B 1 24 ? 15.619  4.591   -2.056  1.00 37.54 ? 24  VAL B CG1 1 
ATOM   853  C CG2 . VAL B 1 24 ? 13.505  4.726   -0.747  1.00 37.58 ? 24  VAL B CG2 1 
ATOM   854  N N   . VAL B 1 25 ? 16.116  7.861   -2.688  1.00 39.20 ? 25  VAL B N   1 
ATOM   855  C CA  . VAL B 1 25 ? 17.240  8.258   -3.531  1.00 41.38 ? 25  VAL B CA  1 
ATOM   856  C C   . VAL B 1 25 ? 17.940  9.536   -3.056  1.00 43.18 ? 25  VAL B C   1 
ATOM   857  O O   . VAL B 1 25 ? 19.136  9.711   -3.288  1.00 49.57 ? 25  VAL B O   1 
ATOM   858  C CB  . VAL B 1 25 ? 16.795  8.453   -4.997  1.00 41.67 ? 25  VAL B CB  1 
ATOM   859  C CG1 . VAL B 1 25 ? 15.920  7.296   -5.436  1.00 42.17 ? 25  VAL B CG1 1 
ATOM   860  C CG2 . VAL B 1 25 ? 16.043  9.753   -5.162  1.00 43.41 ? 25  VAL B CG2 1 
ATOM   861  N N   . MET B 1 26 ? 17.202  10.428  -2.400  1.00 38.77 ? 26  MET B N   1 
ATOM   862  C CA  . MET B 1 26 ? 17.769  11.693  -1.945  1.00 41.45 ? 26  MET B CA  1 
ATOM   863  C C   . MET B 1 26 ? 18.530  11.515  -0.641  1.00 46.93 ? 26  MET B C   1 
ATOM   864  O O   . MET B 1 26 ? 19.522  12.200  -0.393  1.00 43.64 ? 26  MET B O   1 
ATOM   865  C CB  . MET B 1 26 ? 16.666  12.743  -1.766  1.00 39.74 ? 26  MET B CB  1 
ATOM   866  C CG  . MET B 1 26 ? 16.009  13.254  -3.053  1.00 46.89 ? 26  MET B CG  1 
ATOM   867  S SD  . MET B 1 26 ? 16.920  14.556  -3.918  1.00 45.60 ? 26  MET B SD  1 
ATOM   868  C CE  . MET B 1 26 ? 18.206  13.638  -4.753  1.00 41.57 ? 26  MET B CE  1 
ATOM   869  N N   . THR B 1 27 ? 18.061  10.586  0.187   1.00 42.76 ? 27  THR B N   1 
ATOM   870  C CA  . THR B 1 27 ? 18.682  10.340  1.486   1.00 40.08 ? 27  THR B CA  1 
ATOM   871  C C   . THR B 1 27 ? 19.624  9.143   1.423   1.00 42.72 ? 27  THR B C   1 
ATOM   872  O O   . THR B 1 27 ? 20.484  8.972   2.286   1.00 45.04 ? 27  THR B O   1 
ATOM   873  C CB  . THR B 1 27 ? 17.634  10.106  2.587   1.00 45.10 ? 27  THR B CB  1 
ATOM   874  O OG1 . THR B 1 27 ? 16.774  9.023   2.211   1.00 44.29 ? 27  THR B OG1 1 
ATOM   875  C CG2 . THR B 1 27 ? 16.801  11.360  2.805   1.00 33.63 ? 27  THR B CG2 1 
ATOM   876  N N   . LYS B 1 28 ? 19.434  8.313   0.399   1.00 42.54 ? 28  LYS B N   1 
ATOM   877  C CA  . LYS B 1 28 ? 20.276  7.147   0.137   1.00 41.60 ? 28  LYS B CA  1 
ATOM   878  C C   . LYS B 1 28 ? 20.161  6.098   1.251   1.00 43.38 ? 28  LYS B C   1 
ATOM   879  O O   . LYS B 1 28 ? 21.061  5.283   1.439   1.00 49.95 ? 28  LYS B O   1 
ATOM   880  C CB  . LYS B 1 28 ? 21.742  7.571   -0.050  1.00 46.20 ? 28  LYS B CB  1 
ATOM   881  C CG  . LYS B 1 28 ? 22.060  8.267   -1.387  1.00 50.48 ? 28  LYS B CG  1 
ATOM   882  C CD  . LYS B 1 28 ? 23.075  9.401   -1.218  1.00 53.93 ? 28  LYS B CD  1 
ATOM   883  C CE  . LYS B 1 28 ? 23.600  9.860   -2.567  1.00 59.26 ? 28  LYS B CE  1 
ATOM   884  N NZ  . LYS B 1 28 ? 22.478  10.039  -3.535  1.00 67.84 ? 28  LYS B NZ  1 
ATOM   885  N N   . GLN B 1 29 ? 19.043  6.106   1.972   1.00 41.60 ? 29  GLN B N   1 
ATOM   886  C CA  . GLN B 1 29 ? 18.840  5.166   3.072   1.00 45.97 ? 29  GLN B CA  1 
ATOM   887  C C   . GLN B 1 29 ? 17.546  4.378   2.911   1.00 46.09 ? 29  GLN B C   1 
ATOM   888  O O   . GLN B 1 29 ? 16.503  4.940   2.575   1.00 43.60 ? 29  GLN B O   1 
ATOM   889  C CB  . GLN B 1 29 ? 18.827  5.901   4.414   1.00 42.08 ? 29  GLN B CB  1 
ATOM   890  C CG  . GLN B 1 29 ? 20.016  6.816   4.679   1.00 47.68 ? 29  GLN B CG  1 
ATOM   891  C CD  . GLN B 1 29 ? 21.306  6.065   4.937   1.00 49.39 ? 29  GLN B CD  1 
ATOM   892  O OE1 . GLN B 1 29 ? 21.392  4.854   4.732   1.00 54.92 ? 29  GLN B OE1 1 
ATOM   893  N NE2 . GLN B 1 29 ? 22.323  6.787   5.383   1.00 50.50 ? 29  GLN B NE2 1 
ATOM   894  N N   . THR B 1 30 ? 17.629  3.071   3.141   1.00 41.87 ? 30  THR B N   1 
ATOM   895  C CA  . THR B 1 30 ? 16.461  2.201   3.101   1.00 38.77 ? 30  THR B CA  1 
ATOM   896  C C   . THR B 1 30 ? 16.361  1.376   4.381   1.00 42.24 ? 30  THR B C   1 
ATOM   897  O O   . THR B 1 30 ? 15.471  0.535   4.520   1.00 44.25 ? 30  THR B O   1 
ATOM   898  C CB  . THR B 1 30 ? 16.510  1.250   1.895   1.00 42.01 ? 30  THR B CB  1 
ATOM   899  O OG1 . THR B 1 30 ? 17.831  0.709   1.768   1.00 48.30 ? 30  THR B OG1 1 
ATOM   900  C CG2 . THR B 1 30 ? 16.142  1.987   0.616   1.00 39.55 ? 30  THR B CG2 1 
ATOM   901  N N   . ARG B 1 31 ? 17.303  1.607   5.292   1.00 41.51 ? 31  ARG B N   1 
ATOM   902  C CA  . ARG B 1 31 ? 17.451  0.830   6.524   1.00 38.36 ? 31  ARG B CA  1 
ATOM   903  C C   . ARG B 1 31 ? 16.140  0.585   7.288   1.00 41.86 ? 31  ARG B C   1 
ATOM   904  O O   . ARG B 1 31 ? 15.881  -0.533  7.734   1.00 39.42 ? 31  ARG B O   1 
ATOM   905  C CB  . ARG B 1 31 ? 18.467  1.517   7.442   1.00 40.86 ? 31  ARG B CB  1 
ATOM   906  C CG  . ARG B 1 31 ? 18.701  0.798   8.760   1.00 36.65 ? 31  ARG B CG  1 
ATOM   907  C CD  . ARG B 1 31 ? 18.192  1.606   9.938   1.00 47.69 ? 31  ARG B CD  1 
ATOM   908  N NE  . ARG B 1 31 ? 19.143  2.626   10.373  1.00 49.08 ? 31  ARG B NE  1 
ATOM   909  C CZ  . ARG B 1 31 ? 18.793  3.794   10.903  1.00 41.08 ? 31  ARG B CZ  1 
ATOM   910  N NH1 . ARG B 1 31 ? 17.511  4.097   11.050  1.00 38.39 ? 31  ARG B NH1 1 
ATOM   911  N NH2 . ARG B 1 31 ? 19.724  4.662   11.277  1.00 38.97 ? 31  ARG B NH2 1 
ATOM   912  N N   . ASP B 1 32 ? 15.316  1.622   7.430   1.00 40.16 ? 32  ASP B N   1 
ATOM   913  C CA  . ASP B 1 32 ? 14.093  1.520   8.228   1.00 40.61 ? 32  ASP B CA  1 
ATOM   914  C C   . ASP B 1 32 ? 12.940  0.901   7.456   1.00 42.55 ? 32  ASP B C   1 
ATOM   915  O O   . ASP B 1 32 ? 11.902  0.574   8.031   1.00 44.34 ? 32  ASP B O   1 
ATOM   916  C CB  . ASP B 1 32 ? 13.664  2.890   8.749   1.00 40.67 ? 32  ASP B CB  1 
ATOM   917  C CG  . ASP B 1 32 ? 14.667  3.487   9.703   1.00 43.57 ? 32  ASP B CG  1 
ATOM   918  O OD1 . ASP B 1 32 ? 15.335  2.713   10.419  1.00 45.50 ? 32  ASP B OD1 1 
ATOM   919  O OD2 . ASP B 1 32 ? 14.791  4.728   9.739   1.00 43.95 ? 32  ASP B OD2 1 
ATOM   920  N N   . ILE B 1 33 ? 13.127  0.737   6.154   1.00 40.24 ? 33  ILE B N   1 
ATOM   921  C CA  . ILE B 1 33 ? 12.104  0.150   5.304   1.00 40.45 ? 33  ILE B CA  1 
ATOM   922  C C   . ILE B 1 33 ? 12.154  -1.365  5.462   1.00 39.11 ? 33  ILE B C   1 
ATOM   923  O O   . ILE B 1 33 ? 13.221  -1.935  5.659   1.00 40.84 ? 33  ILE B O   1 
ATOM   924  C CB  . ILE B 1 33 ? 12.287  0.576   3.833   1.00 39.10 ? 33  ILE B CB  1 
ATOM   925  C CG1 . ILE B 1 33 ? 12.105  2.095   3.716   1.00 43.39 ? 33  ILE B CG1 1 
ATOM   926  C CG2 . ILE B 1 33 ? 11.283  -0.128  2.941   1.00 44.84 ? 33  ILE B CG2 1 
ATOM   927  C CD1 . ILE B 1 33 ? 12.740  2.712   2.488   1.00 44.96 ? 33  ILE B CD1 1 
ATOM   928  N N   . SER B 1 34 ? 10.987  -1.997  5.519   1.00 41.77 ? 34  SER B N   1 
ATOM   929  C CA  . SER B 1 34 ? 10.907  -3.452  5.614   1.00 40.59 ? 34  SER B CA  1 
ATOM   930  C C   . SER B 1 34 ? 10.970  -4.113  4.239   1.00 41.20 ? 34  SER B C   1 
ATOM   931  O O   . SER B 1 34 ? 10.207  -3.758  3.339   1.00 43.74 ? 34  SER B O   1 
ATOM   932  C CB  . SER B 1 34 ? 9.632   -3.880  6.337   1.00 36.32 ? 34  SER B CB  1 
ATOM   933  O OG  . SER B 1 34 ? 9.653   -5.276  6.584   1.00 40.40 ? 34  SER B OG  1 
ATOM   934  N N   . ARG B 1 35 ? 11.877  -5.067  4.067   1.00 37.89 ? 35  ARG B N   1 
ATOM   935  C CA  . ARG B 1 35 ? 11.940  -5.817  2.818   1.00 37.81 ? 35  ARG B CA  1 
ATOM   936  C C   . ARG B 1 35 ? 10.735  -6.724  2.673   1.00 35.01 ? 35  ARG B C   1 
ATOM   937  O O   . ARG B 1 35 ? 10.152  -6.841  1.596   1.00 30.97 ? 35  ARG B O   1 
ATOM   938  C CB  . ARG B 1 35 ? 13.210  -6.661  2.744   1.00 37.74 ? 35  ARG B CB  1 
ATOM   939  C CG  . ARG B 1 35 ? 13.270  -7.529  1.493   1.00 46.89 ? 35  ARG B CG  1 
ATOM   940  C CD  . ARG B 1 35 ? 14.423  -8.520  1.509   1.00 40.51 ? 35  ARG B CD  1 
ATOM   941  N NE  . ARG B 1 35 ? 15.257  -8.390  2.699   1.00 52.73 ? 35  ARG B NE  1 
ATOM   942  C CZ  . ARG B 1 35 ? 16.418  -9.014  2.871   1.00 64.12 ? 35  ARG B CZ  1 
ATOM   943  N NH1 . ARG B 1 35 ? 17.107  -8.833  3.990   1.00 67.59 ? 35  ARG B NH1 1 
ATOM   944  N NH2 . ARG B 1 35 ? 16.896  -9.815  1.927   1.00 60.54 ? 35  ARG B NH2 1 
ATOM   945  N N   . ASN B 1 36 ? 10.349  -7.336  3.783   1.00 33.23 ? 36  ASN B N   1 
ATOM   946  C CA  . ASN B 1 36 ? 9.226   -8.253  3.808   1.00 33.94 ? 36  ASN B CA  1 
ATOM   947  C C   . ASN B 1 36 ? 7.928   -7.562  3.415   1.00 35.14 ? 36  ASN B C   1 
ATOM   948  O O   . ASN B 1 36 ? 7.067   -8.171  2.783   1.00 30.58 ? 36  ASN B O   1 
ATOM   949  C CB  . ASN B 1 36 ? 9.097   -8.882  5.188   1.00 35.49 ? 36  ASN B CB  1 
ATOM   950  C CG  . ASN B 1 36 ? 10.198  -9.885  5.472   1.00 37.58 ? 36  ASN B CG  1 
ATOM   951  O OD1 . ASN B 1 36 ? 10.804  -10.436 4.551   1.00 38.99 ? 36  ASN B OD1 1 
ATOM   952  N ND2 . ASN B 1 36 ? 10.465  -10.125 6.749   1.00 38.58 ? 36  ASN B ND2 1 
ATOM   953  N N   . MET B 1 37 ? 7.787   -6.295  3.795   1.00 37.47 ? 37  MET B N   1 
ATOM   954  C CA  . MET B 1 37 ? 6.595   -5.530  3.449   1.00 34.12 ? 37  MET B CA  1 
ATOM   955  C C   . MET B 1 37 ? 6.437   -5.370  1.944   1.00 35.48 ? 37  MET B C   1 
ATOM   956  O O   . MET B 1 37 ? 5.414   -5.755  1.377   1.00 34.19 ? 37  MET B O   1 
ATOM   957  C CB  . MET B 1 37 ? 6.622   -4.146  4.097   1.00 37.83 ? 37  MET B CB  1 
ATOM   958  C CG  . MET B 1 37 ? 5.624   -3.187  3.460   1.00 33.81 ? 37  MET B CG  1 
ATOM   959  S SD  . MET B 1 37 ? 5.078   -1.830  4.508   1.00 55.23 ? 37  MET B SD  1 
ATOM   960  C CE  . MET B 1 37 ? 6.270   -0.567  4.092   1.00 39.88 ? 37  MET B CE  1 
ATOM   961  N N   . TYR B 1 38 ? 7.449   -4.796  1.301   1.00 36.75 ? 38  TYR B N   1 
ATOM   962  C CA  . TYR B 1 38 ? 7.380   -4.509  -0.129  1.00 36.59 ? 38  TYR B CA  1 
ATOM   963  C C   . TYR B 1 38 ? 7.337   -5.767  -0.988  1.00 39.57 ? 38  TYR B C   1 
ATOM   964  O O   . TYR B 1 38 ? 6.676   -5.788  -2.025  1.00 42.62 ? 38  TYR B O   1 
ATOM   965  C CB  . TYR B 1 38 ? 8.547   -3.623  -0.555  1.00 36.45 ? 38  TYR B CB  1 
ATOM   966  C CG  . TYR B 1 38 ? 8.292   -2.164  -0.268  1.00 38.27 ? 38  TYR B CG  1 
ATOM   967  C CD1 . TYR B 1 38 ? 8.473   -1.643  1.004   1.00 38.40 ? 38  TYR B CD1 1 
ATOM   968  C CD2 . TYR B 1 38 ? 7.810   -1.319  -1.258  1.00 39.61 ? 38  TYR B CD2 1 
ATOM   969  C CE1 . TYR B 1 38 ? 8.221   -0.313  1.268   1.00 37.34 ? 38  TYR B CE1 1 
ATOM   970  C CE2 . TYR B 1 38 ? 7.547   0.007   -0.998  1.00 34.77 ? 38  TYR B CE2 1 
ATOM   971  C CZ  . TYR B 1 38 ? 7.758   0.505   0.267   1.00 37.14 ? 38  TYR B CZ  1 
ATOM   972  O OH  . TYR B 1 38 ? 7.503   1.826   0.529   1.00 32.86 ? 38  TYR B OH  1 
ATOM   973  N N   . ILE B 1 39 ? 8.059   -6.803  -0.570  1.00 38.37 ? 39  ILE B N   1 
ATOM   974  C CA  . ILE B 1 39 ? 7.959   -8.105  -1.220  1.00 36.50 ? 39  ILE B CA  1 
ATOM   975  C C   . ILE B 1 39 ? 6.518   -8.603  -1.183  1.00 38.13 ? 39  ILE B C   1 
ATOM   976  O O   . ILE B 1 39 ? 5.952   -8.969  -2.214  1.00 38.85 ? 39  ILE B O   1 
ATOM   977  C CB  . ILE B 1 39 ? 8.880   -9.149  -0.561  1.00 36.48 ? 39  ILE B CB  1 
ATOM   978  C CG1 . ILE B 1 39 ? 10.348  -8.842  -0.860  1.00 34.27 ? 39  ILE B CG1 1 
ATOM   979  C CG2 . ILE B 1 39 ? 8.537   -10.544 -1.047  1.00 39.55 ? 39  ILE B CG2 1 
ATOM   980  C CD1 . ILE B 1 39 ? 11.288  -9.949  -0.442  1.00 35.24 ? 39  ILE B CD1 1 
ATOM   981  N N   . MET B 1 40 ? 5.931   -8.615  0.011   1.00 37.88 ? 40  MET B N   1 
ATOM   982  C CA  . MET B 1 40 ? 4.565   -9.095  0.192   1.00 39.01 ? 40  MET B CA  1 
ATOM   983  C C   . MET B 1 40 ? 3.617   -8.190  -0.581  1.00 41.82 ? 40  MET B C   1 
ATOM   984  O O   . MET B 1 40 ? 2.625   -8.645  -1.149  1.00 42.51 ? 40  MET B O   1 
ATOM   985  C CB  . MET B 1 40 ? 4.185   -9.126  1.673   1.00 32.64 ? 40  MET B CB  1 
ATOM   986  C CG  . MET B 1 40 ? 4.299   -10.495 2.332   1.00 43.23 ? 40  MET B CG  1 
ATOM   987  S SD  . MET B 1 40 ? 3.821   -10.463 4.074   1.00 45.62 ? 40  MET B SD  1 
ATOM   988  C CE  . MET B 1 40 ? 2.055   -10.747 3.946   1.00 29.02 ? 40  MET B CE  1 
ATOM   989  N N   . PHE B 1 41 ? 3.941   -6.900  -0.589  1.00 37.75 ? 41  PHE B N   1 
ATOM   990  C CA  . PHE B 1 41 ? 3.145   -5.890  -1.270  1.00 40.21 ? 41  PHE B CA  1 
ATOM   991  C C   . PHE B 1 41 ? 3.198   -6.052  -2.783  1.00 40.35 ? 41  PHE B C   1 
ATOM   992  O O   . PHE B 1 41 ? 2.192   -5.872  -3.467  1.00 42.21 ? 41  PHE B O   1 
ATOM   993  C CB  . PHE B 1 41 ? 3.639   -4.491  -0.885  1.00 46.47 ? 41  PHE B CB  1 
ATOM   994  C CG  . PHE B 1 41 ? 2.658   -3.392  -1.178  1.00 43.55 ? 41  PHE B CG  1 
ATOM   995  C CD1 . PHE B 1 41 ? 1.773   -2.957  -0.203  1.00 44.49 ? 41  PHE B CD1 1 
ATOM   996  C CD2 . PHE B 1 41 ? 2.629   -2.784  -2.423  1.00 33.14 ? 41  PHE B CD2 1 
ATOM   997  C CE1 . PHE B 1 41 ? 0.870   -1.944  -0.470  1.00 44.11 ? 41  PHE B CE1 1 
ATOM   998  C CE2 . PHE B 1 41 ? 1.731   -1.773  -2.694  1.00 36.21 ? 41  PHE B CE2 1 
ATOM   999  C CZ  . PHE B 1 41 ? 0.850   -1.352  -1.719  1.00 42.45 ? 41  PHE B CZ  1 
ATOM   1000 N N   . PHE B 1 42 ? 4.369   -6.417  -3.293  1.00 37.74 ? 42  PHE B N   1 
ATOM   1001 C CA  . PHE B 1 42 ? 4.581   -6.551  -4.731  1.00 35.64 ? 42  PHE B CA  1 
ATOM   1002 C C   . PHE B 1 42 ? 3.695   -7.667  -5.288  1.00 39.71 ? 42  PHE B C   1 
ATOM   1003 O O   . PHE B 1 42 ? 3.074   -7.492  -6.334  1.00 40.11 ? 42  PHE B O   1 
ATOM   1004 C CB  . PHE B 1 42 ? 6.066   -6.804  -5.016  1.00 41.49 ? 42  PHE B CB  1 
ATOM   1005 C CG  . PHE B 1 42 ? 6.387   -7.093  -6.458  1.00 40.54 ? 42  PHE B CG  1 
ATOM   1006 C CD1 . PHE B 1 42 ? 6.729   -6.064  -7.320  1.00 39.06 ? 42  PHE B CD1 1 
ATOM   1007 C CD2 . PHE B 1 42 ? 6.390   -8.393  -6.943  1.00 42.44 ? 42  PHE B CD2 1 
ATOM   1008 C CE1 . PHE B 1 42 ? 7.044   -6.321  -8.640  1.00 42.56 ? 42  PHE B CE1 1 
ATOM   1009 C CE2 . PHE B 1 42 ? 6.699   -8.653  -8.265  1.00 44.32 ? 42  PHE B CE2 1 
ATOM   1010 C CZ  . PHE B 1 42 ? 7.027   -7.618  -9.114  1.00 36.72 ? 42  PHE B CZ  1 
ATOM   1011 N N   . LEU B 1 43 ? 3.629   -8.810  -4.601  1.00 37.55 ? 43  LEU B N   1 
ATOM   1012 C CA  . LEU B 1 43 ? 2.736   -9.887  -5.038  1.00 32.86 ? 43  LEU B CA  1 
ATOM   1013 C C   . LEU B 1 43 ? 1.269   -9.494  -4.932  1.00 32.92 ? 43  LEU B C   1 
ATOM   1014 O O   . LEU B 1 43 ? 0.447   -9.976  -5.704  1.00 33.04 ? 43  LEU B O   1 
ATOM   1015 C CB  . LEU B 1 43 ? 2.961   -11.196 -4.260  1.00 33.22 ? 43  LEU B CB  1 
ATOM   1016 C CG  . LEU B 1 43 ? 4.204   -12.080 -4.464  1.00 31.47 ? 43  LEU B CG  1 
ATOM   1017 C CD1 . LEU B 1 43 ? 5.023   -11.629 -5.663  1.00 34.38 ? 43  LEU B CD1 1 
ATOM   1018 C CD2 . LEU B 1 43 ? 5.084   -12.255 -3.223  1.00 36.95 ? 43  LEU B CD2 1 
ATOM   1019 N N   . GLY B 1 44 ? 0.934   -8.647  -3.963  1.00 37.47 ? 44  GLY B N   1 
ATOM   1020 C CA  . GLY B 1 44 ? -0.447  -8.245  -3.772  1.00 35.40 ? 44  GLY B CA  1 
ATOM   1021 C C   . GLY B 1 44 ? -1.040  -7.459  -4.925  1.00 34.71 ? 44  GLY B C   1 
ATOM   1022 O O   . GLY B 1 44 ? -2.105  -7.819  -5.427  1.00 39.86 ? 44  GLY B O   1 
ATOM   1023 N N   . VAL B 1 45 ? -0.363  -6.393  -5.351  1.00 33.76 ? 45  VAL B N   1 
ATOM   1024 C CA  . VAL B 1 45 ? -0.877  -5.566  -6.442  1.00 34.34 ? 45  VAL B CA  1 
ATOM   1025 C C   . VAL B 1 45 ? -0.975  -6.388  -7.721  1.00 36.36 ? 45  VAL B C   1 
ATOM   1026 O O   . VAL B 1 45 ? -1.831  -6.120  -8.563  1.00 40.90 ? 45  VAL B O   1 
ATOM   1027 C CB  . VAL B 1 45 ? -0.023  -4.290  -6.691  1.00 37.07 ? 45  VAL B CB  1 
ATOM   1028 C CG1 . VAL B 1 45 ? 0.828   -3.956  -5.480  1.00 34.33 ? 45  VAL B CG1 1 
ATOM   1029 C CG2 . VAL B 1 45 ? 0.835   -4.426  -7.934  1.00 37.71 ? 45  VAL B CG2 1 
ATOM   1030 N N   . VAL B 1 46 ? -0.094  -7.374  -7.872  1.00 32.36 ? 46  VAL B N   1 
ATOM   1031 C CA  . VAL B 1 46 ? -0.155  -8.264  -9.024  1.00 36.91 ? 46  VAL B CA  1 
ATOM   1032 C C   . VAL B 1 46 ? -1.454  -9.058  -8.984  1.00 42.48 ? 46  VAL B C   1 
ATOM   1033 O O   . VAL B 1 46 ? -2.154  -9.158  -9.990  1.00 41.02 ? 46  VAL B O   1 
ATOM   1034 C CB  . VAL B 1 46 ? 1.046   -9.221  -9.071  1.00 38.29 ? 46  VAL B CB  1 
ATOM   1035 C CG1 . VAL B 1 46 ? 0.780   -10.369 -10.030 1.00 36.58 ? 46  VAL B CG1 1 
ATOM   1036 C CG2 . VAL B 1 46 ? 2.310   -8.467  -9.462  1.00 37.78 ? 46  VAL B CG2 1 
ATOM   1037 N N   . LEU B 1 47 ? -1.776  -9.618  -7.823  1.00 37.04 ? 47  LEU B N   1 
ATOM   1038 C CA  . LEU B 1 47 ? -3.036  -10.328 -7.658  1.00 35.69 ? 47  LEU B CA  1 
ATOM   1039 C C   . LEU B 1 47 ? -4.199  -9.338  -7.626  1.00 39.78 ? 47  LEU B C   1 
ATOM   1040 O O   . LEU B 1 47 ? -5.313  -9.684  -8.014  1.00 41.20 ? 47  LEU B O   1 
ATOM   1041 C CB  . LEU B 1 47 ? -3.040  -11.193 -6.397  1.00 37.16 ? 47  LEU B CB  1 
ATOM   1042 C CG  . LEU B 1 47 ? -2.554  -12.649 -6.421  1.00 43.17 ? 47  LEU B CG  1 
ATOM   1043 C CD1 . LEU B 1 47 ? -3.291  -13.478 -7.475  1.00 45.38 ? 47  LEU B CD1 1 
ATOM   1044 C CD2 . LEU B 1 47 ? -1.050  -12.733 -6.613  1.00 41.52 ? 47  LEU B CD2 1 
ATOM   1045 N N   . TRP B 1 48 ? -3.947  -8.110  -7.175  1.00 38.22 ? 48  TRP B N   1 
ATOM   1046 C CA  . TRP B 1 48 ? -4.989  -7.093  -7.229  1.00 35.98 ? 48  TRP B CA  1 
ATOM   1047 C C   . TRP B 1 48 ? -5.269  -6.729  -8.677  1.00 38.33 ? 48  TRP B C   1 
ATOM   1048 O O   . TRP B 1 48 ? -6.424  -6.608  -9.075  1.00 39.74 ? 48  TRP B O   1 
ATOM   1049 C CB  . TRP B 1 48 ? -4.581  -5.831  -6.456  1.00 38.80 ? 48  TRP B CB  1 
ATOM   1050 C CG  . TRP B 1 48 ? -4.950  -5.802  -5.000  1.00 35.34 ? 48  TRP B CG  1 
ATOM   1051 C CD1 . TRP B 1 48 ? -4.105  -5.614  -3.946  1.00 33.67 ? 48  TRP B CD1 1 
ATOM   1052 C CD2 . TRP B 1 48 ? -6.266  -5.920  -4.442  1.00 32.88 ? 48  TRP B CD2 1 
ATOM   1053 N NE1 . TRP B 1 48 ? -4.809  -5.629  -2.765  1.00 36.64 ? 48  TRP B NE1 1 
ATOM   1054 C CE2 . TRP B 1 48 ? -6.140  -5.814  -3.043  1.00 32.96 ? 48  TRP B CE2 1 
ATOM   1055 C CE3 . TRP B 1 48 ? -7.538  -6.116  -4.989  1.00 40.40 ? 48  TRP B CE3 1 
ATOM   1056 C CZ2 . TRP B 1 48 ? -7.236  -5.898  -2.184  1.00 38.66 ? 48  TRP B CZ2 1 
ATOM   1057 C CZ3 . TRP B 1 48 ? -8.625  -6.199  -4.134  1.00 45.76 ? 48  TRP B CZ3 1 
ATOM   1058 C CH2 . TRP B 1 48 ? -8.467  -6.090  -2.749  1.00 41.56 ? 48  TRP B CH2 1 
ATOM   1059 N N   . PHE B 1 49 ? -4.215  -6.647  -9.482  1.00 36.71 ? 49  PHE B N   1 
ATOM   1060 C CA  . PHE B 1 49 ? -4.360  -6.294  -10.889 1.00 35.83 ? 49  PHE B CA  1 
ATOM   1061 C C   . PHE B 1 49 ? -5.191  -7.330  -11.629 1.00 38.95 ? 49  PHE B C   1 
ATOM   1062 O O   . PHE B 1 49 ? -6.093  -6.984  -12.391 1.00 36.81 ? 49  PHE B O   1 
ATOM   1063 C CB  . PHE B 1 49 ? -2.993  -6.141  -11.555 1.00 38.66 ? 49  PHE B CB  1 
ATOM   1064 C CG  . PHE B 1 49 ? -3.062  -6.052  -13.051 1.00 38.68 ? 49  PHE B CG  1 
ATOM   1065 C CD1 . PHE B 1 49 ? -3.703  -4.988  -13.667 1.00 48.51 ? 49  PHE B CD1 1 
ATOM   1066 C CD2 . PHE B 1 49 ? -2.487  -7.031  -13.843 1.00 38.77 ? 49  PHE B CD2 1 
ATOM   1067 C CE1 . PHE B 1 49 ? -3.773  -4.907  -15.045 1.00 47.20 ? 49  PHE B CE1 1 
ATOM   1068 C CE2 . PHE B 1 49 ? -2.551  -6.954  -15.222 1.00 38.96 ? 49  PHE B CE2 1 
ATOM   1069 C CZ  . PHE B 1 49 ? -3.194  -5.890  -15.824 1.00 45.49 ? 49  PHE B CZ  1 
ATOM   1070 N N   . VAL B 1 50 ? -4.891  -8.601  -11.379 1.00 38.28 ? 50  VAL B N   1 
ATOM   1071 C CA  . VAL B 1 50 ? -5.643  -9.698  -11.970 1.00 37.96 ? 50  VAL B CA  1 
ATOM   1072 C C   . VAL B 1 50 ? -7.087  -9.681  -11.477 1.00 32.16 ? 50  VAL B C   1 
ATOM   1073 O O   . VAL B 1 50 ? -8.015  -9.852  -12.264 1.00 34.83 ? 50  VAL B O   1 
ATOM   1074 C CB  . VAL B 1 50 ? -4.998  -11.058 -11.650 1.00 40.62 ? 50  VAL B CB  1 
ATOM   1075 C CG1 . VAL B 1 50 ? -5.905  -12.202 -12.079 1.00 32.53 ? 50  VAL B CG1 1 
ATOM   1076 C CG2 . VAL B 1 50 ? -3.638  -11.167 -12.323 1.00 38.13 ? 50  VAL B CG2 1 
ATOM   1077 N N   . TYR B 1 51 ? -7.273  -9.479  -10.176 1.00 32.83 ? 51  TYR B N   1 
ATOM   1078 C CA  . TYR B 1 51 ? -8.612  -9.348  -9.606  1.00 38.13 ? 51  TYR B CA  1 
ATOM   1079 C C   . TYR B 1 51 ? -9.428  -8.277  -10.317 1.00 41.09 ? 51  TYR B C   1 
ATOM   1080 O O   . TYR B 1 51 ? -10.588 -8.501  -10.653 1.00 42.10 ? 51  TYR B O   1 
ATOM   1081 C CB  . TYR B 1 51 ? -8.525  -9.023  -8.116  1.00 39.07 ? 51  TYR B CB  1 
ATOM   1082 C CG  . TYR B 1 51 ? -9.869  -8.874  -7.433  1.00 42.96 ? 51  TYR B CG  1 
ATOM   1083 C CD1 . TYR B 1 51 ? -10.664 -9.978  -7.167  1.00 42.49 ? 51  TYR B CD1 1 
ATOM   1084 C CD2 . TYR B 1 51 ? -10.340 -7.623  -7.053  1.00 43.86 ? 51  TYR B CD2 1 
ATOM   1085 C CE1 . TYR B 1 51 ? -11.892 -9.846  -6.545  1.00 42.94 ? 51  TYR B CE1 1 
ATOM   1086 C CE2 . TYR B 1 51 ? -11.568 -7.481  -6.428  1.00 46.05 ? 51  TYR B CE2 1 
ATOM   1087 C CZ  . TYR B 1 51 ? -12.338 -8.597  -6.177  1.00 45.49 ? 51  TYR B CZ  1 
ATOM   1088 O OH  . TYR B 1 51 ? -13.559 -8.461  -5.561  1.00 43.15 ? 51  TYR B OH  1 
ATOM   1089 N N   . GLY B 1 52 ? -8.813  -7.119  -10.546 1.00 38.57 ? 52  GLY B N   1 
ATOM   1090 C CA  . GLY B 1 52 ? -9.466  -6.017  -11.232 1.00 39.28 ? 52  GLY B CA  1 
ATOM   1091 C C   . GLY B 1 52 ? -9.827  -6.298  -12.674 1.00 45.78 ? 52  GLY B C   1 
ATOM   1092 O O   . GLY B 1 52 ? -10.834 -5.799  -13.178 1.00 44.82 ? 52  GLY B O   1 
ATOM   1093 N N   . ILE B 1 53 ? -9.000  -7.095  -13.340 1.00 39.44 ? 53  ILE B N   1 
ATOM   1094 C CA  . ILE B 1 53 ? -9.301  -7.524  -14.696 1.00 35.80 ? 53  ILE B CA  1 
ATOM   1095 C C   . ILE B 1 53 ? -10.542 -8.399  -14.672 1.00 39.42 ? 53  ILE B C   1 
ATOM   1096 O O   . ILE B 1 53 ? -11.495 -8.153  -15.411 1.00 38.47 ? 53  ILE B O   1 
ATOM   1097 C CB  . ILE B 1 53 ? -8.127  -8.285  -15.324 1.00 44.05 ? 53  ILE B CB  1 
ATOM   1098 C CG1 . ILE B 1 53 ? -6.934  -7.339  -15.507 1.00 41.77 ? 53  ILE B CG1 1 
ATOM   1099 C CG2 . ILE B 1 53 ? -8.528  -8.867  -16.663 1.00 41.63 ? 53  ILE B CG2 1 
ATOM   1100 C CD1 . ILE B 1 53 ? -7.134  -6.331  -16.622 1.00 40.83 ? 53  ILE B CD1 1 
ATOM   1101 N N   . LEU B 1 54 ? -10.537 -9.410  -13.810 1.00 42.49 ? 54  LEU B N   1 
ATOM   1102 C CA  . LEU B 1 54 ? -11.681 -10.303 -13.671 1.00 39.94 ? 54  LEU B CA  1 
ATOM   1103 C C   . LEU B 1 54 ? -12.900 -9.558  -13.143 1.00 43.57 ? 54  LEU B C   1 
ATOM   1104 O O   . LEU B 1 54 ? -14.028 -10.021 -13.282 1.00 48.29 ? 54  LEU B O   1 
ATOM   1105 C CB  . LEU B 1 54 ? -11.348 -11.468 -12.742 1.00 38.95 ? 54  LEU B CB  1 
ATOM   1106 C CG  . LEU B 1 54 ? -10.838 -12.744 -13.408 1.00 41.21 ? 54  LEU B CG  1 
ATOM   1107 C CD1 . LEU B 1 54 ? -11.972 -13.419 -14.156 1.00 42.67 ? 54  LEU B CD1 1 
ATOM   1108 C CD2 . LEU B 1 54 ? -9.673  -12.459 -14.340 1.00 35.10 ? 54  LEU B CD2 1 
ATOM   1109 N N   . ARG B 1 55 ? -12.657 -8.408  -12.527 1.00 41.95 ? 55  ARG B N   1 
ATOM   1110 C CA  . ARG B 1 55 ? -13.716 -7.566  -11.990 1.00 41.75 ? 55  ARG B CA  1 
ATOM   1111 C C   . ARG B 1 55 ? -14.175 -6.479  -12.958 1.00 46.00 ? 55  ARG B C   1 
ATOM   1112 O O   . ARG B 1 55 ? -15.238 -5.886  -12.760 1.00 40.92 ? 55  ARG B O   1 
ATOM   1113 C CB  . ARG B 1 55 ? -13.241 -6.926  -10.682 1.00 42.62 ? 55  ARG B CB  1 
ATOM   1114 C CG  . ARG B 1 55 ? -13.541 -7.739  -9.434  1.00 46.98 ? 55  ARG B CG  1 
ATOM   1115 C CD  . ARG B 1 55 ? -15.018 -7.591  -9.141  1.00 46.50 ? 55  ARG B CD  1 
ATOM   1116 N NE  . ARG B 1 55 ? -15.570 -8.659  -8.321  1.00 46.02 ? 55  ARG B NE  1 
ATOM   1117 C CZ  . ARG B 1 55 ? -16.870 -8.786  -8.090  1.00 53.17 ? 55  ARG B CZ  1 
ATOM   1118 N NH1 . ARG B 1 55 ? -17.727 -7.921  -8.621  1.00 56.71 ? 55  ARG B NH1 1 
ATOM   1119 N NH2 . ARG B 1 55 ? -17.315 -9.770  -7.336  1.00 62.37 ? 55  ARG B NH2 1 
ATOM   1120 N N   . SER B 1 56 ? -13.377 -6.228  -13.997 1.00 42.05 ? 56  SER B N   1 
ATOM   1121 C CA  . SER B 1 56 ? -13.602 -5.100  -14.907 1.00 39.76 ? 56  SER B CA  1 
ATOM   1122 C C   . SER B 1 56 ? -13.655 -3.804  -14.109 1.00 42.33 ? 56  SER B C   1 
ATOM   1123 O O   . SER B 1 56 ? -14.338 -2.846  -14.478 1.00 47.03 ? 56  SER B O   1 
ATOM   1124 C CB  . SER B 1 56 ? -14.885 -5.287  -15.720 1.00 43.10 ? 56  SER B CB  1 
ATOM   1125 O OG  . SER B 1 56 ? -14.903 -6.554  -16.356 1.00 44.28 ? 56  SER B OG  1 
ATOM   1126 N N   . ASP B 1 57 ? -12.926 -3.802  -13.000 1.00 41.33 ? 57  ASP B N   1 
ATOM   1127 C CA  . ASP B 1 57 ? -12.852 -2.666  -12.102 1.00 42.94 ? 57  ASP B CA  1 
ATOM   1128 C C   . ASP B 1 57 ? -11.646 -1.802  -12.464 1.00 41.56 ? 57  ASP B C   1 
ATOM   1129 O O   . ASP B 1 57 ? -10.526 -2.120  -12.078 1.00 41.31 ? 57  ASP B O   1 
ATOM   1130 C CB  . ASP B 1 57 ? -12.744 -3.157  -10.658 1.00 42.64 ? 57  ASP B CB  1 
ATOM   1131 C CG  . ASP B 1 57 ? -13.392 -2.218  -9.672  1.00 37.83 ? 57  ASP B CG  1 
ATOM   1132 O OD1 . ASP B 1 57 ? -12.864 -1.107  -9.470  1.00 47.56 ? 57  ASP B OD1 1 
ATOM   1133 O OD2 . ASP B 1 57 ? -14.425 -2.599  -9.081  1.00 41.63 ? 57  ASP B OD2 1 
ATOM   1134 N N   . LEU B 1 58 ? -11.880 -0.693  -13.161 1.00 47.99 ? 58  LEU B N   1 
ATOM   1135 C CA  . LEU B 1 58 ? -10.789 0.111   -13.711 1.00 42.45 ? 58  LEU B CA  1 
ATOM   1136 C C   . LEU B 1 58 ? -9.968  0.894   -12.678 1.00 36.08 ? 58  LEU B C   1 
ATOM   1137 O O   . LEU B 1 58 ? -8.736  0.857   -12.755 1.00 35.75 ? 58  LEU B O   1 
ATOM   1138 C CB  . LEU B 1 58 ? -11.297 1.075   -14.796 1.00 38.81 ? 58  LEU B CB  1 
ATOM   1139 C CG  . LEU B 1 58 ? -11.512 0.567   -16.230 1.00 44.41 ? 58  LEU B CG  1 
ATOM   1140 C CD1 . LEU B 1 58 ? -12.451 -0.631  -16.311 1.00 45.78 ? 58  LEU B CD1 1 
ATOM   1141 C CD2 . LEU B 1 58 ? -12.021 1.702   -17.103 1.00 41.14 ? 58  LEU B CD2 1 
ATOM   1142 N N   . PRO B 1 59 ? -10.615 1.617   -11.737 1.00 35.51 ? 59  PRO B N   1 
ATOM   1143 C CA  . PRO B 1 59 ? -9.759  2.313   -10.770 1.00 36.82 ? 59  PRO B CA  1 
ATOM   1144 C C   . PRO B 1 59 ? -8.754  1.408   -10.077 1.00 42.50 ? 59  PRO B C   1 
ATOM   1145 O O   . PRO B 1 59 ? -7.626  1.843   -9.874  1.00 39.84 ? 59  PRO B O   1 
ATOM   1146 C CB  . PRO B 1 59 ? -10.763 2.864   -9.754  1.00 34.01 ? 59  PRO B CB  1 
ATOM   1147 C CG  . PRO B 1 59 ? -11.992 3.061   -10.540 1.00 35.21 ? 59  PRO B CG  1 
ATOM   1148 C CD  . PRO B 1 59 ? -12.037 1.928   -11.519 1.00 40.07 ? 59  PRO B CD  1 
ATOM   1149 N N   . ILE B 1 60 ? -9.118  0.171   -9.762  1.00 40.64 ? 60  ILE B N   1 
ATOM   1150 C CA  . ILE B 1 60 ? -8.149  -0.732  -9.156  1.00 41.95 ? 60  ILE B CA  1 
ATOM   1151 C C   . ILE B 1 60 ? -7.212  -1.325  -10.210 1.00 41.42 ? 60  ILE B C   1 
ATOM   1152 O O   . ILE B 1 60 ? -6.117  -1.777  -9.878  1.00 44.45 ? 60  ILE B O   1 
ATOM   1153 C CB  . ILE B 1 60 ? -8.812  -1.873  -8.372  1.00 44.15 ? 60  ILE B CB  1 
ATOM   1154 C CG1 . ILE B 1 60 ? -8.887  -3.151  -9.202  1.00 44.52 ? 60  ILE B CG1 1 
ATOM   1155 C CG2 . ILE B 1 60 ? -10.154 -1.465  -7.803  1.00 41.10 ? 60  ILE B CG2 1 
ATOM   1156 C CD1 . ILE B 1 60 ? -8.380  -4.350  -8.466  1.00 50.88 ? 60  ILE B CD1 1 
ATOM   1157 N N   . ILE B 1 61 ? -7.649  -1.358  -11.469 1.00 37.71 ? 61  ILE B N   1 
ATOM   1158 C CA  . ILE B 1 61 ? -6.774  -1.802  -12.555 1.00 42.36 ? 61  ILE B CA  1 
ATOM   1159 C C   . ILE B 1 61 ? -5.687  -0.766  -12.798 1.00 39.77 ? 61  ILE B C   1 
ATOM   1160 O O   . ILE B 1 61 ? -4.506  -1.102  -12.867 1.00 41.46 ? 61  ILE B O   1 
ATOM   1161 C CB  . ILE B 1 61 ? -7.534  -2.050  -13.880 1.00 41.90 ? 61  ILE B CB  1 
ATOM   1162 C CG1 . ILE B 1 61 ? -8.326  -3.357  -13.817 1.00 44.53 ? 61  ILE B CG1 1 
ATOM   1163 C CG2 . ILE B 1 61 ? -6.563  -2.189  -15.032 1.00 35.31 ? 61  ILE B CG2 1 
ATOM   1164 C CD1 . ILE B 1 61 ? -9.304  -3.528  -14.967 1.00 44.32 ? 61  ILE B CD1 1 
ATOM   1165 N N   . LEU B 1 62 ? -6.093  0.489   -12.941 1.00 34.59 ? 62  LEU B N   1 
ATOM   1166 C CA  . LEU B 1 62 ? -5.151  1.571   -13.184 1.00 38.83 ? 62  LEU B CA  1 
ATOM   1167 C C   . LEU B 1 62 ? -4.214  1.752   -11.994 1.00 39.37 ? 62  LEU B C   1 
ATOM   1168 O O   . LEU B 1 62 ? -3.001  1.869   -12.165 1.00 40.08 ? 62  LEU B O   1 
ATOM   1169 C CB  . LEU B 1 62 ? -5.896  2.872   -13.482 1.00 35.89 ? 62  LEU B CB  1 
ATOM   1170 N N   . ALA B 1 63 ? -4.789  1.794   -10.795 1.00 34.72 ? 63  ALA B N   1 
ATOM   1171 C CA  . ALA B 1 63 ? -4.018  2.000   -9.569  1.00 37.74 ? 63  ALA B CA  1 
ATOM   1172 C C   . ALA B 1 63 ? -2.877  1.008   -9.393  1.00 37.52 ? 63  ALA B C   1 
ATOM   1173 O O   . ALA B 1 63 ? -1.761  1.393   -9.049  1.00 39.25 ? 63  ALA B O   1 
ATOM   1174 C CB  . ALA B 1 63 ? -4.930  1.928   -8.366  1.00 42.99 ? 63  ALA B CB  1 
ATOM   1175 N N   . ASN B 1 64 ? -3.164  -0.266  -9.638  1.00 40.10 ? 64  ASN B N   1 
ATOM   1176 C CA  . ASN B 1 64 ? -2.201  -1.335  -9.390  1.00 44.29 ? 64  ASN B CA  1 
ATOM   1177 C C   . ASN B 1 64 ? -1.107  -1.444  -10.453 1.00 38.13 ? 64  ASN B C   1 
ATOM   1178 O O   . ASN B 1 64 ? -0.019  -1.950  -10.171 1.00 34.08 ? 64  ASN B O   1 
ATOM   1179 C CB  . ASN B 1 64 ? -2.926  -2.675  -9.249  1.00 38.30 ? 64  ASN B CB  1 
ATOM   1180 C CG  . ASN B 1 64 ? -3.750  -2.765  -7.973  1.00 37.71 ? 64  ASN B CG  1 
ATOM   1181 O OD1 . ASN B 1 64 ? -3.203  -2.833  -6.873  1.00 40.36 ? 64  ASN B OD1 1 
ATOM   1182 N ND2 . ASN B 1 64 ? -5.068  -2.773  -8.118  1.00 42.07 ? 64  ASN B ND2 1 
ATOM   1183 N N   . VAL B 1 65 ? -1.377  -0.973  -11.666 1.00 39.07 ? 65  VAL B N   1 
ATOM   1184 C CA  . VAL B 1 65 ? -0.355  -1.006  -12.709 1.00 36.70 ? 65  VAL B CA  1 
ATOM   1185 C C   . VAL B 1 65 ? 0.717   0.050   -12.448 1.00 38.44 ? 65  VAL B C   1 
ATOM   1186 O O   . VAL B 1 65 ? 1.908   -0.206  -12.627 1.00 38.67 ? 65  VAL B O   1 
ATOM   1187 C CB  . VAL B 1 65 ? -0.969  -0.786  -14.111 1.00 43.29 ? 65  VAL B CB  1 
ATOM   1188 C CG1 . VAL B 1 65 ? 0.119   -0.525  -15.145 1.00 47.44 ? 65  VAL B CG1 1 
ATOM   1189 C CG2 . VAL B 1 65 ? -1.804  -1.989  -14.516 1.00 41.80 ? 65  VAL B CG2 1 
ATOM   1190 N N   . VAL B 1 66 ? 0.293   1.222   -11.984 1.00 38.44 ? 66  VAL B N   1 
ATOM   1191 C CA  . VAL B 1 66 ? 1.225   2.299   -11.668 1.00 39.54 ? 66  VAL B CA  1 
ATOM   1192 C C   . VAL B 1 66 ? 1.904   2.052   -10.320 1.00 42.92 ? 66  VAL B C   1 
ATOM   1193 O O   . VAL B 1 66 ? 3.085   2.357   -10.151 1.00 45.95 ? 66  VAL B O   1 
ATOM   1194 C CB  . VAL B 1 66 ? 0.530   3.673   -11.658 1.00 37.12 ? 66  VAL B CB  1 
ATOM   1195 C CG1 . VAL B 1 66 ? 1.558   4.791   -11.538 1.00 41.19 ? 66  VAL B CG1 1 
ATOM   1196 C CG2 . VAL B 1 66 ? -0.307  3.857   -12.913 1.00 42.86 ? 66  VAL B CG2 1 
ATOM   1197 N N   . THR B 1 67 ? 1.157   1.497   -9.368  1.00 40.14 ? 67  THR B N   1 
ATOM   1198 C CA  . THR B 1 67 ? 1.705   1.206   -8.048  1.00 39.96 ? 67  THR B CA  1 
ATOM   1199 C C   . THR B 1 67 ? 2.815   0.172   -8.167  1.00 40.26 ? 67  THR B C   1 
ATOM   1200 O O   . THR B 1 67 ? 3.812   0.235   -7.451  1.00 39.85 ? 67  THR B O   1 
ATOM   1201 C CB  . THR B 1 67 ? 0.619   0.674   -7.083  1.00 46.03 ? 67  THR B CB  1 
ATOM   1202 O OG1 . THR B 1 67 ? -0.447  1.626   -6.982  1.00 52.33 ? 67  THR B OG1 1 
ATOM   1203 C CG2 . THR B 1 67 ? 1.193   0.406   -5.701  1.00 46.32 ? 67  THR B CG2 1 
ATOM   1204 N N   . LEU B 1 68 ? 2.651   -0.753  -9.105  1.00 41.40 ? 68  LEU B N   1 
ATOM   1205 C CA  . LEU B 1 68 ? 3.647   -1.789  -9.343  1.00 42.78 ? 68  LEU B CA  1 
ATOM   1206 C C   . LEU B 1 68 ? 4.981   -1.165  -9.722  1.00 43.69 ? 68  LEU B C   1 
ATOM   1207 O O   . LEU B 1 68 ? 6.036   -1.605  -9.268  1.00 41.82 ? 68  LEU B O   1 
ATOM   1208 C CB  . LEU B 1 68 ? 3.183   -2.744  -10.443 1.00 38.69 ? 68  LEU B CB  1 
ATOM   1209 C CG  . LEU B 1 68 ? 4.000   -4.031  -10.560 1.00 43.06 ? 68  LEU B CG  1 
ATOM   1210 C CD1 . LEU B 1 68 ? 4.044   -4.735  -9.219  1.00 37.57 ? 68  LEU B CD1 1 
ATOM   1211 C CD2 . LEU B 1 68 ? 3.423   -4.942  -11.625 1.00 36.34 ? 68  LEU B CD2 1 
ATOM   1212 N N   . PHE B 1 69 ? 4.915   -0.134  -10.558 1.00 38.11 ? 69  PHE B N   1 
ATOM   1213 C CA  . PHE B 1 69 ? 6.098   0.577   -11.012 1.00 37.76 ? 69  PHE B CA  1 
ATOM   1214 C C   . PHE B 1 69 ? 6.794   1.225   -9.827  1.00 41.40 ? 69  PHE B C   1 
ATOM   1215 O O   . PHE B 1 69 ? 7.988   1.020   -9.606  1.00 42.41 ? 69  PHE B O   1 
ATOM   1216 C CB  . PHE B 1 69 ? 5.723   1.635   -12.050 1.00 43.99 ? 69  PHE B CB  1 
ATOM   1217 C CG  . PHE B 1 69 ? 6.898   2.404   -12.581 1.00 39.74 ? 69  PHE B CG  1 
ATOM   1218 C CD1 . PHE B 1 69 ? 7.763   1.820   -13.493 1.00 36.78 ? 69  PHE B CD1 1 
ATOM   1219 C CD2 . PHE B 1 69 ? 7.144   3.702   -12.168 1.00 40.36 ? 69  PHE B CD2 1 
ATOM   1220 C CE1 . PHE B 1 69 ? 8.848   2.515   -13.984 1.00 40.87 ? 69  PHE B CE1 1 
ATOM   1221 C CE2 . PHE B 1 69 ? 8.230   4.404   -12.661 1.00 36.44 ? 69  PHE B CE2 1 
ATOM   1222 C CZ  . PHE B 1 69 ? 9.083   3.808   -13.570 1.00 37.92 ? 69  PHE B CZ  1 
ATOM   1223 N N   . PHE B 1 70 ? 6.033   2.018   -9.081  1.00 41.15 ? 70  PHE B N   1 
ATOM   1224 C CA  . PHE B 1 70 ? 6.533   2.705   -7.898  1.00 39.95 ? 70  PHE B CA  1 
ATOM   1225 C C   . PHE B 1 70 ? 7.131   1.747   -6.876  1.00 42.76 ? 70  PHE B C   1 
ATOM   1226 O O   . PHE B 1 70 ? 8.203   2.004   -6.327  1.00 42.54 ? 70  PHE B O   1 
ATOM   1227 C CB  . PHE B 1 70 ? 5.403   3.497   -7.236  1.00 36.44 ? 70  PHE B CB  1 
ATOM   1228 C CG  . PHE B 1 70 ? 5.185   4.863   -7.814  1.00 39.23 ? 70  PHE B CG  1 
ATOM   1229 C CD1 . PHE B 1 70 ? 6.150   5.845   -7.677  1.00 44.60 ? 70  PHE B CD1 1 
ATOM   1230 C CD2 . PHE B 1 70 ? 4.007   5.172   -8.473  1.00 36.77 ? 70  PHE B CD2 1 
ATOM   1231 C CE1 . PHE B 1 70 ? 5.949   7.110   -8.192  1.00 46.28 ? 70  PHE B CE1 1 
ATOM   1232 C CE2 . PHE B 1 70 ? 3.800   6.435   -8.993  1.00 37.39 ? 70  PHE B CE2 1 
ATOM   1233 C CZ  . PHE B 1 70 ? 4.771   7.406   -8.853  1.00 43.59 ? 70  PHE B CZ  1 
ATOM   1234 N N   . VAL B 1 71 ? 6.437   0.637   -6.635  1.00 42.86 ? 71  VAL B N   1 
ATOM   1235 C CA  . VAL B 1 71 ? 6.844   -0.313  -5.607  1.00 38.09 ? 71  VAL B CA  1 
ATOM   1236 C C   . VAL B 1 71 ? 8.088   -1.079  -6.033  1.00 43.46 ? 71  VAL B C   1 
ATOM   1237 O O   . VAL B 1 71 ? 8.908   -1.457  -5.196  1.00 39.97 ? 71  VAL B O   1 
ATOM   1238 C CB  . VAL B 1 71 ? 5.691   -1.306  -5.274  1.00 43.48 ? 71  VAL B CB  1 
ATOM   1239 C CG1 . VAL B 1 71 ? 6.174   -2.474  -4.428  1.00 39.43 ? 71  VAL B CG1 1 
ATOM   1240 C CG2 . VAL B 1 71 ? 4.548   -0.580  -4.579  1.00 41.86 ? 71  VAL B CG2 1 
ATOM   1241 N N   . THR B 1 72 ? 8.269   -1.239  -7.338  1.00 43.33 ? 72  THR B N   1 
ATOM   1242 C CA  . THR B 1 72 ? 9.400   -2.007  -7.841  1.00 39.23 ? 72  THR B CA  1 
ATOM   1243 C C   . THR B 1 72 ? 10.672  -1.180  -7.706  1.00 40.35 ? 72  THR B C   1 
ATOM   1244 O O   . THR B 1 72 ? 11.766  -1.726  -7.552  1.00 41.15 ? 72  THR B O   1 
ATOM   1245 C CB  . THR B 1 72 ? 9.195   -2.432  -9.314  1.00 44.56 ? 72  THR B CB  1 
ATOM   1246 O OG1 . THR B 1 72 ? 7.913   -3.056  -9.463  1.00 45.17 ? 72  THR B OG1 1 
ATOM   1247 C CG2 . THR B 1 72 ? 10.280  -3.407  -9.755  1.00 46.06 ? 72  THR B CG2 1 
ATOM   1248 N N   . ILE B 1 73 ? 10.523  0.142   -7.728  1.00 35.66 ? 73  ILE B N   1 
ATOM   1249 C CA  . ILE B 1 73 ? 11.677  1.021   -7.600  1.00 35.60 ? 73  ILE B CA  1 
ATOM   1250 C C   . ILE B 1 73 ? 12.144  1.053   -6.150  1.00 39.94 ? 73  ILE B C   1 
ATOM   1251 O O   . ILE B 1 73 ? 13.343  1.010   -5.875  1.00 42.32 ? 73  ILE B O   1 
ATOM   1252 C CB  . ILE B 1 73 ? 11.359  2.456   -8.067  1.00 32.56 ? 73  ILE B CB  1 
ATOM   1253 C CG1 . ILE B 1 73 ? 10.917  2.466   -9.532  1.00 35.41 ? 73  ILE B CG1 1 
ATOM   1254 C CG2 . ILE B 1 73 ? 12.552  3.373   -7.854  1.00 35.69 ? 73  ILE B CG2 1 
ATOM   1255 C CD1 . ILE B 1 73 ? 10.431  3.817   -10.008 1.00 33.83 ? 73  ILE B CD1 1 
ATOM   1256 N N   . ILE B 1 74 ? 11.193  1.090   -5.223  1.00 36.65 ? 74  ILE B N   1 
ATOM   1257 C CA  . ILE B 1 74 ? 11.525  1.116   -3.805  1.00 39.40 ? 74  ILE B CA  1 
ATOM   1258 C C   . ILE B 1 74 ? 12.044  -0.261  -3.414  1.00 39.82 ? 74  ILE B C   1 
ATOM   1259 O O   . ILE B 1 74 ? 13.006  -0.382  -2.655  1.00 36.57 ? 74  ILE B O   1 
ATOM   1260 C CB  . ILE B 1 74 ? 10.318  1.495   -2.923  1.00 39.57 ? 74  ILE B CB  1 
ATOM   1261 C CG1 . ILE B 1 74 ? 9.842   2.918   -3.235  1.00 39.11 ? 74  ILE B CG1 1 
ATOM   1262 C CG2 . ILE B 1 74 ? 10.667  1.351   -1.453  1.00 38.85 ? 74  ILE B CG2 1 
ATOM   1263 C CD1 . ILE B 1 74 ? 8.392   3.174   -2.866  1.00 26.94 ? 74  ILE B CD1 1 
ATOM   1264 N N   . LEU B 1 75 ? 11.408  -1.296  -3.955  1.00 38.55 ? 75  LEU B N   1 
ATOM   1265 C CA  . LEU B 1 75 ? 11.846  -2.668  -3.738  1.00 43.61 ? 75  LEU B CA  1 
ATOM   1266 C C   . LEU B 1 75 ? 13.266  -2.868  -4.245  1.00 43.40 ? 75  LEU B C   1 
ATOM   1267 O O   . LEU B 1 75 ? 14.090  -3.459  -3.550  1.00 49.42 ? 75  LEU B O   1 
ATOM   1268 C CB  . LEU B 1 75 ? 10.903  -3.652  -4.433  1.00 41.38 ? 75  LEU B CB  1 
ATOM   1269 C CG  . LEU B 1 75 ? 11.077  -5.142  -4.130  1.00 39.20 ? 75  LEU B CG  1 
ATOM   1270 C CD1 . LEU B 1 75 ? 11.493  -5.387  -2.681  1.00 42.54 ? 75  LEU B CD1 1 
ATOM   1271 C CD2 . LEU B 1 75 ? 9.806   -5.912  -4.467  1.00 49.73 ? 75  LEU B CD2 1 
ATOM   1272 N N   . TYR B 1 76 ? 13.548  -2.377  -5.450  1.00 42.62 ? 76  TYR B N   1 
ATOM   1273 C CA  . TYR B 1 76 ? 14.889  -2.503  -6.014  1.00 44.19 ? 76  TYR B CA  1 
ATOM   1274 C C   . TYR B 1 76 ? 15.940  -1.895  -5.097  1.00 45.01 ? 76  TYR B C   1 
ATOM   1275 O O   . TYR B 1 76 ? 16.936  -2.538  -4.775  1.00 46.18 ? 76  TYR B O   1 
ATOM   1276 C CB  . TYR B 1 76 ? 14.987  -1.843  -7.397  1.00 46.90 ? 76  TYR B CB  1 
ATOM   1277 C CG  . TYR B 1 76 ? 16.386  -1.930  -7.976  1.00 43.66 ? 76  TYR B CG  1 
ATOM   1278 C CD1 . TYR B 1 76 ? 16.779  -3.034  -8.720  1.00 46.04 ? 76  TYR B CD1 1 
ATOM   1279 C CD2 . TYR B 1 76 ? 17.320  -0.924  -7.758  1.00 42.74 ? 76  TYR B CD2 1 
ATOM   1280 C CE1 . TYR B 1 76 ? 18.056  -3.129  -9.239  1.00 46.96 ? 76  TYR B CE1 1 
ATOM   1281 C CE2 . TYR B 1 76 ? 18.601  -1.015  -8.271  1.00 50.84 ? 76  TYR B CE2 1 
ATOM   1282 C CZ  . TYR B 1 76 ? 18.963  -2.118  -9.010  1.00 48.84 ? 76  TYR B CZ  1 
ATOM   1283 O OH  . TYR B 1 76 ? 20.235  -2.210  -9.526  1.00 53.61 ? 76  TYR B OH  1 
ATOM   1284 N N   . TYR B 1 77 ? 15.712  -0.652  -4.689  1.00 43.97 ? 77  TYR B N   1 
ATOM   1285 C CA  . TYR B 1 77 ? 16.651  0.063   -3.830  1.00 43.08 ? 77  TYR B CA  1 
ATOM   1286 C C   . TYR B 1 77 ? 16.902  -0.667  -2.518  1.00 41.72 ? 77  TYR B C   1 
ATOM   1287 O O   . TYR B 1 77 ? 18.040  -0.762  -2.059  1.00 37.50 ? 77  TYR B O   1 
ATOM   1288 C CB  . TYR B 1 77 ? 16.148  1.473   -3.549  1.00 42.82 ? 77  TYR B CB  1 
ATOM   1289 C CG  . TYR B 1 77 ? 16.544  2.484   -4.604  1.00 43.52 ? 77  TYR B CG  1 
ATOM   1290 C CD1 . TYR B 1 77 ? 17.824  3.019   -4.629  1.00 46.42 ? 77  TYR B CD1 1 
ATOM   1291 C CD2 . TYR B 1 77 ? 15.640  2.912   -5.564  1.00 40.54 ? 77  TYR B CD2 1 
ATOM   1292 C CE1 . TYR B 1 77 ? 18.195  3.942   -5.585  1.00 37.48 ? 77  TYR B CE1 1 
ATOM   1293 C CE2 . TYR B 1 77 ? 16.003  3.834   -6.525  1.00 37.44 ? 77  TYR B CE2 1 
ATOM   1294 C CZ  . TYR B 1 77 ? 17.281  4.345   -6.530  1.00 35.64 ? 77  TYR B CZ  1 
ATOM   1295 O OH  . TYR B 1 77 ? 17.643  5.267   -7.484  1.00 39.07 ? 77  TYR B OH  1 
ATOM   1296 N N   . LYS B 1 78 ? 15.831  -1.165  -1.911  1.00 47.32 ? 78  LYS B N   1 
ATOM   1297 C CA  . LYS B 1 78 ? 15.930  -1.885  -0.651  1.00 40.33 ? 78  LYS B CA  1 
ATOM   1298 C C   . LYS B 1 78 ? 16.735  -3.173  -0.835  1.00 43.39 ? 78  LYS B C   1 
ATOM   1299 O O   . LYS B 1 78 ? 17.506  -3.569  0.040   1.00 44.59 ? 78  LYS B O   1 
ATOM   1300 C CB  . LYS B 1 78 ? 14.524  -2.182  -0.113  1.00 41.78 ? 78  LYS B CB  1 
ATOM   1301 C CG  . LYS B 1 78 ? 14.432  -3.262  0.960   1.00 40.44 ? 78  LYS B CG  1 
ATOM   1302 C CD  . LYS B 1 78 ? 15.441  -3.043  2.076   1.00 43.19 ? 78  LYS B CD  1 
ATOM   1303 C CE  . LYS B 1 78 ? 14.801  -2.749  3.383   1.00 50.86 ? 78  LYS B CE  1 
ATOM   1304 N NZ  . LYS B 1 78 ? 15.759  -2.997  4.496   1.00 40.85 ? 78  LYS B NZ  1 
ATOM   1305 N N   . LEU B 1 79 ? 16.616  -3.783  -2.006  1.00 41.80 ? 79  LEU B N   1 
ATOM   1306 C CA  . LEU B 1 79 ? 17.232  -5.083  -2.231  1.00 48.41 ? 79  LEU B CA  1 
ATOM   1307 C C   . LEU B 1 79 ? 18.743  -4.988  -2.426  1.00 45.52 ? 79  LEU B C   1 
ATOM   1308 O O   . LEU B 1 79 ? 19.468  -5.946  -2.151  1.00 47.42 ? 79  LEU B O   1 
ATOM   1309 C CB  . LEU B 1 79 ? 16.566  -5.764  -3.430  1.00 46.30 ? 79  LEU B CB  1 
ATOM   1310 C CG  . LEU B 1 79 ? 15.719  -6.995  -3.079  1.00 47.23 ? 79  LEU B CG  1 
ATOM   1311 C CD1 . LEU B 1 79 ? 14.813  -6.728  -1.884  1.00 48.66 ? 79  LEU B CD1 1 
ATOM   1312 C CD2 . LEU B 1 79 ? 14.918  -7.508  -4.278  1.00 51.55 ? 79  LEU B CD2 1 
ATOM   1313 N N   . THR B 1 80 ? 19.213  -3.827  -2.876  1.00 47.86 ? 80  THR B N   1 
ATOM   1314 C CA  . THR B 1 80 ? 20.633  -3.608  -3.146  1.00 45.68 ? 80  THR B CA  1 
ATOM   1315 C C   . THR B 1 80 ? 21.319  -2.885  -1.979  1.00 49.59 ? 80  THR B C   1 
ATOM   1316 O O   . THR B 1 80 ? 21.265  -1.659  -1.887  1.00 55.03 ? 80  THR B O   1 
ATOM   1317 C CB  . THR B 1 80 ? 20.831  -2.801  -4.439  1.00 51.15 ? 80  THR B CB  1 
ATOM   1318 O OG1 . THR B 1 80 ? 20.192  -1.523  -4.305  1.00 49.89 ? 80  THR B OG1 1 
ATOM   1319 C CG2 . THR B 1 80 ? 20.210  -3.539  -5.618  1.00 52.78 ? 80  THR B CG2 1 
ATOM   1320 N N   . GLU B 1 81 ? 21.962  -3.667  -1.111  1.00 66.23 ? 81  GLU B N   1 
ATOM   1321 C CA  . GLU B 1 81 ? 22.731  -3.202  0.058   1.00 61.04 ? 81  GLU B CA  1 
ATOM   1322 C C   . GLU B 1 81 ? 21.986  -2.151  0.899   1.00 58.82 ? 81  GLU B C   1 
ATOM   1323 O O   . GLU B 1 81 ? 22.544  -1.123  1.284   1.00 55.51 ? 81  GLU B O   1 
ATOM   1324 C CB  . GLU B 1 81 ? 24.134  -2.692  -0.355  1.00 63.34 ? 81  GLU B CB  1 
ATOM   1325 C CG  . GLU B 1 81 ? 24.253  -1.374  -1.133  1.00 65.07 ? 81  GLU B CG  1 
ATOM   1326 C CD  . GLU B 1 81 ? 25.686  -0.856  -1.165  1.00 67.67 ? 81  GLU B CD  1 
ATOM   1327 O OE1 . GLU B 1 81 ? 25.924  0.306   -0.769  1.00 73.89 ? 81  GLU B OE1 1 
ATOM   1328 O OE2 . GLU B 1 81 ? 26.583  -1.618  -1.584  1.00 81.60 ? 81  GLU B OE2 1 
ATOM   1329 N N   . GLY B 1 82 ? 20.729  -2.448  1.218   1.00 58.73 ? 82  GLY B N   1 
ATOM   1330 C CA  . GLY B 1 82 ? 19.930  -1.586  2.073   1.00 51.41 ? 82  GLY B CA  1 
ATOM   1331 C C   . GLY B 1 82 ? 19.092  -2.347  3.084   1.00 50.54 ? 82  GLY B C   1 
ATOM   1332 O O   . GLY B 1 82 ? 18.516  -1.760  4.002   1.00 45.11 ? 82  GLY B O   1 
HETATM 1333 C C18 . OLC C 2 .  ? 14.752  16.823  -5.844  1.00 30.23 ? 101 OLC A C18 1 
HETATM 1334 C C10 . OLC C 2 .  ? 12.178  19.776  -0.009  1.00 38.44 ? 101 OLC A C10 1 
HETATM 1335 C C9  . OLC C 2 .  ? 12.435  18.956  1.030   1.00 35.42 ? 101 OLC A C9  1 
HETATM 1336 C C17 . OLC C 2 .  ? 15.081  17.659  -4.628  1.00 38.04 ? 101 OLC A C17 1 
HETATM 1337 C C11 . OLC C 2 .  ? 12.675  19.423  -1.393  1.00 35.98 ? 101 OLC A C11 1 
HETATM 1338 C C8  . OLC C 2 .  ? 11.357  18.018  1.521   1.00 34.76 ? 101 OLC A C8  1 
HETATM 1339 C C24 . OLC C 2 .  ? 8.702   12.913  4.782   1.00 37.86 ? 101 OLC A C24 1 
HETATM 1340 C C16 . OLC C 2 .  ? 15.971  18.815  -5.028  1.00 39.96 ? 101 OLC A C16 1 
HETATM 1341 C C12 . OLC C 2 .  ? 12.728  20.670  -2.247  1.00 38.66 ? 101 OLC A C12 1 
HETATM 1342 C C7  . OLC C 2 .  ? 10.094  18.811  1.778   1.00 36.25 ? 101 OLC A C7  1 
HETATM 1343 C C15 . OLC C 2 .  ? 15.433  20.097  -4.427  1.00 46.86 ? 101 OLC A C15 1 
HETATM 1344 C C13 . OLC C 2 .  ? 14.171  21.040  -2.516  1.00 39.23 ? 101 OLC A C13 1 
HETATM 1345 C C6  . OLC C 2 .  ? 8.886   17.917  1.601   1.00 35.53 ? 101 OLC A C6  1 
HETATM 1346 C C14 . OLC C 2 .  ? 14.913  19.826  -3.031  1.00 39.20 ? 101 OLC A C14 1 
HETATM 1347 C C5  . OLC C 2 .  ? 8.387   18.003  0.175   1.00 26.10 ? 101 OLC A C5  1 
HETATM 1348 C C4  . OLC C 2 .  ? 8.821   16.784  -0.606  1.00 38.52 ? 101 OLC A C4  1 
HETATM 1349 C C3  . OLC C 2 .  ? 7.806   15.677  -0.427  1.00 37.73 ? 101 OLC A C3  1 
HETATM 1350 C C2  . OLC C 2 .  ? 8.525   14.349  -0.458  1.00 38.87 ? 101 OLC A C2  1 
HETATM 1351 C C21 . OLC C 2 .  ? 9.698   14.351  3.067   1.00 50.33 ? 101 OLC A C21 1 
HETATM 1352 C C1  . OLC C 2 .  ? 9.468   14.273  0.724   1.00 52.33 ? 101 OLC A C1  1 
HETATM 1353 C C22 . OLC C 2 .  ? 8.661   14.289  4.163   1.00 41.24 ? 101 OLC A C22 1 
HETATM 1354 O O19 . OLC C 2 .  ? 10.357  13.443  0.729   1.00 51.42 ? 101 OLC A O19 1 
HETATM 1355 O O25 . OLC C 2 .  ? 7.783   12.092  4.096   1.00 38.38 ? 101 OLC A O25 1 
HETATM 1356 O O23 . OLC C 2 .  ? 8.951   15.258  5.141   1.00 46.76 ? 101 OLC A O23 1 
HETATM 1357 O O20 . OLC C 2 .  ? 9.121   14.927  1.919   1.00 53.85 ? 101 OLC A O20 1 
HETATM 1358 C C18 . OLC D 2 .  ? -12.628 -2.373  13.176  1.00 46.33 ? 102 OLC A C18 1 
HETATM 1359 C C10 . OLC D 2 .  ? -7.428  4.536   13.868  1.00 55.52 ? 102 OLC A C10 1 
HETATM 1360 C C9  . OLC D 2 .  ? -6.855  3.331   14.072  1.00 53.83 ? 102 OLC A C9  1 
HETATM 1361 C C17 . OLC D 2 .  ? -12.393 -0.947  12.728  1.00 53.63 ? 102 OLC A C17 1 
HETATM 1362 C C11 . OLC D 2 .  ? -8.443  4.729   12.763  1.00 45.23 ? 102 OLC A C11 1 
HETATM 1363 C C8  . OLC D 2 .  ? -6.536  2.888   15.483  1.00 50.49 ? 102 OLC A C8  1 
HETATM 1364 C C24 . OLC D 2 .  ? 3.834   3.637   21.596  1.00 54.16 ? 102 OLC A C24 1 
HETATM 1365 C C16 . OLC D 2 .  ? -10.925 -0.743  12.424  1.00 48.29 ? 102 OLC A C16 1 
HETATM 1366 C C12 . OLC D 2 .  ? -8.523  3.463   11.938  1.00 56.21 ? 102 OLC A C12 1 
HETATM 1367 C C7  . OLC D 2 .  ? -5.262  2.070   15.516  1.00 50.67 ? 102 OLC A C7  1 
HETATM 1368 C C15 . OLC D 2 .  ? -10.755 0.528   11.622  1.00 47.45 ? 102 OLC A C15 1 
HETATM 1369 C C13 . OLC D 2 .  ? -9.660  2.592   12.423  1.00 52.87 ? 102 OLC A C13 1 
HETATM 1370 C C6  . OLC D 2 .  ? -5.008  1.641   16.946  1.00 56.28 ? 102 OLC A C6  1 
HETATM 1371 C C14 . OLC D 2 .  ? -9.428  1.169   11.960  1.00 50.36 ? 102 OLC A C14 1 
HETATM 1372 C C5  . OLC D 2 .  ? -3.597  1.118   17.106  1.00 51.35 ? 102 OLC A C5  1 
HETATM 1373 C C4  . OLC D 2 .  ? -3.382  0.718   18.550  1.00 50.37 ? 102 OLC A C4  1 
HETATM 1374 C C3  . OLC D 2 .  ? -1.904  0.734   18.872  1.00 52.51 ? 102 OLC A C3  1 
HETATM 1375 C C2  . OLC D 2 .  ? -1.352  2.125   18.647  1.00 45.74 ? 102 OLC A C2  1 
HETATM 1376 C C21 . OLC D 2 .  ? 1.996   2.808   20.169  1.00 53.60 ? 102 OLC A C21 1 
HETATM 1377 C C1  . OLC D 2 .  ? 0.144   2.122   18.870  1.00 47.95 ? 102 OLC A C1  1 
HETATM 1378 C C22 . OLC D 2 .  ? 2.467   2.990   21.597  1.00 57.28 ? 102 OLC A C22 1 
HETATM 1379 O O19 . OLC D 2 .  ? 0.891   2.123   17.913  1.00 52.62 ? 102 OLC A O19 1 
HETATM 1380 O O25 . OLC D 2 .  ? 4.214   3.921   22.924  1.00 58.03 ? 102 OLC A O25 1 
HETATM 1381 O O23 . OLC D 2 .  ? 1.568   3.812   22.304  1.00 52.68 ? 102 OLC A O23 1 
HETATM 1382 O O20 . OLC D 2 .  ? 0.664   2.344   20.157  1.00 56.71 ? 102 OLC A O20 1 
HETATM 1383 C C18 . OLC E 2 .  ? -13.211 2.445   13.976  1.00 43.10 ? 103 OLC A C18 1 
HETATM 1384 C C10 . OLC E 2 .  ? -6.631  6.529   18.152  1.00 54.55 ? 103 OLC A C10 1 
HETATM 1385 C C9  . OLC E 2 .  ? -5.588  7.269   17.726  1.00 51.50 ? 103 OLC A C9  1 
HETATM 1386 C C17 . OLC E 2 .  ? -13.242 3.542   15.016  1.00 47.16 ? 103 OLC A C17 1 
HETATM 1387 C C11 . OLC E 2 .  ? -7.224  5.453   17.267  1.00 51.21 ? 103 OLC A C11 1 
HETATM 1388 C C8  . OLC E 2 .  ? -5.785  8.743   17.437  1.00 51.08 ? 103 OLC A C8  1 
HETATM 1389 C C24 . OLC E 2 .  ? 4.617   15.325  16.705  1.00 59.60 ? 103 OLC A C24 1 
HETATM 1390 C C16 . OLC E 2 .  ? -12.412 3.126   16.211  1.00 49.98 ? 103 OLC A C16 1 
HETATM 1391 C C12 . OLC E 2 .  ? -8.372  4.776   17.987  1.00 53.74 ? 103 OLC A C12 1 
HETATM 1392 C C7  . OLC E 2 .  ? -4.581  9.533   17.904  1.00 49.64 ? 103 OLC A C7  1 
HETATM 1393 C C15 . OLC E 2 .  ? -11.982 4.355   16.985  1.00 56.58 ? 103 OLC A C15 1 
HETATM 1394 C C13 . OLC E 2 .  ? -9.508  4.519   17.017  1.00 54.26 ? 103 OLC A C13 1 
HETATM 1395 C C6  . OLC E 2 .  ? -3.401  9.272   16.991  1.00 57.09 ? 103 OLC A C6  1 
HETATM 1396 C C14 . OLC E 2 .  ? -10.729 4.048   17.780  1.00 54.62 ? 103 OLC A C14 1 
HETATM 1397 C C5  . OLC E 2 .  ? -2.663  10.572  16.748  1.00 53.86 ? 103 OLC A C5  1 
HETATM 1398 C C4  . OLC E 2 .  ? -1.278  10.297  16.202  1.00 44.62 ? 103 OLC A C4  1 
HETATM 1399 C C3  . OLC E 2 .  ? -0.248  10.944  17.102  1.00 46.34 ? 103 OLC A C3  1 
HETATM 1400 C C2  . OLC E 2 .  ? -0.537  12.423  17.225  1.00 57.50 ? 103 OLC A C2  1 
HETATM 1401 C C21 . OLC E 2 .  ? 2.566   14.073  17.263  1.00 53.77 ? 103 OLC A C21 1 
HETATM 1402 C C1  . OLC E 2 .  ? 0.556   13.094  18.027  1.00 57.44 ? 103 OLC A C1  1 
HETATM 1403 C C22 . OLC E 2 .  ? 3.111   15.312  16.586  1.00 56.58 ? 103 OLC A C22 1 
HETATM 1404 O O19 . OLC E 2 .  ? 1.089   12.493  18.941  1.00 49.63 ? 103 OLC A O19 1 
HETATM 1405 O O25 . OLC E 2 .  ? 5.142   16.301  15.835  1.00 57.99 ? 103 OLC A O25 1 
HETATM 1406 O O23 . OLC E 2 .  ? 2.750   15.321  15.224  1.00 52.68 ? 103 OLC A O23 1 
HETATM 1407 O O20 . OLC E 2 .  ? 1.184   14.227  17.480  1.00 54.29 ? 103 OLC A O20 1 
HETATM 1408 C C4  . MYS F 3 .  ? -4.301  -17.255 5.088   1.00 52.50 ? 104 MYS A C4  1 
HETATM 1409 C C5  . MYS F 3 .  ? -5.634  -16.578 5.311   1.00 55.18 ? 104 MYS A C5  1 
HETATM 1410 C C6  . MYS F 3 .  ? -5.837  -15.479 4.290   1.00 50.54 ? 104 MYS A C6  1 
HETATM 1411 C C7  . MYS F 3 .  ? -5.858  -16.064 2.894   1.00 49.02 ? 104 MYS A C7  1 
HETATM 1412 C C8  . MYS F 3 .  ? -6.794  -17.250 2.875   1.00 41.54 ? 104 MYS A C8  1 
HETATM 1413 C C9  . MYS F 3 .  ? -7.767  -17.116 1.727   1.00 47.72 ? 104 MYS A C9  1 
HETATM 1414 C C10 . MYS F 3 .  ? -8.931  -18.050 1.965   1.00 43.01 ? 104 MYS A C10 1 
HETATM 1415 C C11 . MYS F 3 .  ? -10.197 -17.396 1.462   1.00 28.96 ? 104 MYS A C11 1 
HETATM 1416 C C12 . MYS F 3 .  ? -10.602 -18.034 0.153   1.00 34.69 ? 104 MYS A C12 1 
HETATM 1417 C C13 . MYS F 3 .  ? -11.993 -18.614 0.285   1.00 32.94 ? 104 MYS A C13 1 
HETATM 1418 C C14 . MYS F 3 .  ? -13.006 -17.637 -0.270  1.00 41.23 ? 104 MYS A C14 1 
HETATM 1419 C C15 . MYS F 3 .  ? -14.238 -18.400 -0.704  1.00 35.77 ? 104 MYS A C15 1 
HETATM 1420 C C2  . MYS G 3 .  ? -12.748 8.500   8.371   1.00 47.65 ? 105 MYS A C2  1 
HETATM 1421 C C3  . MYS G 3 .  ? -13.877 7.598   7.923   1.00 50.80 ? 105 MYS A C3  1 
HETATM 1422 C C4  . MYS G 3 .  ? -15.178 8.372   7.952   1.00 52.50 ? 105 MYS A C4  1 
HETATM 1423 C C5  . MYS G 3 .  ? -16.345 7.418   7.835   1.00 55.18 ? 105 MYS A C5  1 
HETATM 1424 C C6  . MYS G 3 .  ? -16.579 7.070   6.380   1.00 50.54 ? 105 MYS A C6  1 
HETATM 1425 C C7  . MYS G 3 .  ? -17.893 6.327   6.259   1.00 49.02 ? 105 MYS A C7  1 
HETATM 1426 C C8  . MYS G 3 .  ? -18.190 6.057   4.802   1.00 41.54 ? 105 MYS A C8  1 
HETATM 1427 C C9  . MYS G 3 .  ? -19.533 5.371   4.661   1.00 47.72 ? 105 MYS A C9  1 
HETATM 1428 C C10 . MYS G 3 .  ? -19.480 4.406   3.496   1.00 43.01 ? 105 MYS A C10 1 
HETATM 1429 C C11 . MYS G 3 .  ? -20.707 4.570   2.624   1.00 28.96 ? 105 MYS A C11 1 
HETATM 1430 C C12 . MYS G 3 .  ? -20.557 5.798   1.751   1.00 34.69 ? 105 MYS A C12 1 
HETATM 1431 C C2  . MYS H 3 .  ? -9.794  -17.733 14.478  1.00 47.65 ? 106 MYS A C2  1 
HETATM 1432 C C3  . MYS H 3 .  ? -9.746  -16.261 14.135  1.00 50.80 ? 106 MYS A C3  1 
HETATM 1433 C C4  . MYS H 3 .  ? -10.955 -15.899 13.302  1.00 52.50 ? 106 MYS A C4  1 
HETATM 1434 C C5  . MYS H 3 .  ? -10.605 -15.988 11.833  1.00 55.18 ? 106 MYS A C5  1 
HETATM 1435 C C6  . MYS H 3 .  ? -10.605 -17.435 11.389  1.00 50.54 ? 106 MYS A C6  1 
HETATM 1436 C C7  . MYS H 3 .  ? -11.414 -17.555 10.118  1.00 49.02 ? 106 MYS A C7  1 
HETATM 1437 C C8  . MYS H 3 .  ? -12.867 -17.275 10.437  1.00 41.54 ? 106 MYS A C8  1 
HETATM 1438 C C9  . MYS H 3 .  ? -13.496 -16.486 9.312   1.00 47.72 ? 106 MYS A C9  1 
HETATM 1439 C C10 . MYS H 3 .  ? -14.539 -17.342 8.630   1.00 43.01 ? 106 MYS A C10 1 
HETATM 1440 C C11 . MYS H 3 .  ? -15.526 -16.449 7.915   1.00 28.96 ? 106 MYS A C11 1 
HETATM 1441 C C12 . MYS H 3 .  ? -16.931 -16.893 8.265   1.00 34.69 ? 106 MYS A C12 1 
HETATM 1442 C C18 . OLC I 2 .  ? 15.357  -13.393 17.946  1.00 40.47 ? 101 OLC B C18 1 
HETATM 1443 C C10 . OLC I 2 .  ? 13.104  -12.691 13.868  1.00 40.17 ? 101 OLC B C10 1 
HETATM 1444 C C9  . OLC I 2 .  ? 14.057  -11.802 13.521  1.00 42.33 ? 101 OLC B C9  1 
HETATM 1445 C C17 . OLC I 2 .  ? 16.801  -13.424 17.492  1.00 48.88 ? 101 OLC B C17 1 
HETATM 1446 C C11 . OLC I 2 .  ? 13.499  -14.078 14.332  1.00 46.21 ? 101 OLC B C11 1 
HETATM 1447 C C8  . OLC I 2 .  ? 14.028  -11.166 12.150  1.00 36.36 ? 101 OLC B C8  1 
HETATM 1448 C C24 . OLC I 2 .  ? 12.769  -6.487  6.622   1.00 40.26 ? 101 OLC B C24 1 
HETATM 1449 C C16 . OLC I 2 .  ? 16.862  -13.783 16.023  1.00 40.48 ? 101 OLC B C16 1 
HETATM 1450 C C12 . OLC I 2 .  ? 14.275  -14.772 13.233  1.00 43.91 ? 101 OLC B C12 1 
HETATM 1451 C C7  . OLC I 2 .  ? 13.710  -12.231 11.123  1.00 37.91 ? 101 OLC B C7  1 
HETATM 1452 C C15 . OLC I 2 .  ? 16.086  -15.061 15.795  1.00 44.79 ? 101 OLC B C15 1 
HETATM 1453 C C13 . OLC I 2 .  ? 15.009  -15.981 13.773  1.00 42.59 ? 101 OLC B C13 1 
HETATM 1454 C C6  . OLC I 2 .  ? 12.978  -11.609 9.954   1.00 40.89 ? 101 OLC B C6  1 
HETATM 1455 C C14 . OLC I 2 .  ? 16.326  -15.558 14.387  1.00 48.74 ? 101 OLC B C14 1 
HETATM 1456 C C5  . OLC I 2 .  ? 11.589  -12.199 9.831   1.00 36.17 ? 101 OLC B C5  1 
HETATM 1457 C C4  . OLC I 2 .  ? 10.630  -11.463 10.742  1.00 44.01 ? 101 OLC B C4  1 
HETATM 1458 C C3  . OLC I 2 .  ? 10.052  -10.272 10.008  1.00 39.08 ? 101 OLC B C3  1 
HETATM 1459 C C2  . OLC I 2 .  ? 10.295  -9.008  10.802  1.00 41.32 ? 101 OLC B C2  1 
HETATM 1460 C C21 . OLC I 2 .  ? 13.122  -7.807  8.654   1.00 47.72 ? 101 OLC B C21 1 
HETATM 1461 C C1  . OLC I 2 .  ? 11.331  -8.152  10.106  1.00 49.01 ? 101 OLC B C1  1 
HETATM 1462 C C22 . OLC I 2 .  ? 13.224  -7.829  7.150   1.00 49.24 ? 101 OLC B C22 1 
HETATM 1463 O O19 . OLC I 2 .  ? 11.623  -7.064  10.564  1.00 45.51 ? 101 OLC B O19 1 
HETATM 1464 O O25 . OLC I 2 .  ? 13.886  -5.684  6.322   1.00 41.74 ? 101 OLC B O25 1 
HETATM 1465 O O23 . OLC I 2 .  ? 14.552  -8.090  6.766   1.00 55.77 ? 101 OLC B O23 1 
HETATM 1466 O O20 . OLC I 2 .  ? 12.102  -8.685  9.061   1.00 47.00 ? 101 OLC B O20 1 
HETATM 1467 C C2  . MYS J 3 .  ? 3.783   -9.771  -12.630 1.00 47.65 ? 102 MYS B C2  1 
HETATM 1468 C C3  . MYS J 3 .  ? 3.269   -10.979 -13.383 1.00 50.80 ? 102 MYS B C3  1 
HETATM 1469 C C4  . MYS J 3 .  ? 1.767   -11.072 -13.228 1.00 52.50 ? 102 MYS B C4  1 
HETATM 1470 C C5  . MYS J 3 .  ? 1.082   -10.595 -14.489 1.00 55.18 ? 102 MYS B C5  1 
HETATM 1471 C C6  . MYS J 3 .  ? 0.383   -11.769 -15.140 1.00 50.54 ? 102 MYS B C6  1 
HETATM 1472 C C7  . MYS J 3 .  ? -1.039  -11.384 -15.483 1.00 49.02 ? 102 MYS B C7  1 
HETATM 1473 C C8  . MYS J 3 .  ? -1.290  -11.663 -16.948 1.00 41.54 ? 102 MYS B C8  1 
HETATM 1474 C C9  . MYS J 3 .  ? -2.746  -11.400 -17.262 1.00 47.72 ? 102 MYS B C9  1 
HETATM 1475 C C10 . MYS J 3 .  ? -3.608  -12.344 -16.453 1.00 43.01 ? 102 MYS B C10 1 
HETATM 1476 C C11 . MYS J 3 .  ? -4.639  -11.557 -15.674 1.00 28.96 ? 102 MYS B C11 1 
HETATM 1477 C C12 . MYS J 3 .  ? -5.987  -12.233 -15.801 1.00 34.69 ? 102 MYS B C12 1 
HETATM 1478 C C13 . MYS J 3 .  ? -5.842  -13.703 -15.476 1.00 32.94 ? 102 MYS B C13 1 
HETATM 1479 O O   . HOH K 4 .  ? 21.979  5.150   8.675   1.00 42.57 ? 201 HOH A O   1 
HETATM 1480 O O   . HOH K 4 .  ? -17.784 -9.142  -3.526  1.00 35.42 ? 202 HOH A O   1 
HETATM 1481 O O   . HOH K 4 .  ? 15.791  8.480   5.084   1.00 36.95 ? 203 HOH A O   1 
HETATM 1482 O O   . HOH K 4 .  ? -15.133 -10.572 -5.598  1.00 41.91 ? 204 HOH A O   1 
HETATM 1483 O O   . HOH K 4 .  ? 1.163   7.324   23.248  1.00 41.91 ? 205 HOH A O   1 
HETATM 1484 O O   . HOH K 4 .  ? 12.440  13.645  -0.017  1.00 41.91 ? 206 HOH A O   1 
HETATM 1485 O O   . HOH L 4 .  ? 20.252  2.394   3.943   1.00 43.73 ? 201 HOH B O   1 
HETATM 1486 O O   . HOH L 4 .  ? -14.628 0.177   -13.650 1.00 40.93 ? 202 HOH B O   1 
HETATM 1487 O O   . HOH L 4 .  ? 11.527  -6.784  12.826  1.00 38.85 ? 203 HOH B O   1 
HETATM 1488 O O   . HOH L 4 .  ? 28.273  -0.995  -3.731  1.00 41.91 ? 204 HOH B O   1 
HETATM 1489 O O   . HOH L 4 .  ? -22.510 3.039   -14.157 1.00 41.91 ? 205 HOH B O   1 
HETATM 1490 O O   . HOH L 4 .  ? 11.426  0.670   10.697  1.00 41.91 ? 206 HOH B O   1 
HETATM 1491 O O   . HOH L 4 .  ? 19.881  2.823   0.243   1.00 41.91 ? 207 HOH B O   1 
HETATM 1492 O O   . HOH L 4 .  ? -22.603 2.917   -11.657 1.00 41.91 ? 208 HOH B O   1 
# 
